data_1OR5
# 
_entry.id   1OR5 
# 
_audit_conform.dict_name       mmcif_pdbx.dic 
_audit_conform.dict_version    5.392 
_audit_conform.dict_location   http://mmcif.pdb.org/dictionaries/ascii/mmcif_pdbx.dic 
# 
loop_
_database_2.database_id 
_database_2.database_code 
_database_2.pdbx_database_accession 
_database_2.pdbx_DOI 
PDB   1OR5         pdb_00001or5 10.2210/pdb1or5/pdb 
RCSB  RCSB018586   ?            ?                   
WWPDB D_1000018586 ?            ?                   
# 
loop_
_pdbx_audit_revision_history.ordinal 
_pdbx_audit_revision_history.data_content_type 
_pdbx_audit_revision_history.major_revision 
_pdbx_audit_revision_history.minor_revision 
_pdbx_audit_revision_history.revision_date 
1 'Structure model' 1 0 2003-07-01 
2 'Structure model' 1 1 2008-04-29 
3 'Structure model' 1 2 2011-07-13 
4 'Structure model' 1 3 2022-02-23 
5 'Structure model' 1 4 2024-05-22 
# 
_pdbx_audit_revision_details.ordinal             1 
_pdbx_audit_revision_details.revision_ordinal    1 
_pdbx_audit_revision_details.data_content_type   'Structure model' 
_pdbx_audit_revision_details.provider            repository 
_pdbx_audit_revision_details.type                'Initial release' 
_pdbx_audit_revision_details.description         ? 
_pdbx_audit_revision_details.details             ? 
# 
loop_
_pdbx_audit_revision_group.ordinal 
_pdbx_audit_revision_group.revision_ordinal 
_pdbx_audit_revision_group.data_content_type 
_pdbx_audit_revision_group.group 
1 2 'Structure model' 'Version format compliance' 
2 3 'Structure model' 'Version format compliance' 
3 4 'Structure model' 'Data collection'           
4 4 'Structure model' 'Database references'       
5 4 'Structure model' 'Derived calculations'      
6 5 'Structure model' 'Data collection'           
# 
loop_
_pdbx_audit_revision_category.ordinal 
_pdbx_audit_revision_category.revision_ordinal 
_pdbx_audit_revision_category.data_content_type 
_pdbx_audit_revision_category.category 
1 4 'Structure model' database_2            
2 4 'Structure model' pdbx_nmr_software     
3 4 'Structure model' pdbx_struct_assembly  
4 4 'Structure model' pdbx_struct_oper_list 
5 5 'Structure model' chem_comp_atom        
6 5 'Structure model' chem_comp_bond        
# 
loop_
_pdbx_audit_revision_item.ordinal 
_pdbx_audit_revision_item.revision_ordinal 
_pdbx_audit_revision_item.data_content_type 
_pdbx_audit_revision_item.item 
1 4 'Structure model' '_database_2.pdbx_DOI'                
2 4 'Structure model' '_database_2.pdbx_database_accession' 
3 4 'Structure model' '_pdbx_nmr_software.name'             
# 
_pdbx_database_status.status_code                     REL 
_pdbx_database_status.entry_id                        1OR5 
_pdbx_database_status.recvd_initial_deposition_date   2003-03-11 
_pdbx_database_status.deposit_site                    RCSB 
_pdbx_database_status.process_site                    RCSB 
_pdbx_database_status.status_code_mr                  REL 
_pdbx_database_status.status_code_sf                  ? 
_pdbx_database_status.SG_entry                        ? 
_pdbx_database_status.pdb_format_compatible           Y 
_pdbx_database_status.status_code_cs                  ? 
_pdbx_database_status.status_code_nmr_data            ? 
_pdbx_database_status.methods_development_category    ? 
# 
loop_
_audit_author.name 
_audit_author.pdbx_ordinal 
'Li, Q.'      1 
'Khosla, C.'  2 
'Puglisi, J.' 3 
'Liu, C.W.'   4 
# 
_citation.id                        primary 
_citation.title                     
'Solution Structure and Backbone Dynamics of the Holo Form of the Frenolicin Acyl Carrier Protein' 
_citation.journal_abbrev            Biochemistry 
_citation.journal_volume            42 
_citation.page_first                4648 
_citation.page_last                 4657 
_citation.year                      2003 
_citation.journal_id_ASTM           BICHAW 
_citation.country                   US 
_citation.journal_id_ISSN           0006-2960 
_citation.journal_id_CSD            0033 
_citation.book_publisher            ? 
_citation.pdbx_database_id_PubMed   12705828 
_citation.pdbx_database_id_DOI      10.1021/bi0274120 
# 
loop_
_citation_author.citation_id 
_citation_author.name 
_citation_author.ordinal 
_citation_author.identifier_ORCID 
primary 'Li, Q.'        1 ? 
primary 'Khosla, C.'    2 ? 
primary 'Puglisi, J.D.' 3 ? 
primary 'Liu, C.W.'     4 ? 
# 
_entity.id                         1 
_entity.type                       polymer 
_entity.src_method                 man 
_entity.pdbx_description           'acyl carrier protein' 
_entity.formula_weight             8799.721 
_entity.pdbx_number_of_molecules   1 
_entity.pdbx_ec                    ? 
_entity.pdbx_mutation              ? 
_entity.pdbx_fragment              ? 
_entity.details                    ? 
# 
_entity_name_com.entity_id   1 
_entity_name_com.name        'FREN N, FREN ACP' 
# 
_entity_poly.entity_id                      1 
_entity_poly.type                           'polypeptide(L)' 
_entity_poly.nstd_linkage                   no 
_entity_poly.nstd_monomer                   no 
_entity_poly.pdbx_seq_one_letter_code       
;MSALTVDDLKKLLAETAGEDDSVDLAGELDTPFVDLGYDSLALLETAAVLQQRYGIALTDETVGRLGTPRELLDEVNTTP
ATA
;
_entity_poly.pdbx_seq_one_letter_code_can   
;MSALTVDDLKKLLAETAGEDDSVDLAGELDTPFVDLGYDSLALLETAAVLQQRYGIALTDETVGRLGTPRELLDEVNTTP
ATA
;
_entity_poly.pdbx_strand_id                 A 
_entity_poly.pdbx_target_identifier         ? 
# 
loop_
_entity_poly_seq.entity_id 
_entity_poly_seq.num 
_entity_poly_seq.mon_id 
_entity_poly_seq.hetero 
1 1  MET n 
1 2  SER n 
1 3  ALA n 
1 4  LEU n 
1 5  THR n 
1 6  VAL n 
1 7  ASP n 
1 8  ASP n 
1 9  LEU n 
1 10 LYS n 
1 11 LYS n 
1 12 LEU n 
1 13 LEU n 
1 14 ALA n 
1 15 GLU n 
1 16 THR n 
1 17 ALA n 
1 18 GLY n 
1 19 GLU n 
1 20 ASP n 
1 21 ASP n 
1 22 SER n 
1 23 VAL n 
1 24 ASP n 
1 25 LEU n 
1 26 ALA n 
1 27 GLY n 
1 28 GLU n 
1 29 LEU n 
1 30 ASP n 
1 31 THR n 
1 32 PRO n 
1 33 PHE n 
1 34 VAL n 
1 35 ASP n 
1 36 LEU n 
1 37 GLY n 
1 38 TYR n 
1 39 ASP n 
1 40 SER n 
1 41 LEU n 
1 42 ALA n 
1 43 LEU n 
1 44 LEU n 
1 45 GLU n 
1 46 THR n 
1 47 ALA n 
1 48 ALA n 
1 49 VAL n 
1 50 LEU n 
1 51 GLN n 
1 52 GLN n 
1 53 ARG n 
1 54 TYR n 
1 55 GLY n 
1 56 ILE n 
1 57 ALA n 
1 58 LEU n 
1 59 THR n 
1 60 ASP n 
1 61 GLU n 
1 62 THR n 
1 63 VAL n 
1 64 GLY n 
1 65 ARG n 
1 66 LEU n 
1 67 GLY n 
1 68 THR n 
1 69 PRO n 
1 70 ARG n 
1 71 GLU n 
1 72 LEU n 
1 73 LEU n 
1 74 ASP n 
1 75 GLU n 
1 76 VAL n 
1 77 ASN n 
1 78 THR n 
1 79 THR n 
1 80 PRO n 
1 81 ALA n 
1 82 THR n 
1 83 ALA n 
# 
_entity_src_gen.entity_id                          1 
_entity_src_gen.pdbx_src_id                        1 
_entity_src_gen.pdbx_alt_source_flag               sample 
_entity_src_gen.pdbx_seq_type                      ? 
_entity_src_gen.pdbx_beg_seq_num                   ? 
_entity_src_gen.pdbx_end_seq_num                   ? 
_entity_src_gen.gene_src_common_name               ? 
_entity_src_gen.gene_src_genus                     Streptomyces 
_entity_src_gen.pdbx_gene_src_gene                 ? 
_entity_src_gen.gene_src_species                   ? 
_entity_src_gen.gene_src_strain                    ? 
_entity_src_gen.gene_src_tissue                    ? 
_entity_src_gen.gene_src_tissue_fraction           ? 
_entity_src_gen.gene_src_details                   ? 
_entity_src_gen.pdbx_gene_src_fragment             ? 
_entity_src_gen.pdbx_gene_src_scientific_name      'Streptomyces roseofulvus' 
_entity_src_gen.pdbx_gene_src_ncbi_taxonomy_id     33902 
_entity_src_gen.pdbx_gene_src_variant              ? 
_entity_src_gen.pdbx_gene_src_cell_line            ? 
_entity_src_gen.pdbx_gene_src_atcc                 ? 
_entity_src_gen.pdbx_gene_src_organ                ? 
_entity_src_gen.pdbx_gene_src_organelle            ? 
_entity_src_gen.pdbx_gene_src_cell                 ? 
_entity_src_gen.pdbx_gene_src_cellular_location    ? 
_entity_src_gen.host_org_common_name               ? 
_entity_src_gen.pdbx_host_org_scientific_name      'Escherichia coli BL21(DE3)' 
_entity_src_gen.pdbx_host_org_ncbi_taxonomy_id     469008 
_entity_src_gen.host_org_genus                     Escherichia 
_entity_src_gen.pdbx_host_org_gene                 ? 
_entity_src_gen.pdbx_host_org_organ                ? 
_entity_src_gen.host_org_species                   'Escherichia coli' 
_entity_src_gen.pdbx_host_org_tissue               ? 
_entity_src_gen.pdbx_host_org_tissue_fraction      ? 
_entity_src_gen.pdbx_host_org_strain               BL21DE3 
_entity_src_gen.pdbx_host_org_variant              ? 
_entity_src_gen.pdbx_host_org_cell_line            ? 
_entity_src_gen.pdbx_host_org_atcc                 ? 
_entity_src_gen.pdbx_host_org_culture_collection   ? 
_entity_src_gen.pdbx_host_org_cell                 ? 
_entity_src_gen.pdbx_host_org_organelle            ? 
_entity_src_gen.pdbx_host_org_cellular_location    ? 
_entity_src_gen.pdbx_host_org_vector_type          PLASMID 
_entity_src_gen.pdbx_host_org_vector               ? 
_entity_src_gen.host_org_details                   ? 
_entity_src_gen.expression_system_id               ? 
_entity_src_gen.plasmid_name                       PET21C-FRENACP 
_entity_src_gen.plasmid_details                    ? 
_entity_src_gen.pdbx_description                   ? 
# 
loop_
_chem_comp.id 
_chem_comp.type 
_chem_comp.mon_nstd_flag 
_chem_comp.name 
_chem_comp.pdbx_synonyms 
_chem_comp.formula 
_chem_comp.formula_weight 
ALA 'L-peptide linking' y ALANINE         ? 'C3 H7 N O2'     89.093  
ARG 'L-peptide linking' y ARGININE        ? 'C6 H15 N4 O2 1' 175.209 
ASN 'L-peptide linking' y ASPARAGINE      ? 'C4 H8 N2 O3'    132.118 
ASP 'L-peptide linking' y 'ASPARTIC ACID' ? 'C4 H7 N O4'     133.103 
GLN 'L-peptide linking' y GLUTAMINE       ? 'C5 H10 N2 O3'   146.144 
GLU 'L-peptide linking' y 'GLUTAMIC ACID' ? 'C5 H9 N O4'     147.129 
GLY 'peptide linking'   y GLYCINE         ? 'C2 H5 N O2'     75.067  
ILE 'L-peptide linking' y ISOLEUCINE      ? 'C6 H13 N O2'    131.173 
LEU 'L-peptide linking' y LEUCINE         ? 'C6 H13 N O2'    131.173 
LYS 'L-peptide linking' y LYSINE          ? 'C6 H15 N2 O2 1' 147.195 
MET 'L-peptide linking' y METHIONINE      ? 'C5 H11 N O2 S'  149.211 
PHE 'L-peptide linking' y PHENYLALANINE   ? 'C9 H11 N O2'    165.189 
PRO 'L-peptide linking' y PROLINE         ? 'C5 H9 N O2'     115.130 
SER 'L-peptide linking' y SERINE          ? 'C3 H7 N O3'     105.093 
THR 'L-peptide linking' y THREONINE       ? 'C4 H9 N O3'     119.119 
TYR 'L-peptide linking' y TYROSINE        ? 'C9 H11 N O3'    181.189 
VAL 'L-peptide linking' y VALINE          ? 'C5 H11 N O2'    117.146 
# 
loop_
_pdbx_poly_seq_scheme.asym_id 
_pdbx_poly_seq_scheme.entity_id 
_pdbx_poly_seq_scheme.seq_id 
_pdbx_poly_seq_scheme.mon_id 
_pdbx_poly_seq_scheme.ndb_seq_num 
_pdbx_poly_seq_scheme.pdb_seq_num 
_pdbx_poly_seq_scheme.auth_seq_num 
_pdbx_poly_seq_scheme.pdb_mon_id 
_pdbx_poly_seq_scheme.auth_mon_id 
_pdbx_poly_seq_scheme.pdb_strand_id 
_pdbx_poly_seq_scheme.pdb_ins_code 
_pdbx_poly_seq_scheme.hetero 
A 1 1  MET 1  0  ?  ?   ?   A . n 
A 1 2  SER 2  1  1  SER SER A . n 
A 1 3  ALA 3  2  2  ALA ALA A . n 
A 1 4  LEU 4  3  3  LEU LEU A . n 
A 1 5  THR 5  4  4  THR THR A . n 
A 1 6  VAL 6  5  5  VAL VAL A . n 
A 1 7  ASP 7  6  6  ASP ASP A . n 
A 1 8  ASP 8  7  7  ASP ASP A . n 
A 1 9  LEU 9  8  8  LEU LEU A . n 
A 1 10 LYS 10 9  9  LYS LYS A . n 
A 1 11 LYS 11 10 10 LYS LYS A . n 
A 1 12 LEU 12 11 11 LEU LEU A . n 
A 1 13 LEU 13 12 12 LEU LEU A . n 
A 1 14 ALA 14 13 13 ALA ALA A . n 
A 1 15 GLU 15 14 14 GLU GLU A . n 
A 1 16 THR 16 15 15 THR THR A . n 
A 1 17 ALA 17 16 16 ALA ALA A . n 
A 1 18 GLY 18 17 17 GLY GLY A . n 
A 1 19 GLU 19 18 18 GLU GLU A . n 
A 1 20 ASP 20 19 19 ASP ASP A . n 
A 1 21 ASP 21 20 20 ASP ASP A . n 
A 1 22 SER 22 21 21 SER SER A . n 
A 1 23 VAL 23 22 22 VAL VAL A . n 
A 1 24 ASP 24 23 23 ASP ASP A . n 
A 1 25 LEU 25 24 24 LEU LEU A . n 
A 1 26 ALA 26 25 25 ALA ALA A . n 
A 1 27 GLY 27 26 26 GLY GLY A . n 
A 1 28 GLU 28 27 27 GLU GLU A . n 
A 1 29 LEU 29 28 28 LEU LEU A . n 
A 1 30 ASP 30 29 29 ASP ASP A . n 
A 1 31 THR 31 30 30 THR THR A . n 
A 1 32 PRO 32 31 31 PRO PRO A . n 
A 1 33 PHE 33 32 32 PHE PHE A . n 
A 1 34 VAL 34 33 33 VAL VAL A . n 
A 1 35 ASP 35 34 34 ASP ASP A . n 
A 1 36 LEU 36 35 35 LEU LEU A . n 
A 1 37 GLY 37 36 36 GLY GLY A . n 
A 1 38 TYR 38 37 37 TYR TYR A . n 
A 1 39 ASP 39 38 38 ASP ASP A . n 
A 1 40 SER 40 39 39 SER SER A . n 
A 1 41 LEU 41 40 40 LEU LEU A . n 
A 1 42 ALA 42 41 41 ALA ALA A . n 
A 1 43 LEU 43 42 42 LEU LEU A . n 
A 1 44 LEU 44 43 43 LEU LEU A . n 
A 1 45 GLU 45 44 44 GLU GLU A . n 
A 1 46 THR 46 45 45 THR THR A . n 
A 1 47 ALA 47 46 46 ALA ALA A . n 
A 1 48 ALA 48 47 47 ALA ALA A . n 
A 1 49 VAL 49 48 48 VAL VAL A . n 
A 1 50 LEU 50 49 49 LEU LEU A . n 
A 1 51 GLN 51 50 50 GLN GLN A . n 
A 1 52 GLN 52 51 51 GLN GLN A . n 
A 1 53 ARG 53 52 52 ARG ARG A . n 
A 1 54 TYR 54 53 53 TYR TYR A . n 
A 1 55 GLY 55 54 54 GLY GLY A . n 
A 1 56 ILE 56 55 55 ILE ILE A . n 
A 1 57 ALA 57 56 56 ALA ALA A . n 
A 1 58 LEU 58 57 57 LEU LEU A . n 
A 1 59 THR 59 58 58 THR THR A . n 
A 1 60 ASP 60 59 59 ASP ASP A . n 
A 1 61 GLU 61 60 60 GLU GLU A . n 
A 1 62 THR 62 61 61 THR THR A . n 
A 1 63 VAL 63 62 62 VAL VAL A . n 
A 1 64 GLY 64 63 63 GLY GLY A . n 
A 1 65 ARG 65 64 64 ARG ARG A . n 
A 1 66 LEU 66 65 65 LEU LEU A . n 
A 1 67 GLY 67 66 66 GLY GLY A . n 
A 1 68 THR 68 67 67 THR THR A . n 
A 1 69 PRO 69 68 68 PRO PRO A . n 
A 1 70 ARG 70 69 69 ARG ARG A . n 
A 1 71 GLU 71 70 70 GLU GLU A . n 
A 1 72 LEU 72 71 71 LEU LEU A . n 
A 1 73 LEU 73 72 72 LEU LEU A . n 
A 1 74 ASP 74 73 73 ASP ASP A . n 
A 1 75 GLU 75 74 74 GLU GLU A . n 
A 1 76 VAL 76 75 75 VAL VAL A . n 
A 1 77 ASN 77 76 76 ASN ASN A . n 
A 1 78 THR 78 77 77 THR THR A . n 
A 1 79 THR 79 78 78 THR THR A . n 
A 1 80 PRO 80 79 79 PRO PRO A . n 
A 1 81 ALA 81 80 80 ALA ALA A . n 
A 1 82 THR 82 81 81 THR THR A . n 
A 1 83 ALA 83 82 82 ALA ALA A . n 
# 
_exptl.entry_id          1OR5 
_exptl.method            'SOLUTION NMR' 
_exptl.crystals_number   ? 
# 
_exptl_crystal.id                    1 
_exptl_crystal.density_meas          ? 
_exptl_crystal.density_percent_sol   ? 
_exptl_crystal.density_Matthews      ? 
_exptl_crystal.description           ? 
# 
_diffrn.id                     1 
_diffrn.ambient_temp           ? 
_diffrn.ambient_temp_details   ? 
_diffrn.crystal_id             1 
# 
_diffrn_radiation.diffrn_id                        1 
_diffrn_radiation.wavelength_id                    1 
_diffrn_radiation.monochromator                    ? 
_diffrn_radiation.pdbx_monochromatic_or_laue_m_l   M 
_diffrn_radiation.pdbx_diffrn_protocol             'SINGLE WAVELENGTH' 
_diffrn_radiation.pdbx_scattering_type             ? 
# 
_diffrn_radiation_wavelength.id           1 
_diffrn_radiation_wavelength.wavelength   . 
_diffrn_radiation_wavelength.wt           1.0 
# 
_struct.entry_id                  1OR5 
_struct.title                     
'SOLUTION STRUCTURE OF THE HOLO-FORM OF THE FRENOLICIN ACYL CARRIER PROTEIN, MINIMIZED MEAN STRUCTURE' 
_struct.pdbx_model_details        ? 
_struct.pdbx_CASP_flag            ? 
_struct.pdbx_model_type_details   ? 
# 
_struct_keywords.entry_id        1OR5 
_struct_keywords.pdbx_keywords   'BIOSYNTHETIC PROTEIN' 
_struct_keywords.text            
'ACYL CARRIER PROTEIN, ACP, BIOSYNTHESIS, FRENOLICIN, HOLO, POLYKETIDE SYNTHASE, PKS, BIOSYNTHETIC PROTEIN' 
# 
_struct_asym.id                            A 
_struct_asym.pdbx_blank_PDB_chainid_flag   N 
_struct_asym.pdbx_modified                 N 
_struct_asym.entity_id                     1 
_struct_asym.details                       ? 
# 
_struct_ref.id                         1 
_struct_ref.db_name                    UNP 
_struct_ref.db_code                    Q54996_9ACTO 
_struct_ref.pdbx_db_accession          Q54996 
_struct_ref.entity_id                  1 
_struct_ref.pdbx_seq_one_letter_code   
;MSALTVDDLKKLLAETAGEDDSVDLAGELDTPFVDLGYDSLALLETAAVLQQRYGIALTDETVGRLGTPRELLDEVNTTP
ATA
;
_struct_ref.pdbx_align_begin           1 
_struct_ref.pdbx_db_isoform            ? 
# 
_struct_ref_seq.align_id                      1 
_struct_ref_seq.ref_id                        1 
_struct_ref_seq.pdbx_PDB_id_code              1OR5 
_struct_ref_seq.pdbx_strand_id                A 
_struct_ref_seq.seq_align_beg                 1 
_struct_ref_seq.pdbx_seq_align_beg_ins_code   ? 
_struct_ref_seq.seq_align_end                 83 
_struct_ref_seq.pdbx_seq_align_end_ins_code   ? 
_struct_ref_seq.pdbx_db_accession             Q54996 
_struct_ref_seq.db_align_beg                  1 
_struct_ref_seq.pdbx_db_align_beg_ins_code    ? 
_struct_ref_seq.db_align_end                  83 
_struct_ref_seq.pdbx_db_align_end_ins_code    ? 
_struct_ref_seq.pdbx_auth_seq_align_beg       0 
_struct_ref_seq.pdbx_auth_seq_align_end       82 
# 
_pdbx_struct_assembly.id                   1 
_pdbx_struct_assembly.details              author_defined_assembly 
_pdbx_struct_assembly.method_details       ? 
_pdbx_struct_assembly.oligomeric_details   monomeric 
_pdbx_struct_assembly.oligomeric_count     1 
# 
_pdbx_struct_assembly_gen.assembly_id       1 
_pdbx_struct_assembly_gen.oper_expression   1 
_pdbx_struct_assembly_gen.asym_id_list      A 
# 
_pdbx_struct_oper_list.id                   1 
_pdbx_struct_oper_list.type                 'identity operation' 
_pdbx_struct_oper_list.name                 1_555 
_pdbx_struct_oper_list.symmetry_operation   x,y,z 
_pdbx_struct_oper_list.matrix[1][1]         1.0000000000 
_pdbx_struct_oper_list.matrix[1][2]         0.0000000000 
_pdbx_struct_oper_list.matrix[1][3]         0.0000000000 
_pdbx_struct_oper_list.vector[1]            0.0000000000 
_pdbx_struct_oper_list.matrix[2][1]         0.0000000000 
_pdbx_struct_oper_list.matrix[2][2]         1.0000000000 
_pdbx_struct_oper_list.matrix[2][3]         0.0000000000 
_pdbx_struct_oper_list.vector[2]            0.0000000000 
_pdbx_struct_oper_list.matrix[3][1]         0.0000000000 
_pdbx_struct_oper_list.matrix[3][2]         0.0000000000 
_pdbx_struct_oper_list.matrix[3][3]         1.0000000000 
_pdbx_struct_oper_list.vector[3]            0.0000000000 
# 
_struct_biol.id                    1 
_struct_biol.pdbx_parent_biol_id   ? 
_struct_biol.details               ? 
# 
loop_
_struct_conf.conf_type_id 
_struct_conf.id 
_struct_conf.pdbx_PDB_helix_id 
_struct_conf.beg_label_comp_id 
_struct_conf.beg_label_asym_id 
_struct_conf.beg_label_seq_id 
_struct_conf.pdbx_beg_PDB_ins_code 
_struct_conf.end_label_comp_id 
_struct_conf.end_label_asym_id 
_struct_conf.end_label_seq_id 
_struct_conf.pdbx_end_PDB_ins_code 
_struct_conf.beg_auth_comp_id 
_struct_conf.beg_auth_asym_id 
_struct_conf.beg_auth_seq_id 
_struct_conf.end_auth_comp_id 
_struct_conf.end_auth_asym_id 
_struct_conf.end_auth_seq_id 
_struct_conf.pdbx_PDB_helix_class 
_struct_conf.details 
_struct_conf.pdbx_PDB_helix_length 
HELX_P HELX_P1 1 THR A 5  ? ALA A 17 ? THR A 4  ALA A 16 1 ? 13 
HELX_P HELX_P2 2 ASP A 24 ? GLU A 28 ? ASP A 23 GLU A 27 5 ? 5  
HELX_P HELX_P3 3 PRO A 32 ? GLY A 37 ? PRO A 31 GLY A 36 1 ? 6  
HELX_P HELX_P4 4 ASP A 39 ? GLN A 52 ? ASP A 38 GLN A 51 1 ? 14 
HELX_P HELX_P5 5 THR A 59 ? LEU A 66 ? THR A 58 LEU A 65 1 ? 8  
HELX_P HELX_P6 6 PRO A 69 ? ASN A 77 ? PRO A 68 ASN A 76 1 ? 9  
# 
_struct_conf_type.id          HELX_P 
_struct_conf_type.criteria    ? 
_struct_conf_type.reference   ? 
# 
_pdbx_validate_close_contact.id               1 
_pdbx_validate_close_contact.PDB_model_num    1 
_pdbx_validate_close_contact.auth_atom_id_1   O 
_pdbx_validate_close_contact.auth_asym_id_1   A 
_pdbx_validate_close_contact.auth_comp_id_1   LEU 
_pdbx_validate_close_contact.auth_seq_id_1    12 
_pdbx_validate_close_contact.PDB_ins_code_1   ? 
_pdbx_validate_close_contact.label_alt_id_1   ? 
_pdbx_validate_close_contact.auth_atom_id_2   H 
_pdbx_validate_close_contact.auth_asym_id_2   A 
_pdbx_validate_close_contact.auth_comp_id_2   ALA 
_pdbx_validate_close_contact.auth_seq_id_2    16 
_pdbx_validate_close_contact.PDB_ins_code_2   ? 
_pdbx_validate_close_contact.label_alt_id_2   ? 
_pdbx_validate_close_contact.dist             1.54 
# 
loop_
_pdbx_validate_torsion.id 
_pdbx_validate_torsion.PDB_model_num 
_pdbx_validate_torsion.auth_comp_id 
_pdbx_validate_torsion.auth_asym_id 
_pdbx_validate_torsion.auth_seq_id 
_pdbx_validate_torsion.PDB_ins_code 
_pdbx_validate_torsion.label_alt_id 
_pdbx_validate_torsion.phi 
_pdbx_validate_torsion.psi 
1  1 ALA A 16 ? ? -58.69  -74.62 
2  1 ASP A 19 ? ? -102.29 61.26  
3  1 ASP A 20 ? ? -145.48 -46.94 
4  1 SER A 21 ? ? -161.16 55.23  
5  1 VAL A 22 ? ? -96.10  55.33  
6  1 GLU A 27 ? ? 171.79  85.26  
7  1 LEU A 35 ? ? -59.90  -89.41 
8  1 TYR A 37 ? ? -35.62  140.59 
9  1 TYR A 53 ? ? -93.81  -78.02 
10 1 GLU A 60 ? ? -38.87  -71.60 
11 1 THR A 77 ? ? -132.20 -61.83 
12 1 THR A 78 ? ? -43.39  102.29 
13 1 ALA A 80 ? ? -154.53 62.97  
14 1 THR A 81 ? ? -143.79 -60.35 
# 
_pdbx_nmr_ensemble.entry_id                             1OR5 
_pdbx_nmr_ensemble.conformers_calculated_total_number   ? 
_pdbx_nmr_ensemble.conformers_submitted_total_number    1 
_pdbx_nmr_ensemble.conformer_selection_criteria         ? 
# 
_pdbx_nmr_sample_details.solution_id      1 
_pdbx_nmr_sample_details.contents         '0.7 TO 1.2 MM 15N,13C 30 MM SODIUM PHOSPHATE PH 5.5; 2 MM DTT; 0.5% NAN3' 
_pdbx_nmr_sample_details.solvent_system   ? 
# 
_pdbx_nmr_exptl_sample_conditions.conditions_id       1 
_pdbx_nmr_exptl_sample_conditions.temperature         288.00 
_pdbx_nmr_exptl_sample_conditions.pressure            AMBIENT 
_pdbx_nmr_exptl_sample_conditions.pH                  5.5 
_pdbx_nmr_exptl_sample_conditions.ionic_strength      '30 mM PHOSPHATE' 
_pdbx_nmr_exptl_sample_conditions.pressure_units      ? 
_pdbx_nmr_exptl_sample_conditions.temperature_units   K 
# 
loop_
_pdbx_nmr_exptl.experiment_id 
_pdbx_nmr_exptl.conditions_id 
_pdbx_nmr_exptl.solution_id 
_pdbx_nmr_exptl.type 
1 1 1 HNCACB             
2 1 1 CCONH              
3 1 1 HCCONH             
4 1 1 HCCH-TOCSY         
5 1 1 HCCH-COSY          
6 1 1 HNHA               
7 1 1 13C/15N-HSQC-NOESY 
8 1 1 15N-HSQC-NOESY     
# 
_pdbx_nmr_details.entry_id   1OR5 
_pdbx_nmr_details.text       'THE STRUCTURE WAS DETERMINED USING TRIPLE-RESONANCE NMR SPECTROSCOPY.' 
# 
_pdbx_nmr_refine.entry_id           1OR5 
_pdbx_nmr_refine.method             'TORSION ANGLE DYNAMICS SIMULATED ANNEALING' 
_pdbx_nmr_refine.details            ? 
_pdbx_nmr_refine.software_ordinal   1 
# 
loop_
_pdbx_nmr_software.classification 
_pdbx_nmr_software.name 
_pdbx_nmr_software.version 
_pdbx_nmr_software.authors 
_pdbx_nmr_software.ordinal 
refinement           DYANA   1.5 ? 1 
'structure solution' NMRPipe ?   ? 2 
'structure solution' Sparky  ?   ? 3 
# 
_pdbx_unobs_or_zero_occ_residues.id               1 
_pdbx_unobs_or_zero_occ_residues.PDB_model_num    1 
_pdbx_unobs_or_zero_occ_residues.polymer_flag     Y 
_pdbx_unobs_or_zero_occ_residues.occupancy_flag   1 
_pdbx_unobs_or_zero_occ_residues.auth_asym_id     A 
_pdbx_unobs_or_zero_occ_residues.auth_comp_id     MET 
_pdbx_unobs_or_zero_occ_residues.auth_seq_id      0 
_pdbx_unobs_or_zero_occ_residues.PDB_ins_code     ? 
_pdbx_unobs_or_zero_occ_residues.label_asym_id    A 
_pdbx_unobs_or_zero_occ_residues.label_comp_id    MET 
_pdbx_unobs_or_zero_occ_residues.label_seq_id     1 
# 
loop_
_chem_comp_atom.comp_id 
_chem_comp_atom.atom_id 
_chem_comp_atom.type_symbol 
_chem_comp_atom.pdbx_aromatic_flag 
_chem_comp_atom.pdbx_stereo_config 
_chem_comp_atom.pdbx_ordinal 
ALA N    N N N 1   
ALA CA   C N S 2   
ALA C    C N N 3   
ALA O    O N N 4   
ALA CB   C N N 5   
ALA OXT  O N N 6   
ALA H    H N N 7   
ALA H2   H N N 8   
ALA HA   H N N 9   
ALA HB1  H N N 10  
ALA HB2  H N N 11  
ALA HB3  H N N 12  
ALA HXT  H N N 13  
ARG N    N N N 14  
ARG CA   C N S 15  
ARG C    C N N 16  
ARG O    O N N 17  
ARG CB   C N N 18  
ARG CG   C N N 19  
ARG CD   C N N 20  
ARG NE   N N N 21  
ARG CZ   C N N 22  
ARG NH1  N N N 23  
ARG NH2  N N N 24  
ARG OXT  O N N 25  
ARG H    H N N 26  
ARG H2   H N N 27  
ARG HA   H N N 28  
ARG HB2  H N N 29  
ARG HB3  H N N 30  
ARG HG2  H N N 31  
ARG HG3  H N N 32  
ARG HD2  H N N 33  
ARG HD3  H N N 34  
ARG HE   H N N 35  
ARG HH11 H N N 36  
ARG HH12 H N N 37  
ARG HH21 H N N 38  
ARG HH22 H N N 39  
ARG HXT  H N N 40  
ASN N    N N N 41  
ASN CA   C N S 42  
ASN C    C N N 43  
ASN O    O N N 44  
ASN CB   C N N 45  
ASN CG   C N N 46  
ASN OD1  O N N 47  
ASN ND2  N N N 48  
ASN OXT  O N N 49  
ASN H    H N N 50  
ASN H2   H N N 51  
ASN HA   H N N 52  
ASN HB2  H N N 53  
ASN HB3  H N N 54  
ASN HD21 H N N 55  
ASN HD22 H N N 56  
ASN HXT  H N N 57  
ASP N    N N N 58  
ASP CA   C N S 59  
ASP C    C N N 60  
ASP O    O N N 61  
ASP CB   C N N 62  
ASP CG   C N N 63  
ASP OD1  O N N 64  
ASP OD2  O N N 65  
ASP OXT  O N N 66  
ASP H    H N N 67  
ASP H2   H N N 68  
ASP HA   H N N 69  
ASP HB2  H N N 70  
ASP HB3  H N N 71  
ASP HD2  H N N 72  
ASP HXT  H N N 73  
GLN N    N N N 74  
GLN CA   C N S 75  
GLN C    C N N 76  
GLN O    O N N 77  
GLN CB   C N N 78  
GLN CG   C N N 79  
GLN CD   C N N 80  
GLN OE1  O N N 81  
GLN NE2  N N N 82  
GLN OXT  O N N 83  
GLN H    H N N 84  
GLN H2   H N N 85  
GLN HA   H N N 86  
GLN HB2  H N N 87  
GLN HB3  H N N 88  
GLN HG2  H N N 89  
GLN HG3  H N N 90  
GLN HE21 H N N 91  
GLN HE22 H N N 92  
GLN HXT  H N N 93  
GLU N    N N N 94  
GLU CA   C N S 95  
GLU C    C N N 96  
GLU O    O N N 97  
GLU CB   C N N 98  
GLU CG   C N N 99  
GLU CD   C N N 100 
GLU OE1  O N N 101 
GLU OE2  O N N 102 
GLU OXT  O N N 103 
GLU H    H N N 104 
GLU H2   H N N 105 
GLU HA   H N N 106 
GLU HB2  H N N 107 
GLU HB3  H N N 108 
GLU HG2  H N N 109 
GLU HG3  H N N 110 
GLU HE2  H N N 111 
GLU HXT  H N N 112 
GLY N    N N N 113 
GLY CA   C N N 114 
GLY C    C N N 115 
GLY O    O N N 116 
GLY OXT  O N N 117 
GLY H    H N N 118 
GLY H2   H N N 119 
GLY HA2  H N N 120 
GLY HA3  H N N 121 
GLY HXT  H N N 122 
ILE N    N N N 123 
ILE CA   C N S 124 
ILE C    C N N 125 
ILE O    O N N 126 
ILE CB   C N S 127 
ILE CG1  C N N 128 
ILE CG2  C N N 129 
ILE CD1  C N N 130 
ILE OXT  O N N 131 
ILE H    H N N 132 
ILE H2   H N N 133 
ILE HA   H N N 134 
ILE HB   H N N 135 
ILE HG12 H N N 136 
ILE HG13 H N N 137 
ILE HG21 H N N 138 
ILE HG22 H N N 139 
ILE HG23 H N N 140 
ILE HD11 H N N 141 
ILE HD12 H N N 142 
ILE HD13 H N N 143 
ILE HXT  H N N 144 
LEU N    N N N 145 
LEU CA   C N S 146 
LEU C    C N N 147 
LEU O    O N N 148 
LEU CB   C N N 149 
LEU CG   C N N 150 
LEU CD1  C N N 151 
LEU CD2  C N N 152 
LEU OXT  O N N 153 
LEU H    H N N 154 
LEU H2   H N N 155 
LEU HA   H N N 156 
LEU HB2  H N N 157 
LEU HB3  H N N 158 
LEU HG   H N N 159 
LEU HD11 H N N 160 
LEU HD12 H N N 161 
LEU HD13 H N N 162 
LEU HD21 H N N 163 
LEU HD22 H N N 164 
LEU HD23 H N N 165 
LEU HXT  H N N 166 
LYS N    N N N 167 
LYS CA   C N S 168 
LYS C    C N N 169 
LYS O    O N N 170 
LYS CB   C N N 171 
LYS CG   C N N 172 
LYS CD   C N N 173 
LYS CE   C N N 174 
LYS NZ   N N N 175 
LYS OXT  O N N 176 
LYS H    H N N 177 
LYS H2   H N N 178 
LYS HA   H N N 179 
LYS HB2  H N N 180 
LYS HB3  H N N 181 
LYS HG2  H N N 182 
LYS HG3  H N N 183 
LYS HD2  H N N 184 
LYS HD3  H N N 185 
LYS HE2  H N N 186 
LYS HE3  H N N 187 
LYS HZ1  H N N 188 
LYS HZ2  H N N 189 
LYS HZ3  H N N 190 
LYS HXT  H N N 191 
MET N    N N N 192 
MET CA   C N S 193 
MET C    C N N 194 
MET O    O N N 195 
MET CB   C N N 196 
MET CG   C N N 197 
MET SD   S N N 198 
MET CE   C N N 199 
MET OXT  O N N 200 
MET H    H N N 201 
MET H2   H N N 202 
MET HA   H N N 203 
MET HB2  H N N 204 
MET HB3  H N N 205 
MET HG2  H N N 206 
MET HG3  H N N 207 
MET HE1  H N N 208 
MET HE2  H N N 209 
MET HE3  H N N 210 
MET HXT  H N N 211 
PHE N    N N N 212 
PHE CA   C N S 213 
PHE C    C N N 214 
PHE O    O N N 215 
PHE CB   C N N 216 
PHE CG   C Y N 217 
PHE CD1  C Y N 218 
PHE CD2  C Y N 219 
PHE CE1  C Y N 220 
PHE CE2  C Y N 221 
PHE CZ   C Y N 222 
PHE OXT  O N N 223 
PHE H    H N N 224 
PHE H2   H N N 225 
PHE HA   H N N 226 
PHE HB2  H N N 227 
PHE HB3  H N N 228 
PHE HD1  H N N 229 
PHE HD2  H N N 230 
PHE HE1  H N N 231 
PHE HE2  H N N 232 
PHE HZ   H N N 233 
PHE HXT  H N N 234 
PRO N    N N N 235 
PRO CA   C N S 236 
PRO C    C N N 237 
PRO O    O N N 238 
PRO CB   C N N 239 
PRO CG   C N N 240 
PRO CD   C N N 241 
PRO OXT  O N N 242 
PRO H    H N N 243 
PRO HA   H N N 244 
PRO HB2  H N N 245 
PRO HB3  H N N 246 
PRO HG2  H N N 247 
PRO HG3  H N N 248 
PRO HD2  H N N 249 
PRO HD3  H N N 250 
PRO HXT  H N N 251 
SER N    N N N 252 
SER CA   C N S 253 
SER C    C N N 254 
SER O    O N N 255 
SER CB   C N N 256 
SER OG   O N N 257 
SER OXT  O N N 258 
SER H    H N N 259 
SER H2   H N N 260 
SER HA   H N N 261 
SER HB2  H N N 262 
SER HB3  H N N 263 
SER HG   H N N 264 
SER HXT  H N N 265 
THR N    N N N 266 
THR CA   C N S 267 
THR C    C N N 268 
THR O    O N N 269 
THR CB   C N R 270 
THR OG1  O N N 271 
THR CG2  C N N 272 
THR OXT  O N N 273 
THR H    H N N 274 
THR H2   H N N 275 
THR HA   H N N 276 
THR HB   H N N 277 
THR HG1  H N N 278 
THR HG21 H N N 279 
THR HG22 H N N 280 
THR HG23 H N N 281 
THR HXT  H N N 282 
TYR N    N N N 283 
TYR CA   C N S 284 
TYR C    C N N 285 
TYR O    O N N 286 
TYR CB   C N N 287 
TYR CG   C Y N 288 
TYR CD1  C Y N 289 
TYR CD2  C Y N 290 
TYR CE1  C Y N 291 
TYR CE2  C Y N 292 
TYR CZ   C Y N 293 
TYR OH   O N N 294 
TYR OXT  O N N 295 
TYR H    H N N 296 
TYR H2   H N N 297 
TYR HA   H N N 298 
TYR HB2  H N N 299 
TYR HB3  H N N 300 
TYR HD1  H N N 301 
TYR HD2  H N N 302 
TYR HE1  H N N 303 
TYR HE2  H N N 304 
TYR HH   H N N 305 
TYR HXT  H N N 306 
VAL N    N N N 307 
VAL CA   C N S 308 
VAL C    C N N 309 
VAL O    O N N 310 
VAL CB   C N N 311 
VAL CG1  C N N 312 
VAL CG2  C N N 313 
VAL OXT  O N N 314 
VAL H    H N N 315 
VAL H2   H N N 316 
VAL HA   H N N 317 
VAL HB   H N N 318 
VAL HG11 H N N 319 
VAL HG12 H N N 320 
VAL HG13 H N N 321 
VAL HG21 H N N 322 
VAL HG22 H N N 323 
VAL HG23 H N N 324 
VAL HXT  H N N 325 
# 
loop_
_chem_comp_bond.comp_id 
_chem_comp_bond.atom_id_1 
_chem_comp_bond.atom_id_2 
_chem_comp_bond.value_order 
_chem_comp_bond.pdbx_aromatic_flag 
_chem_comp_bond.pdbx_stereo_config 
_chem_comp_bond.pdbx_ordinal 
ALA N   CA   sing N N 1   
ALA N   H    sing N N 2   
ALA N   H2   sing N N 3   
ALA CA  C    sing N N 4   
ALA CA  CB   sing N N 5   
ALA CA  HA   sing N N 6   
ALA C   O    doub N N 7   
ALA C   OXT  sing N N 8   
ALA CB  HB1  sing N N 9   
ALA CB  HB2  sing N N 10  
ALA CB  HB3  sing N N 11  
ALA OXT HXT  sing N N 12  
ARG N   CA   sing N N 13  
ARG N   H    sing N N 14  
ARG N   H2   sing N N 15  
ARG CA  C    sing N N 16  
ARG CA  CB   sing N N 17  
ARG CA  HA   sing N N 18  
ARG C   O    doub N N 19  
ARG C   OXT  sing N N 20  
ARG CB  CG   sing N N 21  
ARG CB  HB2  sing N N 22  
ARG CB  HB3  sing N N 23  
ARG CG  CD   sing N N 24  
ARG CG  HG2  sing N N 25  
ARG CG  HG3  sing N N 26  
ARG CD  NE   sing N N 27  
ARG CD  HD2  sing N N 28  
ARG CD  HD3  sing N N 29  
ARG NE  CZ   sing N N 30  
ARG NE  HE   sing N N 31  
ARG CZ  NH1  sing N N 32  
ARG CZ  NH2  doub N N 33  
ARG NH1 HH11 sing N N 34  
ARG NH1 HH12 sing N N 35  
ARG NH2 HH21 sing N N 36  
ARG NH2 HH22 sing N N 37  
ARG OXT HXT  sing N N 38  
ASN N   CA   sing N N 39  
ASN N   H    sing N N 40  
ASN N   H2   sing N N 41  
ASN CA  C    sing N N 42  
ASN CA  CB   sing N N 43  
ASN CA  HA   sing N N 44  
ASN C   O    doub N N 45  
ASN C   OXT  sing N N 46  
ASN CB  CG   sing N N 47  
ASN CB  HB2  sing N N 48  
ASN CB  HB3  sing N N 49  
ASN CG  OD1  doub N N 50  
ASN CG  ND2  sing N N 51  
ASN ND2 HD21 sing N N 52  
ASN ND2 HD22 sing N N 53  
ASN OXT HXT  sing N N 54  
ASP N   CA   sing N N 55  
ASP N   H    sing N N 56  
ASP N   H2   sing N N 57  
ASP CA  C    sing N N 58  
ASP CA  CB   sing N N 59  
ASP CA  HA   sing N N 60  
ASP C   O    doub N N 61  
ASP C   OXT  sing N N 62  
ASP CB  CG   sing N N 63  
ASP CB  HB2  sing N N 64  
ASP CB  HB3  sing N N 65  
ASP CG  OD1  doub N N 66  
ASP CG  OD2  sing N N 67  
ASP OD2 HD2  sing N N 68  
ASP OXT HXT  sing N N 69  
GLN N   CA   sing N N 70  
GLN N   H    sing N N 71  
GLN N   H2   sing N N 72  
GLN CA  C    sing N N 73  
GLN CA  CB   sing N N 74  
GLN CA  HA   sing N N 75  
GLN C   O    doub N N 76  
GLN C   OXT  sing N N 77  
GLN CB  CG   sing N N 78  
GLN CB  HB2  sing N N 79  
GLN CB  HB3  sing N N 80  
GLN CG  CD   sing N N 81  
GLN CG  HG2  sing N N 82  
GLN CG  HG3  sing N N 83  
GLN CD  OE1  doub N N 84  
GLN CD  NE2  sing N N 85  
GLN NE2 HE21 sing N N 86  
GLN NE2 HE22 sing N N 87  
GLN OXT HXT  sing N N 88  
GLU N   CA   sing N N 89  
GLU N   H    sing N N 90  
GLU N   H2   sing N N 91  
GLU CA  C    sing N N 92  
GLU CA  CB   sing N N 93  
GLU CA  HA   sing N N 94  
GLU C   O    doub N N 95  
GLU C   OXT  sing N N 96  
GLU CB  CG   sing N N 97  
GLU CB  HB2  sing N N 98  
GLU CB  HB3  sing N N 99  
GLU CG  CD   sing N N 100 
GLU CG  HG2  sing N N 101 
GLU CG  HG3  sing N N 102 
GLU CD  OE1  doub N N 103 
GLU CD  OE2  sing N N 104 
GLU OE2 HE2  sing N N 105 
GLU OXT HXT  sing N N 106 
GLY N   CA   sing N N 107 
GLY N   H    sing N N 108 
GLY N   H2   sing N N 109 
GLY CA  C    sing N N 110 
GLY CA  HA2  sing N N 111 
GLY CA  HA3  sing N N 112 
GLY C   O    doub N N 113 
GLY C   OXT  sing N N 114 
GLY OXT HXT  sing N N 115 
ILE N   CA   sing N N 116 
ILE N   H    sing N N 117 
ILE N   H2   sing N N 118 
ILE CA  C    sing N N 119 
ILE CA  CB   sing N N 120 
ILE CA  HA   sing N N 121 
ILE C   O    doub N N 122 
ILE C   OXT  sing N N 123 
ILE CB  CG1  sing N N 124 
ILE CB  CG2  sing N N 125 
ILE CB  HB   sing N N 126 
ILE CG1 CD1  sing N N 127 
ILE CG1 HG12 sing N N 128 
ILE CG1 HG13 sing N N 129 
ILE CG2 HG21 sing N N 130 
ILE CG2 HG22 sing N N 131 
ILE CG2 HG23 sing N N 132 
ILE CD1 HD11 sing N N 133 
ILE CD1 HD12 sing N N 134 
ILE CD1 HD13 sing N N 135 
ILE OXT HXT  sing N N 136 
LEU N   CA   sing N N 137 
LEU N   H    sing N N 138 
LEU N   H2   sing N N 139 
LEU CA  C    sing N N 140 
LEU CA  CB   sing N N 141 
LEU CA  HA   sing N N 142 
LEU C   O    doub N N 143 
LEU C   OXT  sing N N 144 
LEU CB  CG   sing N N 145 
LEU CB  HB2  sing N N 146 
LEU CB  HB3  sing N N 147 
LEU CG  CD1  sing N N 148 
LEU CG  CD2  sing N N 149 
LEU CG  HG   sing N N 150 
LEU CD1 HD11 sing N N 151 
LEU CD1 HD12 sing N N 152 
LEU CD1 HD13 sing N N 153 
LEU CD2 HD21 sing N N 154 
LEU CD2 HD22 sing N N 155 
LEU CD2 HD23 sing N N 156 
LEU OXT HXT  sing N N 157 
LYS N   CA   sing N N 158 
LYS N   H    sing N N 159 
LYS N   H2   sing N N 160 
LYS CA  C    sing N N 161 
LYS CA  CB   sing N N 162 
LYS CA  HA   sing N N 163 
LYS C   O    doub N N 164 
LYS C   OXT  sing N N 165 
LYS CB  CG   sing N N 166 
LYS CB  HB2  sing N N 167 
LYS CB  HB3  sing N N 168 
LYS CG  CD   sing N N 169 
LYS CG  HG2  sing N N 170 
LYS CG  HG3  sing N N 171 
LYS CD  CE   sing N N 172 
LYS CD  HD2  sing N N 173 
LYS CD  HD3  sing N N 174 
LYS CE  NZ   sing N N 175 
LYS CE  HE2  sing N N 176 
LYS CE  HE3  sing N N 177 
LYS NZ  HZ1  sing N N 178 
LYS NZ  HZ2  sing N N 179 
LYS NZ  HZ3  sing N N 180 
LYS OXT HXT  sing N N 181 
MET N   CA   sing N N 182 
MET N   H    sing N N 183 
MET N   H2   sing N N 184 
MET CA  C    sing N N 185 
MET CA  CB   sing N N 186 
MET CA  HA   sing N N 187 
MET C   O    doub N N 188 
MET C   OXT  sing N N 189 
MET CB  CG   sing N N 190 
MET CB  HB2  sing N N 191 
MET CB  HB3  sing N N 192 
MET CG  SD   sing N N 193 
MET CG  HG2  sing N N 194 
MET CG  HG3  sing N N 195 
MET SD  CE   sing N N 196 
MET CE  HE1  sing N N 197 
MET CE  HE2  sing N N 198 
MET CE  HE3  sing N N 199 
MET OXT HXT  sing N N 200 
PHE N   CA   sing N N 201 
PHE N   H    sing N N 202 
PHE N   H2   sing N N 203 
PHE CA  C    sing N N 204 
PHE CA  CB   sing N N 205 
PHE CA  HA   sing N N 206 
PHE C   O    doub N N 207 
PHE C   OXT  sing N N 208 
PHE CB  CG   sing N N 209 
PHE CB  HB2  sing N N 210 
PHE CB  HB3  sing N N 211 
PHE CG  CD1  doub Y N 212 
PHE CG  CD2  sing Y N 213 
PHE CD1 CE1  sing Y N 214 
PHE CD1 HD1  sing N N 215 
PHE CD2 CE2  doub Y N 216 
PHE CD2 HD2  sing N N 217 
PHE CE1 CZ   doub Y N 218 
PHE CE1 HE1  sing N N 219 
PHE CE2 CZ   sing Y N 220 
PHE CE2 HE2  sing N N 221 
PHE CZ  HZ   sing N N 222 
PHE OXT HXT  sing N N 223 
PRO N   CA   sing N N 224 
PRO N   CD   sing N N 225 
PRO N   H    sing N N 226 
PRO CA  C    sing N N 227 
PRO CA  CB   sing N N 228 
PRO CA  HA   sing N N 229 
PRO C   O    doub N N 230 
PRO C   OXT  sing N N 231 
PRO CB  CG   sing N N 232 
PRO CB  HB2  sing N N 233 
PRO CB  HB3  sing N N 234 
PRO CG  CD   sing N N 235 
PRO CG  HG2  sing N N 236 
PRO CG  HG3  sing N N 237 
PRO CD  HD2  sing N N 238 
PRO CD  HD3  sing N N 239 
PRO OXT HXT  sing N N 240 
SER N   CA   sing N N 241 
SER N   H    sing N N 242 
SER N   H2   sing N N 243 
SER CA  C    sing N N 244 
SER CA  CB   sing N N 245 
SER CA  HA   sing N N 246 
SER C   O    doub N N 247 
SER C   OXT  sing N N 248 
SER CB  OG   sing N N 249 
SER CB  HB2  sing N N 250 
SER CB  HB3  sing N N 251 
SER OG  HG   sing N N 252 
SER OXT HXT  sing N N 253 
THR N   CA   sing N N 254 
THR N   H    sing N N 255 
THR N   H2   sing N N 256 
THR CA  C    sing N N 257 
THR CA  CB   sing N N 258 
THR CA  HA   sing N N 259 
THR C   O    doub N N 260 
THR C   OXT  sing N N 261 
THR CB  OG1  sing N N 262 
THR CB  CG2  sing N N 263 
THR CB  HB   sing N N 264 
THR OG1 HG1  sing N N 265 
THR CG2 HG21 sing N N 266 
THR CG2 HG22 sing N N 267 
THR CG2 HG23 sing N N 268 
THR OXT HXT  sing N N 269 
TYR N   CA   sing N N 270 
TYR N   H    sing N N 271 
TYR N   H2   sing N N 272 
TYR CA  C    sing N N 273 
TYR CA  CB   sing N N 274 
TYR CA  HA   sing N N 275 
TYR C   O    doub N N 276 
TYR C   OXT  sing N N 277 
TYR CB  CG   sing N N 278 
TYR CB  HB2  sing N N 279 
TYR CB  HB3  sing N N 280 
TYR CG  CD1  doub Y N 281 
TYR CG  CD2  sing Y N 282 
TYR CD1 CE1  sing Y N 283 
TYR CD1 HD1  sing N N 284 
TYR CD2 CE2  doub Y N 285 
TYR CD2 HD2  sing N N 286 
TYR CE1 CZ   doub Y N 287 
TYR CE1 HE1  sing N N 288 
TYR CE2 CZ   sing Y N 289 
TYR CE2 HE2  sing N N 290 
TYR CZ  OH   sing N N 291 
TYR OH  HH   sing N N 292 
TYR OXT HXT  sing N N 293 
VAL N   CA   sing N N 294 
VAL N   H    sing N N 295 
VAL N   H2   sing N N 296 
VAL CA  C    sing N N 297 
VAL CA  CB   sing N N 298 
VAL CA  HA   sing N N 299 
VAL C   O    doub N N 300 
VAL C   OXT  sing N N 301 
VAL CB  CG1  sing N N 302 
VAL CB  CG2  sing N N 303 
VAL CB  HB   sing N N 304 
VAL CG1 HG11 sing N N 305 
VAL CG1 HG12 sing N N 306 
VAL CG1 HG13 sing N N 307 
VAL CG2 HG21 sing N N 308 
VAL CG2 HG22 sing N N 309 
VAL CG2 HG23 sing N N 310 
VAL OXT HXT  sing N N 311 
# 
loop_
_pdbx_nmr_spectrometer.spectrometer_id 
_pdbx_nmr_spectrometer.model 
_pdbx_nmr_spectrometer.manufacturer 
_pdbx_nmr_spectrometer.field_strength 
_pdbx_nmr_spectrometer.type 
1 INOVA Varian 500 ? 
2 INOVA Varian 800 ? 
# 
_atom_sites.entry_id                    1OR5 
_atom_sites.fract_transf_matrix[1][1]   1.000000 
_atom_sites.fract_transf_matrix[1][2]   0.000000 
_atom_sites.fract_transf_matrix[1][3]   0.000000 
_atom_sites.fract_transf_matrix[2][1]   0.000000 
_atom_sites.fract_transf_matrix[2][2]   1.000000 
_atom_sites.fract_transf_matrix[2][3]   0.000000 
_atom_sites.fract_transf_matrix[3][1]   0.000000 
_atom_sites.fract_transf_matrix[3][2]   0.000000 
_atom_sites.fract_transf_matrix[3][3]   1.000000 
_atom_sites.fract_transf_vector[1]      0.00000 
_atom_sites.fract_transf_vector[2]      0.00000 
_atom_sites.fract_transf_vector[3]      0.00000 
# 
loop_
_atom_type.symbol 
C 
H 
N 
O 
# 
loop_
_atom_site.group_PDB 
_atom_site.id 
_atom_site.type_symbol 
_atom_site.label_atom_id 
_atom_site.label_alt_id 
_atom_site.label_comp_id 
_atom_site.label_asym_id 
_atom_site.label_entity_id 
_atom_site.label_seq_id 
_atom_site.pdbx_PDB_ins_code 
_atom_site.Cartn_x 
_atom_site.Cartn_y 
_atom_site.Cartn_z 
_atom_site.occupancy 
_atom_site.B_iso_or_equiv 
_atom_site.pdbx_formal_charge 
_atom_site.auth_seq_id 
_atom_site.auth_comp_id 
_atom_site.auth_asym_id 
_atom_site.auth_atom_id 
_atom_site.pdbx_PDB_model_num 
ATOM 1    N N    . SER A 1 2  ? -15.439 -5.211  -1.968  1.00 0.00 ? 1  SER A N    1 
ATOM 2    C CA   . SER A 1 2  ? -14.197 -5.237  -1.216  1.00 0.00 ? 1  SER A CA   1 
ATOM 3    C C    . SER A 1 2  ? -13.312 -6.386  -1.705  1.00 0.00 ? 1  SER A C    1 
ATOM 4    O O    . SER A 1 2  ? -13.258 -7.442  -1.078  1.00 0.00 ? 1  SER A O    1 
ATOM 5    C CB   . SER A 1 2  ? -14.464 -5.375  0.285   1.00 0.00 ? 1  SER A CB   1 
ATOM 6    O OG   . SER A 1 2  ? -15.241 -6.532  0.584   1.00 0.00 ? 1  SER A OG   1 
ATOM 7    H H    . SER A 1 2  ? -16.075 -4.486  -1.708  1.00 0.00 ? 1  SER A H    1 
ATOM 8    H HA   . SER A 1 2  ? -13.720 -4.276  -1.412  1.00 0.00 ? 1  SER A HA   1 
ATOM 9    H HB2  . SER A 1 2  ? -13.515 -5.426  0.819   1.00 0.00 ? 1  SER A HB2  1 
ATOM 10   H HB3  . SER A 1 2  ? -14.984 -4.487  0.643   1.00 0.00 ? 1  SER A HB3  1 
ATOM 11   H HG   . SER A 1 2  ? -16.036 -6.277  1.134   1.00 0.00 ? 1  SER A HG   1 
ATOM 12   N N    . ALA A 1 3  ? -12.640 -6.139  -2.819  1.00 0.00 ? 2  ALA A N    1 
ATOM 13   C CA   . ALA A 1 3  ? -11.758 -7.139  -3.399  1.00 0.00 ? 2  ALA A CA   1 
ATOM 14   C C    . ALA A 1 3  ? -10.477 -7.227  -2.566  1.00 0.00 ? 2  ALA A C    1 
ATOM 15   O O    . ALA A 1 3  ? -10.167 -8.278  -2.008  1.00 0.00 ? 2  ALA A O    1 
ATOM 16   C CB   . ALA A 1 3  ? -11.480 -6.788  -4.862  1.00 0.00 ? 2  ALA A CB   1 
ATOM 17   H H    . ALA A 1 3  ? -12.690 -5.277  -3.323  1.00 0.00 ? 2  ALA A H    1 
ATOM 18   H HA   . ALA A 1 3  ? -12.274 -8.098  -3.360  1.00 0.00 ? 2  ALA A HA   1 
ATOM 19   H HB1  . ALA A 1 3  ? -11.688 -7.655  -5.489  1.00 0.00 ? 2  ALA A HB1  1 
ATOM 20   H HB2  . ALA A 1 3  ? -12.119 -5.959  -5.165  1.00 0.00 ? 2  ALA A HB2  1 
ATOM 21   H HB3  . ALA A 1 3  ? -10.434 -6.501  -4.974  1.00 0.00 ? 2  ALA A HB3  1 
ATOM 22   N N    . LEU A 1 4  ? -9.768  -6.109  -2.509  1.00 0.00 ? 3  LEU A N    1 
ATOM 23   C CA   . LEU A 1 4  ? -8.529  -6.047  -1.754  1.00 0.00 ? 3  LEU A CA   1 
ATOM 24   C C    . LEU A 1 4  ? -8.753  -5.233  -0.478  1.00 0.00 ? 3  LEU A C    1 
ATOM 25   O O    . LEU A 1 4  ? -9.447  -4.218  -0.501  1.00 0.00 ? 3  LEU A O    1 
ATOM 26   C CB   . LEU A 1 4  ? -7.393  -5.515  -2.631  1.00 0.00 ? 3  LEU A CB   1 
ATOM 27   C CG   . LEU A 1 4  ? -6.071  -5.228  -1.917  1.00 0.00 ? 3  LEU A CG   1 
ATOM 28   C CD1  . LEU A 1 4  ? -4.885  -5.751  -2.727  1.00 0.00 ? 3  LEU A CD1  1 
ATOM 29   C CD2  . LEU A 1 4  ? -5.934  -3.738  -1.595  1.00 0.00 ? 3  LEU A CD2  1 
ATOM 30   H H    . LEU A 1 4  ? -10.028 -5.258  -2.967  1.00 0.00 ? 3  LEU A H    1 
ATOM 31   H HA   . LEU A 1 4  ? -8.266  -7.067  -1.472  1.00 0.00 ? 3  LEU A HA   1 
ATOM 32   H HB2  . LEU A 1 4  ? -7.205  -6.238  -3.425  1.00 0.00 ? 3  LEU A HB2  1 
ATOM 33   H HB3  . LEU A 1 4  ? -7.731  -4.596  -3.110  1.00 0.00 ? 3  LEU A HB3  1 
ATOM 34   H HG   . LEU A 1 4  ? -6.074  -5.763  -0.967  1.00 0.00 ? 3  LEU A HG   1 
ATOM 35   H HD11 . LEU A 1 4  ? -4.643  -5.041  -3.518  1.00 0.00 ? 3  LEU A HD11 1 
ATOM 36   H HD12 . LEU A 1 4  ? -4.022  -5.873  -2.072  1.00 0.00 ? 3  LEU A HD12 1 
ATOM 37   H HD13 . LEU A 1 4  ? -5.144  -6.713  -3.169  1.00 0.00 ? 3  LEU A HD13 1 
ATOM 38   H HD21 . LEU A 1 4  ? -5.119  -3.314  -2.183  1.00 0.00 ? 3  LEU A HD21 1 
ATOM 39   H HD22 . LEU A 1 4  ? -6.864  -3.226  -1.842  1.00 0.00 ? 3  LEU A HD22 1 
ATOM 40   H HD23 . LEU A 1 4  ? -5.720  -3.614  -0.533  1.00 0.00 ? 3  LEU A HD23 1 
ATOM 41   N N    . THR A 1 5  ? -8.154  -5.710  0.603   1.00 0.00 ? 4  THR A N    1 
ATOM 42   C CA   . THR A 1 5  ? -8.280  -5.039  1.885   1.00 0.00 ? 4  THR A CA   1 
ATOM 43   C C    . THR A 1 5  ? -6.899  -4.787  2.494   1.00 0.00 ? 4  THR A C    1 
ATOM 44   O O    . THR A 1 5  ? -5.895  -5.285  1.989   1.00 0.00 ? 4  THR A O    1 
ATOM 45   C CB   . THR A 1 5  ? -9.189  -5.889  2.776   1.00 0.00 ? 4  THR A CB   1 
ATOM 46   O OG1  . THR A 1 5  ? -8.977  -5.369  4.085   1.00 0.00 ? 4  THR A OG1  1 
ATOM 47   C CG2  . THR A 1 5  ? -8.724  -7.342  2.870   1.00 0.00 ? 4  THR A CG2  1 
ATOM 48   H H    . THR A 1 5  ? -7.591  -6.536  0.612   1.00 0.00 ? 4  THR A H    1 
ATOM 49   H HA   . THR A 1 5  ? -8.740  -4.064  1.720   1.00 0.00 ? 4  THR A HA   1 
ATOM 50   H HB   . THR A 1 5  ? -10.225 -5.833  2.439   1.00 0.00 ? 4  THR A HB   1 
ATOM 51   H HG1  . THR A 1 5  ? -9.855  -5.217  4.540   1.00 0.00 ? 4  THR A HG1  1 
ATOM 52   H HG21 . THR A 1 5  ? -9.481  -7.935  3.384   1.00 0.00 ? 4  THR A HG21 1 
ATOM 53   H HG22 . THR A 1 5  ? -8.569  -7.741  1.867   1.00 0.00 ? 4  THR A HG22 1 
ATOM 54   H HG23 . THR A 1 5  ? -7.788  -7.389  3.428   1.00 0.00 ? 4  THR A HG23 1 
ATOM 55   N N    . VAL A 1 6  ? -6.894  -4.012  3.568   1.00 0.00 ? 5  VAL A N    1 
ATOM 56   C CA   . VAL A 1 6  ? -5.653  -3.687  4.250   1.00 0.00 ? 5  VAL A CA   1 
ATOM 57   C C    . VAL A 1 6  ? -5.033  -4.968  4.811   1.00 0.00 ? 5  VAL A C    1 
ATOM 58   O O    . VAL A 1 6  ? -3.877  -4.971  5.228   1.00 0.00 ? 5  VAL A O    1 
ATOM 59   C CB   . VAL A 1 6  ? -5.908  -2.627  5.324   1.00 0.00 ? 5  VAL A CB   1 
ATOM 60   C CG1  . VAL A 1 6  ? -6.257  -3.276  6.664   1.00 0.00 ? 5  VAL A CG1  1 
ATOM 61   C CG2  . VAL A 1 6  ? -4.706  -1.689  5.464   1.00 0.00 ? 5  VAL A CG2  1 
ATOM 62   H H    . VAL A 1 6  ? -7.716  -3.611  3.972   1.00 0.00 ? 5  VAL A H    1 
ATOM 63   H HA   . VAL A 1 6  ? -4.973  -3.262  3.512   1.00 0.00 ? 5  VAL A HA   1 
ATOM 64   H HB   . VAL A 1 6  ? -6.763  -2.029  5.008   1.00 0.00 ? 5  VAL A HB   1 
ATOM 65   H HG11 . VAL A 1 6  ? -7.285  -3.639  6.636   1.00 0.00 ? 5  VAL A HG11 1 
ATOM 66   H HG12 . VAL A 1 6  ? -5.583  -4.111  6.849   1.00 0.00 ? 5  VAL A HG12 1 
ATOM 67   H HG13 . VAL A 1 6  ? -6.153  -2.541  7.462   1.00 0.00 ? 5  VAL A HG13 1 
ATOM 68   H HG21 . VAL A 1 6  ? -3.788  -2.246  5.281   1.00 0.00 ? 5  VAL A HG21 1 
ATOM 69   H HG22 . VAL A 1 6  ? -4.791  -0.879  4.741   1.00 0.00 ? 5  VAL A HG22 1 
ATOM 70   H HG23 . VAL A 1 6  ? -4.686  -1.274  6.472   1.00 0.00 ? 5  VAL A HG23 1 
ATOM 71   N N    . ASP A 1 7  ? -5.831  -6.026  4.804   1.00 0.00 ? 6  ASP A N    1 
ATOM 72   C CA   . ASP A 1 7  ? -5.376  -7.310  5.307   1.00 0.00 ? 6  ASP A CA   1 
ATOM 73   C C    . ASP A 1 7  ? -4.492  -7.982  4.253   1.00 0.00 ? 6  ASP A C    1 
ATOM 74   O O    . ASP A 1 7  ? -3.355  -8.353  4.538   1.00 0.00 ? 6  ASP A O    1 
ATOM 75   C CB   . ASP A 1 7  ? -6.557  -8.240  5.595   1.00 0.00 ? 6  ASP A CB   1 
ATOM 76   C CG   . ASP A 1 7  ? -6.541  -8.897  6.977   1.00 0.00 ? 6  ASP A CG   1 
ATOM 77   O OD1  . ASP A 1 7  ? -5.570  -8.763  7.736   1.00 0.00 ? 6  ASP A OD1  1 
ATOM 78   O OD2  . ASP A 1 7  ? -7.596  -9.580  7.267   1.00 0.00 ? 6  ASP A OD2  1 
ATOM 79   H H    . ASP A 1 7  ? -6.771  -6.014  4.463   1.00 0.00 ? 6  ASP A H    1 
ATOM 80   H HA   . ASP A 1 7  ? -4.832  -7.082  6.224   1.00 0.00 ? 6  ASP A HA   1 
ATOM 81   H HB2  . ASP A 1 7  ? -7.481  -7.671  5.490   1.00 0.00 ? 6  ASP A HB2  1 
ATOM 82   H HB3  . ASP A 1 7  ? -6.578  -9.023  4.837   1.00 0.00 ? 6  ASP A HB3  1 
ATOM 83   H HD2  . ASP A 1 7  ? -8.367  -8.965  7.434   1.00 0.00 ? 6  ASP A HD2  1 
ATOM 84   N N    . ASP A 1 8  ? -5.050  -8.116  3.060   1.00 0.00 ? 7  ASP A N    1 
ATOM 85   C CA   . ASP A 1 8  ? -4.327  -8.736  1.962   1.00 0.00 ? 7  ASP A CA   1 
ATOM 86   C C    . ASP A 1 8  ? -3.196  -7.807  1.513   1.00 0.00 ? 7  ASP A C    1 
ATOM 87   O O    . ASP A 1 8  ? -2.178  -8.268  1.000   1.00 0.00 ? 7  ASP A O    1 
ATOM 88   C CB   . ASP A 1 8  ? -5.245  -8.977  0.763   1.00 0.00 ? 7  ASP A CB   1 
ATOM 89   C CG   . ASP A 1 8  ? -5.613  -10.441 0.513   1.00 0.00 ? 7  ASP A CG   1 
ATOM 90   O OD1  . ASP A 1 8  ? -6.118  -11.134 1.409   1.00 0.00 ? 7  ASP A OD1  1 
ATOM 91   O OD2  . ASP A 1 8  ? -5.357  -10.873 -0.675  1.00 0.00 ? 7  ASP A OD2  1 
ATOM 92   H H    . ASP A 1 8  ? -5.976  -7.812  2.837   1.00 0.00 ? 7  ASP A H    1 
ATOM 93   H HA   . ASP A 1 8  ? -3.957  -9.682  2.360   1.00 0.00 ? 7  ASP A HA   1 
ATOM 94   H HB2  . ASP A 1 8  ? -6.163  -8.408  0.908   1.00 0.00 ? 7  ASP A HB2  1 
ATOM 95   H HB3  . ASP A 1 8  ? -4.763  -8.582  -0.130  1.00 0.00 ? 7  ASP A HB3  1 
ATOM 96   H HD2  . ASP A 1 8  ? -4.473  -11.340 -0.686  1.00 0.00 ? 7  ASP A HD2  1 
ATOM 97   N N    . LEU A 1 9  ? -3.415  -6.518  1.723   1.00 0.00 ? 8  LEU A N    1 
ATOM 98   C CA   . LEU A 1 9  ? -2.427  -5.521  1.346   1.00 0.00 ? 8  LEU A CA   1 
ATOM 99   C C    . LEU A 1 9  ? -1.315  -5.488  2.395   1.00 0.00 ? 8  LEU A C    1 
ATOM 100  O O    . LEU A 1 9  ? -0.134  -5.458  2.054   1.00 0.00 ? 8  LEU A O    1 
ATOM 101  C CB   . LEU A 1 9  ? -3.097  -4.164  1.115   1.00 0.00 ? 8  LEU A CB   1 
ATOM 102  C CG   . LEU A 1 9  ? -2.185  -3.043  0.612   1.00 0.00 ? 8  LEU A CG   1 
ATOM 103  C CD1  . LEU A 1 9  ? -1.328  -2.482  1.749   1.00 0.00 ? 8  LEU A CD1  1 
ATOM 104  C CD2  . LEU A 1 9  ? -1.333  -3.518  -0.567  1.00 0.00 ? 8  LEU A CD2  1 
ATOM 105  H H    . LEU A 1 9  ? -4.246  -6.152  2.141   1.00 0.00 ? 8  LEU A H    1 
ATOM 106  H HA   . LEU A 1 9  ? -1.995  -5.833  0.395   1.00 0.00 ? 8  LEU A HA   1 
ATOM 107  H HB2  . LEU A 1 9  ? -3.905  -4.298  0.397   1.00 0.00 ? 8  LEU A HB2  1 
ATOM 108  H HB3  . LEU A 1 9  ? -3.552  -3.843  2.052   1.00 0.00 ? 8  LEU A HB3  1 
ATOM 109  H HG   . LEU A 1 9  ? -2.812  -2.229  0.250   1.00 0.00 ? 8  LEU A HG   1 
ATOM 110  H HD11 . LEU A 1 9  ? -0.807  -1.588  1.405   1.00 0.00 ? 8  LEU A HD11 1 
ATOM 111  H HD12 . LEU A 1 9  ? -1.968  -2.226  2.595   1.00 0.00 ? 8  LEU A HD12 1 
ATOM 112  H HD13 . LEU A 1 9  ? -0.599  -3.231  2.059   1.00 0.00 ? 8  LEU A HD13 1 
ATOM 113  H HD21 . LEU A 1 9  ? -1.970  -4.014  -1.298  1.00 0.00 ? 8  LEU A HD21 1 
ATOM 114  H HD22 . LEU A 1 9  ? -0.847  -2.659  -1.031  1.00 0.00 ? 8  LEU A HD22 1 
ATOM 115  H HD23 . LEU A 1 9  ? -0.574  -4.215  -0.210  1.00 0.00 ? 8  LEU A HD23 1 
ATOM 116  N N    . LYS A 1 10 ? -1.732  -5.495  3.654   1.00 0.00 ? 9  LYS A N    1 
ATOM 117  C CA   . LYS A 1 10 ? -0.786  -5.466  4.756   1.00 0.00 ? 9  LYS A CA   1 
ATOM 118  C C    . LYS A 1 10 ? 0.241   -6.583  4.570   1.00 0.00 ? 9  LYS A C    1 
ATOM 119  O O    . LYS A 1 10 ? 1.445   -6.330  4.561   1.00 0.00 ? 9  LYS A O    1 
ATOM 120  C CB   . LYS A 1 10 ? -1.523  -5.526  6.095   1.00 0.00 ? 9  LYS A CB   1 
ATOM 121  C CG   . LYS A 1 10 ? -0.561  -5.867  7.236   1.00 0.00 ? 9  LYS A CG   1 
ATOM 122  C CD   . LYS A 1 10 ? -1.292  -5.898  8.579   1.00 0.00 ? 9  LYS A CD   1 
ATOM 123  C CE   . LYS A 1 10 ? -1.365  -7.323  9.131   1.00 0.00 ? 9  LYS A CE   1 
ATOM 124  N NZ   . LYS A 1 10 ? -2.451  -7.437  10.131  1.00 0.00 ? 9  LYS A NZ   1 
ATOM 125  H H    . LYS A 1 10 ? -2.695  -5.519  3.922   1.00 0.00 ? 9  LYS A H    1 
ATOM 126  H HA   . LYS A 1 10 ? -0.268  -4.508  4.716   1.00 0.00 ? 9  LYS A HA   1 
ATOM 127  H HB2  . LYS A 1 10 ? -2.003  -4.567  6.295   1.00 0.00 ? 9  LYS A HB2  1 
ATOM 128  H HB3  . LYS A 1 10 ? -2.315  -6.273  6.047   1.00 0.00 ? 9  LYS A HB3  1 
ATOM 129  H HG2  . LYS A 1 10 ? -0.098  -6.836  7.047   1.00 0.00 ? 9  LYS A HG2  1 
ATOM 130  H HG3  . LYS A 1 10 ? 0.241   -5.131  7.272   1.00 0.00 ? 9  LYS A HG3  1 
ATOM 131  H HD2  . LYS A 1 10 ? -0.778  -5.255  9.293   1.00 0.00 ? 9  LYS A HD2  1 
ATOM 132  H HD3  . LYS A 1 10 ? -2.300  -5.499  8.459   1.00 0.00 ? 9  LYS A HD3  1 
ATOM 133  H HE2  . LYS A 1 10 ? -1.539  -8.026  8.316   1.00 0.00 ? 9  LYS A HE2  1 
ATOM 134  H HE3  . LYS A 1 10 ? -0.414  -7.593  9.586   1.00 0.00 ? 9  LYS A HE3  1 
ATOM 135  H HZ1  . LYS A 1 10 ? -3.368  -7.392  9.703   1.00 0.00 ? 9  LYS A HZ1  1 
ATOM 136  H HZ2  . LYS A 1 10 ? -2.407  -8.313  10.641  1.00 0.00 ? 9  LYS A HZ2  1 
ATOM 137  N N    . LYS A 1 11 ? -0.270  -7.797  4.424   1.00 0.00 ? 10 LYS A N    1 
ATOM 138  C CA   . LYS A 1 11 ? 0.589   -8.954  4.238   1.00 0.00 ? 10 LYS A CA   1 
ATOM 139  C C    . LYS A 1 11 ? 1.549   -8.689  3.077   1.00 0.00 ? 10 LYS A C    1 
ATOM 140  O O    . LYS A 1 11 ? 2.700   -9.123  3.107   1.00 0.00 ? 10 LYS A O    1 
ATOM 141  C CB   . LYS A 1 11 ? -0.251  -10.222 4.065   1.00 0.00 ? 10 LYS A CB   1 
ATOM 142  C CG   . LYS A 1 11 ? -0.454  -10.547 2.584   1.00 0.00 ? 10 LYS A CG   1 
ATOM 143  C CD   . LYS A 1 11 ? -1.209  -11.866 2.411   1.00 0.00 ? 10 LYS A CD   1 
ATOM 144  C CE   . LYS A 1 11 ? -0.282  -13.062 2.635   1.00 0.00 ? 10 LYS A CE   1 
ATOM 145  N NZ   . LYS A 1 11 ? -0.998  -14.329 2.368   1.00 0.00 ? 10 LYS A NZ   1 
ATOM 146  H H    . LYS A 1 11 ? -1.251  -7.995  4.431   1.00 0.00 ? 10 LYS A H    1 
ATOM 147  H HA   . LYS A 1 11 ? 1.174   -9.076  5.150   1.00 0.00 ? 10 LYS A HA   1 
ATOM 148  H HB2  . LYS A 1 11 ? 0.242   -11.059 4.561   1.00 0.00 ? 10 LYS A HB2  1 
ATOM 149  H HB3  . LYS A 1 11 ? -1.218  -10.090 4.549   1.00 0.00 ? 10 LYS A HB3  1 
ATOM 150  H HG2  . LYS A 1 11 ? -1.010  -9.740  2.105   1.00 0.00 ? 10 LYS A HG2  1 
ATOM 151  H HG3  . LYS A 1 11 ? 0.513   -10.609 2.085   1.00 0.00 ? 10 LYS A HG3  1 
ATOM 152  H HD2  . LYS A 1 11 ? -2.041  -11.909 3.116   1.00 0.00 ? 10 LYS A HD2  1 
ATOM 153  H HD3  . LYS A 1 11 ? -1.638  -11.916 1.411   1.00 0.00 ? 10 LYS A HD3  1 
ATOM 154  H HE2  . LYS A 1 11 ? 0.587   -12.984 1.981   1.00 0.00 ? 10 LYS A HE2  1 
ATOM 155  H HE3  . LYS A 1 11 ? 0.089   -13.056 3.660   1.00 0.00 ? 10 LYS A HE3  1 
ATOM 156  H HZ1  . LYS A 1 11 ? -0.721  -15.065 3.011   1.00 0.00 ? 10 LYS A HZ1  1 
ATOM 157  H HZ2  . LYS A 1 11 ? -2.002  -14.225 2.458   1.00 0.00 ? 10 LYS A HZ2  1 
ATOM 158  N N    . LEU A 1 12 ? 1.041   -7.979  2.080   1.00 0.00 ? 11 LEU A N    1 
ATOM 159  C CA   . LEU A 1 12 ? 1.839   -7.652  0.911   1.00 0.00 ? 11 LEU A CA   1 
ATOM 160  C C    . LEU A 1 12 ? 2.865   -6.581  1.284   1.00 0.00 ? 11 LEU A C    1 
ATOM 161  O O    . LEU A 1 12 ? 3.954   -6.534  0.714   1.00 0.00 ? 11 LEU A O    1 
ATOM 162  C CB   . LEU A 1 12 ? 0.938   -7.258  -0.260  1.00 0.00 ? 11 LEU A CB   1 
ATOM 163  C CG   . LEU A 1 12 ? 1.242   -7.937  -1.598  1.00 0.00 ? 11 LEU A CG   1 
ATOM 164  C CD1  . LEU A 1 12 ? 0.100   -7.724  -2.593  1.00 0.00 ? 11 LEU A CD1  1 
ATOM 165  C CD2  . LEU A 1 12 ? 2.586   -7.465  -2.158  1.00 0.00 ? 11 LEU A CD2  1 
ATOM 166  H H    . LEU A 1 12 ? 0.104   -7.631  2.063   1.00 0.00 ? 11 LEU A H    1 
ATOM 167  H HA   . LEU A 1 12 ? 2.375   -8.555  0.618   1.00 0.00 ? 11 LEU A HA   1 
ATOM 168  H HB2  . LEU A 1 12 ? -0.095  -7.482  0.011   1.00 0.00 ? 11 LEU A HB2  1 
ATOM 169  H HB3  . LEU A 1 12 ? 1.005   -6.180  -0.399  1.00 0.00 ? 11 LEU A HB3  1 
ATOM 170  H HG   . LEU A 1 12 ? 1.323   -9.010  -1.426  1.00 0.00 ? 11 LEU A HG   1 
ATOM 171  H HD11 . LEU A 1 12 ? 0.489   -7.261  -3.499  1.00 0.00 ? 11 LEU A HD11 1 
ATOM 172  H HD12 . LEU A 1 12 ? -0.350  -8.686  -2.840  1.00 0.00 ? 11 LEU A HD12 1 
ATOM 173  H HD13 . LEU A 1 12 ? -0.654  -7.074  -2.148  1.00 0.00 ? 11 LEU A HD13 1 
ATOM 174  H HD21 . LEU A 1 12 ? 3.065   -8.286  -2.691  1.00 0.00 ? 11 LEU A HD21 1 
ATOM 175  H HD22 . LEU A 1 12 ? 2.422   -6.633  -2.843  1.00 0.00 ? 11 LEU A HD22 1 
ATOM 176  H HD23 . LEU A 1 12 ? 3.227   -7.141  -1.338  1.00 0.00 ? 11 LEU A HD23 1 
ATOM 177  N N    . LEU A 1 13 ? 2.482   -5.745  2.238   1.00 0.00 ? 12 LEU A N    1 
ATOM 178  C CA   . LEU A 1 13 ? 3.356   -4.677  2.694   1.00 0.00 ? 12 LEU A CA   1 
ATOM 179  C C    . LEU A 1 13 ? 4.563   -5.283  3.413   1.00 0.00 ? 12 LEU A C    1 
ATOM 180  O O    . LEU A 1 13 ? 5.703   -4.912  3.139   1.00 0.00 ? 12 LEU A O    1 
ATOM 181  C CB   . LEU A 1 13 ? 2.575   -3.672  3.543   1.00 0.00 ? 12 LEU A CB   1 
ATOM 182  C CG   . LEU A 1 13 ? 1.913   -2.521  2.781   1.00 0.00 ? 12 LEU A CG   1 
ATOM 183  C CD1  . LEU A 1 13 ? 0.920   -1.774  3.672   1.00 0.00 ? 12 LEU A CD1  1 
ATOM 184  C CD2  . LEU A 1 13 ? 2.965   -1.584  2.183   1.00 0.00 ? 12 LEU A CD2  1 
ATOM 185  H H    . LEU A 1 13 ? 1.594   -5.790  2.697   1.00 0.00 ? 12 LEU A H    1 
ATOM 186  H HA   . LEU A 1 13 ? 3.710   -4.147  1.811   1.00 0.00 ? 12 LEU A HA   1 
ATOM 187  H HB2  . LEU A 1 13 ? 1.801   -4.211  4.090   1.00 0.00 ? 12 LEU A HB2  1 
ATOM 188  H HB3  . LEU A 1 13 ? 3.253   -3.249  4.284   1.00 0.00 ? 12 LEU A HB3  1 
ATOM 189  H HG   . LEU A 1 13 ? 1.347   -2.942  1.950   1.00 0.00 ? 12 LEU A HG   1 
ATOM 190  H HD11 . LEU A 1 13 ? 1.344   -1.655  4.669   1.00 0.00 ? 12 LEU A HD11 1 
ATOM 191  H HD12 . LEU A 1 13 ? 0.715   -0.793  3.245   1.00 0.00 ? 12 LEU A HD12 1 
ATOM 192  H HD13 . LEU A 1 13 ? -0.009  -2.342  3.738   1.00 0.00 ? 12 LEU A HD13 1 
ATOM 193  H HD21 . LEU A 1 13 ? 3.827   -2.166  1.856   1.00 0.00 ? 12 LEU A HD21 1 
ATOM 194  H HD22 . LEU A 1 13 ? 2.538   -1.056  1.330   1.00 0.00 ? 12 LEU A HD22 1 
ATOM 195  H HD23 . LEU A 1 13 ? 3.279   -0.862  2.938   1.00 0.00 ? 12 LEU A HD23 1 
ATOM 196  N N    . ALA A 1 14 ? 4.270   -6.204  4.319   1.00 0.00 ? 13 ALA A N    1 
ATOM 197  C CA   . ALA A 1 14 ? 5.317   -6.865  5.079   1.00 0.00 ? 13 ALA A CA   1 
ATOM 198  C C    . ALA A 1 14 ? 6.205   -7.668  4.126   1.00 0.00 ? 13 ALA A C    1 
ATOM 199  O O    . ALA A 1 14 ? 7.387   -7.365  3.970   1.00 0.00 ? 13 ALA A O    1 
ATOM 200  C CB   . ALA A 1 14 ? 4.687   -7.740  6.165   1.00 0.00 ? 13 ALA A CB   1 
ATOM 201  H H    . ALA A 1 14 ? 3.340   -6.499  4.536   1.00 0.00 ? 13 ALA A H    1 
ATOM 202  H HA   . ALA A 1 14 ? 5.919   -6.091  5.558   1.00 0.00 ? 13 ALA A HA   1 
ATOM 203  H HB1  . ALA A 1 14 ? 4.501   -8.736  5.765   1.00 0.00 ? 13 ALA A HB1  1 
ATOM 204  H HB2  . ALA A 1 14 ? 5.365   -7.810  7.015   1.00 0.00 ? 13 ALA A HB2  1 
ATOM 205  H HB3  . ALA A 1 14 ? 3.745   -7.296  6.487   1.00 0.00 ? 13 ALA A HB3  1 
ATOM 206  N N    . GLU A 1 15 ? 5.601   -8.676  3.514   1.00 0.00 ? 14 GLU A N    1 
ATOM 207  C CA   . GLU A 1 15 ? 6.322   -9.525  2.580   1.00 0.00 ? 14 GLU A CA   1 
ATOM 208  C C    . GLU A 1 15 ? 7.328   -8.697  1.779   1.00 0.00 ? 14 GLU A C    1 
ATOM 209  O O    . GLU A 1 15 ? 8.472   -9.111  1.595   1.00 0.00 ? 14 GLU A O    1 
ATOM 210  C CB   . GLU A 1 15 ? 5.356   -10.261 1.652   1.00 0.00 ? 14 GLU A CB   1 
ATOM 211  C CG   . GLU A 1 15 ? 5.737   -11.738 1.522   1.00 0.00 ? 14 GLU A CG   1 
ATOM 212  C CD   . GLU A 1 15 ? 5.523   -12.236 0.091   1.00 0.00 ? 14 GLU A CD   1 
ATOM 213  O OE1  . GLU A 1 15 ? 5.427   -11.424 -0.840  1.00 0.00 ? 14 GLU A OE1  1 
ATOM 214  O OE2  . GLU A 1 15 ? 5.459   -13.518 -0.034  1.00 0.00 ? 14 GLU A OE2  1 
ATOM 215  H H    . GLU A 1 15 ? 4.639   -8.915  3.646   1.00 0.00 ? 14 GLU A H    1 
ATOM 216  H HA   . GLU A 1 15 ? 6.849   -10.252 3.197   1.00 0.00 ? 14 GLU A HA   1 
ATOM 217  H HB2  . GLU A 1 15 ? 4.340   -10.178 2.037   1.00 0.00 ? 14 GLU A HB2  1 
ATOM 218  H HB3  . GLU A 1 15 ? 5.362   -9.793  0.667   1.00 0.00 ? 14 GLU A HB3  1 
ATOM 219  H HG2  . GLU A 1 15 ? 6.782   -11.872 1.806   1.00 0.00 ? 14 GLU A HG2  1 
ATOM 220  H HG3  . GLU A 1 15 ? 5.139   -12.333 2.213   1.00 0.00 ? 14 GLU A HG3  1 
ATOM 221  H HE2  . GLU A 1 15 ? 5.870   -13.962 0.762   1.00 0.00 ? 14 GLU A HE2  1 
ATOM 222  N N    . THR A 1 16 ? 6.867   -7.541  1.323   1.00 0.00 ? 15 THR A N    1 
ATOM 223  C CA   . THR A 1 16 ? 7.712   -6.652  0.546   1.00 0.00 ? 15 THR A CA   1 
ATOM 224  C C    . THR A 1 16 ? 8.651   -5.869  1.466   1.00 0.00 ? 15 THR A C    1 
ATOM 225  O O    . THR A 1 16 ? 9.871   -5.997  1.368   1.00 0.00 ? 15 THR A O    1 
ATOM 226  C CB   . THR A 1 16 ? 6.806   -5.756  -0.300  1.00 0.00 ? 15 THR A CB   1 
ATOM 227  O OG1  . THR A 1 16 ? 6.658   -6.470  -1.525  1.00 0.00 ? 15 THR A OG1  1 
ATOM 228  C CG2  . THR A 1 16 ? 7.489   -4.450  -0.711  1.00 0.00 ? 15 THR A CG2  1 
ATOM 229  H H    . THR A 1 16 ? 5.935   -7.212  1.477   1.00 0.00 ? 15 THR A H    1 
ATOM 230  H HA   . THR A 1 16 ? 8.339   -7.258  -0.109  1.00 0.00 ? 15 THR A HA   1 
ATOM 231  H HB   . THR A 1 16 ? 5.865   -5.559  0.213   1.00 0.00 ? 15 THR A HB   1 
ATOM 232  H HG1  . THR A 1 16 ? 5.838   -7.042  -1.491  1.00 0.00 ? 15 THR A HG1  1 
ATOM 233  H HG21 . THR A 1 16 ? 7.242   -3.669  0.009   1.00 0.00 ? 15 THR A HG21 1 
ATOM 234  H HG22 . THR A 1 16 ? 8.569   -4.596  -0.731  1.00 0.00 ? 15 THR A HG22 1 
ATOM 235  H HG23 . THR A 1 16 ? 7.143   -4.154  -1.701  1.00 0.00 ? 15 THR A HG23 1 
ATOM 236  N N    . ALA A 1 17 ? 8.047   -5.077  2.339   1.00 0.00 ? 16 ALA A N    1 
ATOM 237  C CA   . ALA A 1 17 ? 8.814   -4.273  3.275   1.00 0.00 ? 16 ALA A CA   1 
ATOM 238  C C    . ALA A 1 17 ? 9.688   -5.191  4.132   1.00 0.00 ? 16 ALA A C    1 
ATOM 239  O O    . ALA A 1 17 ? 10.900  -5.264  3.934   1.00 0.00 ? 16 ALA A O    1 
ATOM 240  C CB   . ALA A 1 17 ? 7.862   -3.421  4.118   1.00 0.00 ? 16 ALA A CB   1 
ATOM 241  H H    . ALA A 1 17 ? 7.056   -4.979  2.412   1.00 0.00 ? 16 ALA A H    1 
ATOM 242  H HA   . ALA A 1 17 ? 9.457   -3.611  2.696   1.00 0.00 ? 16 ALA A HA   1 
ATOM 243  H HB1  . ALA A 1 17 ? 7.148   -2.921  3.463   1.00 0.00 ? 16 ALA A HB1  1 
ATOM 244  H HB2  . ALA A 1 17 ? 7.326   -4.062  4.818   1.00 0.00 ? 16 ALA A HB2  1 
ATOM 245  H HB3  . ALA A 1 17 ? 8.433   -2.676  4.670   1.00 0.00 ? 16 ALA A HB3  1 
ATOM 246  N N    . GLY A 1 18 ? 9.038   -5.869  5.067   1.00 0.00 ? 17 GLY A N    1 
ATOM 247  C CA   . GLY A 1 18 ? 9.741   -6.780  5.956   1.00 0.00 ? 17 GLY A CA   1 
ATOM 248  C C    . GLY A 1 18 ? 9.548   -6.377  7.419   1.00 0.00 ? 17 GLY A C    1 
ATOM 249  O O    . GLY A 1 18 ? 10.519  -6.120  8.128   1.00 0.00 ? 17 GLY A O    1 
ATOM 250  H H    . GLY A 1 18 ? 8.053   -5.803  5.223   1.00 0.00 ? 17 GLY A H    1 
ATOM 251  H HA2  . GLY A 1 18 ? 9.375   -7.796  5.804   1.00 0.00 ? 17 GLY A HA2  1 
ATOM 252  H HA3  . GLY A 1 18 ? 10.803  -6.784  5.713   1.00 0.00 ? 17 GLY A HA3  1 
ATOM 253  N N    . GLU A 1 19 ? 8.288   -6.334  7.827   1.00 0.00 ? 18 GLU A N    1 
ATOM 254  C CA   . GLU A 1 19 ? 7.956   -5.965  9.193   1.00 0.00 ? 18 GLU A CA   1 
ATOM 255  C C    . GLU A 1 19 ? 7.152   -7.083  9.862   1.00 0.00 ? 18 GLU A C    1 
ATOM 256  O O    . GLU A 1 19 ? 5.949   -6.943  10.077  1.00 0.00 ? 18 GLU A O    1 
ATOM 257  C CB   . GLU A 1 19 ? 7.192   -4.640  9.233   1.00 0.00 ? 18 GLU A CB   1 
ATOM 258  C CG   . GLU A 1 19 ? 8.118   -3.465  8.915   1.00 0.00 ? 18 GLU A CG   1 
ATOM 259  C CD   . GLU A 1 19 ? 7.609   -2.175  9.562   1.00 0.00 ? 18 GLU A CD   1 
ATOM 260  O OE1  . GLU A 1 19 ? 6.437   -2.103  9.962   1.00 0.00 ? 18 GLU A OE1  1 
ATOM 261  O OE2  . GLU A 1 19 ? 8.478   -1.226  9.645   1.00 0.00 ? 18 GLU A OE2  1 
ATOM 262  H H    . GLU A 1 19 ? 7.504   -6.544  7.243   1.00 0.00 ? 18 GLU A H    1 
ATOM 263  H HA   . GLU A 1 19 ? 8.912   -5.843  9.701   1.00 0.00 ? 18 GLU A HA   1 
ATOM 264  H HB2  . GLU A 1 19 ? 6.373   -4.667  8.516   1.00 0.00 ? 18 GLU A HB2  1 
ATOM 265  H HB3  . GLU A 1 19 ? 6.749   -4.502  10.219  1.00 0.00 ? 18 GLU A HB3  1 
ATOM 266  H HG2  . GLU A 1 19 ? 9.124   -3.683  9.272   1.00 0.00 ? 18 GLU A HG2  1 
ATOM 267  H HG3  . GLU A 1 19 ? 8.185   -3.332  7.835   1.00 0.00 ? 18 GLU A HG3  1 
ATOM 268  H HE2  . GLU A 1 19 ? 8.244   -0.612  10.398  1.00 0.00 ? 18 GLU A HE2  1 
ATOM 269  N N    . ASP A 1 20 ? 7.850   -8.165  10.173  1.00 0.00 ? 19 ASP A N    1 
ATOM 270  C CA   . ASP A 1 20 ? 7.216   -9.305  10.814  1.00 0.00 ? 19 ASP A CA   1 
ATOM 271  C C    . ASP A 1 20 ? 7.555   -9.299  12.306  1.00 0.00 ? 19 ASP A C    1 
ATOM 272  O O    . ASP A 1 20 ? 8.172   -10.236 12.809  1.00 0.00 ? 19 ASP A O    1 
ATOM 273  C CB   . ASP A 1 20 ? 7.721   -10.621 10.220  1.00 0.00 ? 19 ASP A CB   1 
ATOM 274  C CG   . ASP A 1 20 ? 9.240   -10.724 10.071  1.00 0.00 ? 19 ASP A CG   1 
ATOM 275  O OD1  . ASP A 1 20 ? 9.998   -10.041 10.775  1.00 0.00 ? 19 ASP A OD1  1 
ATOM 276  O OD2  . ASP A 1 20 ? 9.645   -11.558 9.174   1.00 0.00 ? 19 ASP A OD2  1 
ATOM 277  H H    . ASP A 1 20 ? 8.828   -8.271  9.995   1.00 0.00 ? 19 ASP A H    1 
ATOM 278  H HA   . ASP A 1 20 ? 6.149   -9.181  10.628  1.00 0.00 ? 19 ASP A HA   1 
ATOM 279  H HB2  . ASP A 1 20 ? 7.376   -11.442 10.849  1.00 0.00 ? 19 ASP A HB2  1 
ATOM 280  H HB3  . ASP A 1 20 ? 7.265   -10.760 9.239   1.00 0.00 ? 19 ASP A HB3  1 
ATOM 281  H HD2  . ASP A 1 20 ? 10.636  -11.486 9.063   1.00 0.00 ? 19 ASP A HD2  1 
ATOM 282  N N    . ASP A 1 21 ? 7.135   -8.233  12.971  1.00 0.00 ? 20 ASP A N    1 
ATOM 283  C CA   . ASP A 1 21 ? 7.386   -8.092  14.395  1.00 0.00 ? 20 ASP A CA   1 
ATOM 284  C C    . ASP A 1 21 ? 6.204   -7.375  15.049  1.00 0.00 ? 20 ASP A C    1 
ATOM 285  O O    . ASP A 1 21 ? 5.707   -7.809  16.087  1.00 0.00 ? 20 ASP A O    1 
ATOM 286  C CB   . ASP A 1 21 ? 8.644   -7.262  14.654  1.00 0.00 ? 20 ASP A CB   1 
ATOM 287  C CG   . ASP A 1 21 ? 9.962   -8.029  14.530  1.00 0.00 ? 20 ASP A CG   1 
ATOM 288  O OD1  . ASP A 1 21 ? 10.302  -8.547  13.456  1.00 0.00 ? 20 ASP A OD1  1 
ATOM 289  O OD2  . ASP A 1 21 ? 10.664  -8.085  15.612  1.00 0.00 ? 20 ASP A OD2  1 
ATOM 290  H H    . ASP A 1 21 ? 6.634   -7.475  12.553  1.00 0.00 ? 20 ASP A H    1 
ATOM 291  H HA   . ASP A 1 21 ? 7.513   -9.110  14.765  1.00 0.00 ? 20 ASP A HA   1 
ATOM 292  H HB2  . ASP A 1 21 ? 8.661   -6.427  13.953  1.00 0.00 ? 20 ASP A HB2  1 
ATOM 293  H HB3  . ASP A 1 21 ? 8.581   -6.836  15.655  1.00 0.00 ? 20 ASP A HB3  1 
ATOM 294  H HD2  . ASP A 1 21 ? 10.322  -7.419  16.275  1.00 0.00 ? 20 ASP A HD2  1 
ATOM 295  N N    . SER A 1 22 ? 5.787   -6.289  14.414  1.00 0.00 ? 21 SER A N    1 
ATOM 296  C CA   . SER A 1 22 ? 4.672   -5.507  14.921  1.00 0.00 ? 21 SER A CA   1 
ATOM 297  C C    . SER A 1 22 ? 4.105   -4.622  13.810  1.00 0.00 ? 21 SER A C    1 
ATOM 298  O O    . SER A 1 22 ? 4.012   -3.406  13.966  1.00 0.00 ? 21 SER A O    1 
ATOM 299  C CB   . SER A 1 22 ? 5.098   -4.651  16.115  1.00 0.00 ? 21 SER A CB   1 
ATOM 300  O OG   . SER A 1 22 ? 4.242   -4.839  17.240  1.00 0.00 ? 21 SER A OG   1 
ATOM 301  H H    . SER A 1 22 ? 6.197   -5.942  13.572  1.00 0.00 ? 21 SER A H    1 
ATOM 302  H HA   . SER A 1 22 ? 3.930   -6.237  15.245  1.00 0.00 ? 21 SER A HA   1 
ATOM 303  H HB2  . SER A 1 22 ? 6.122   -4.900  16.395  1.00 0.00 ? 21 SER A HB2  1 
ATOM 304  H HB3  . SER A 1 22 ? 5.093   -3.599  15.828  1.00 0.00 ? 21 SER A HB3  1 
ATOM 305  H HG   . SER A 1 22 ? 3.950   -5.794  17.292  1.00 0.00 ? 21 SER A HG   1 
ATOM 306  N N    . VAL A 1 23 ? 3.742   -5.268  12.711  1.00 0.00 ? 22 VAL A N    1 
ATOM 307  C CA   . VAL A 1 23 ? 3.187   -4.554  11.573  1.00 0.00 ? 22 VAL A CA   1 
ATOM 308  C C    . VAL A 1 23 ? 1.659   -4.608  11.639  1.00 0.00 ? 22 VAL A C    1 
ATOM 309  O O    . VAL A 1 23 ? 1.009   -5.046  10.691  1.00 0.00 ? 22 VAL A O    1 
ATOM 310  C CB   . VAL A 1 23 ? 3.750   -5.128  10.271  1.00 0.00 ? 22 VAL A CB   1 
ATOM 311  C CG1  . VAL A 1 23 ? 3.379   -6.603  10.116  1.00 0.00 ? 22 VAL A CG1  1 
ATOM 312  C CG2  . VAL A 1 23 ? 3.278   -4.314  9.065   1.00 0.00 ? 22 VAL A CG2  1 
ATOM 313  H H    . VAL A 1 23 ? 3.821   -6.258  12.592  1.00 0.00 ? 22 VAL A H    1 
ATOM 314  H HA   . VAL A 1 23 ? 3.505   -3.514  11.650  1.00 0.00 ? 22 VAL A HA   1 
ATOM 315  H HB   . VAL A 1 23 ? 4.837   -5.058  10.317  1.00 0.00 ? 22 VAL A HB   1 
ATOM 316  H HG11 . VAL A 1 23 ? 3.699   -6.958  9.136   1.00 0.00 ? 22 VAL A HG11 1 
ATOM 317  H HG12 . VAL A 1 23 ? 3.874   -7.186  10.893  1.00 0.00 ? 22 VAL A HG12 1 
ATOM 318  H HG13 . VAL A 1 23 ? 2.299   -6.718  10.208  1.00 0.00 ? 22 VAL A HG13 1 
ATOM 319  H HG21 . VAL A 1 23 ? 3.707   -4.732  8.154   1.00 0.00 ? 22 VAL A HG21 1 
ATOM 320  H HG22 . VAL A 1 23 ? 2.191   -4.351  9.004   1.00 0.00 ? 22 VAL A HG22 1 
ATOM 321  H HG23 . VAL A 1 23 ? 3.601   -3.279  9.175   1.00 0.00 ? 22 VAL A HG23 1 
ATOM 322  N N    . ASP A 1 24 ? 1.131   -4.157  12.767  1.00 0.00 ? 23 ASP A N    1 
ATOM 323  C CA   . ASP A 1 24 ? -0.308  -4.148  12.968  1.00 0.00 ? 23 ASP A CA   1 
ATOM 324  C C    . ASP A 1 24 ? -0.898  -2.882  12.346  1.00 0.00 ? 23 ASP A C    1 
ATOM 325  O O    . ASP A 1 24 ? -0.982  -1.844  13.001  1.00 0.00 ? 23 ASP A O    1 
ATOM 326  C CB   . ASP A 1 24 ? -0.656  -4.150  14.458  1.00 0.00 ? 23 ASP A CB   1 
ATOM 327  C CG   . ASP A 1 24 ? -1.244  -5.460  14.983  1.00 0.00 ? 23 ASP A CG   1 
ATOM 328  O OD1  . ASP A 1 24 ? -2.314  -5.474  15.611  1.00 0.00 ? 23 ASP A OD1  1 
ATOM 329  O OD2  . ASP A 1 24 ? -0.548  -6.515  14.722  1.00 0.00 ? 23 ASP A OD2  1 
ATOM 330  H H    . ASP A 1 24 ? 1.667   -3.802  13.532  1.00 0.00 ? 23 ASP A H    1 
ATOM 331  H HA   . ASP A 1 24 ? -0.670  -5.057  12.486  1.00 0.00 ? 23 ASP A HA   1 
ATOM 332  H HB2  . ASP A 1 24 ? 0.245   -3.920  15.026  1.00 0.00 ? 23 ASP A HB2  1 
ATOM 333  H HB3  . ASP A 1 24 ? -1.367  -3.346  14.651  1.00 0.00 ? 23 ASP A HB3  1 
ATOM 334  H HD2  . ASP A 1 24 ? 0.296   -6.258  14.251  1.00 0.00 ? 23 ASP A HD2  1 
ATOM 335  N N    . LEU A 1 25 ? -1.293  -3.007  11.087  1.00 0.00 ? 24 LEU A N    1 
ATOM 336  C CA   . LEU A 1 25 ? -1.873  -1.885  10.369  1.00 0.00 ? 24 LEU A CA   1 
ATOM 337  C C    . LEU A 1 25 ? -3.245  -1.559  10.963  1.00 0.00 ? 24 LEU A C    1 
ATOM 338  O O    . LEU A 1 25 ? -3.592  -0.392  11.128  1.00 0.00 ? 24 LEU A O    1 
ATOM 339  C CB   . LEU A 1 25 ? -1.907  -2.171  8.866   1.00 0.00 ? 24 LEU A CB   1 
ATOM 340  C CG   . LEU A 1 25 ? -0.640  -1.810  8.087   1.00 0.00 ? 24 LEU A CG   1 
ATOM 341  C CD1  . LEU A 1 25 ? 0.551   -2.645  8.560   1.00 0.00 ? 24 LEU A CD1  1 
ATOM 342  C CD2  . LEU A 1 25 ? -0.869  -1.940  6.579   1.00 0.00 ? 24 LEU A CD2  1 
ATOM 343  H H    . LEU A 1 25 ? -1.221  -3.855  10.561  1.00 0.00 ? 24 LEU A H    1 
ATOM 344  H HA   . LEU A 1 25 ? -1.219  -1.028  10.519  1.00 0.00 ? 24 LEU A HA   1 
ATOM 345  H HB2  . LEU A 1 25 ? -2.107  -3.233  8.722   1.00 0.00 ? 24 LEU A HB2  1 
ATOM 346  H HB3  . LEU A 1 25 ? -2.744  -1.626  8.431   1.00 0.00 ? 24 LEU A HB3  1 
ATOM 347  H HG   . LEU A 1 25 ? -0.402  -0.766  8.287   1.00 0.00 ? 24 LEU A HG   1 
ATOM 348  H HD11 . LEU A 1 25 ? 0.198   -3.444  9.212   1.00 0.00 ? 24 LEU A HD11 1 
ATOM 349  H HD12 . LEU A 1 25 ? 1.057   -3.078  7.696   1.00 0.00 ? 24 LEU A HD12 1 
ATOM 350  H HD13 . LEU A 1 25 ? 1.246   -2.009  9.108   1.00 0.00 ? 24 LEU A HD13 1 
ATOM 351  H HD21 . LEU A 1 25 ? -0.794  -0.957  6.115   1.00 0.00 ? 24 LEU A HD21 1 
ATOM 352  H HD22 . LEU A 1 25 ? -0.114  -2.601  6.153   1.00 0.00 ? 24 LEU A HD22 1 
ATOM 353  H HD23 . LEU A 1 25 ? -1.860  -2.354  6.396   1.00 0.00 ? 24 LEU A HD23 1 
ATOM 354  N N    . ALA A 1 26 ? -3.988  -2.614  11.268  1.00 0.00 ? 25 ALA A N    1 
ATOM 355  C CA   . ALA A 1 26 ? -5.313  -2.454  11.841  1.00 0.00 ? 25 ALA A CA   1 
ATOM 356  C C    . ALA A 1 26 ? -5.256  -1.423  12.969  1.00 0.00 ? 25 ALA A C    1 
ATOM 357  O O    . ALA A 1 26 ? -6.255  -0.769  13.268  1.00 0.00 ? 25 ALA A O    1 
ATOM 358  C CB   . ALA A 1 26 ? -5.830  -3.813  12.319  1.00 0.00 ? 25 ALA A CB   1 
ATOM 359  H H    . ALA A 1 26 ? -3.698  -3.561  11.130  1.00 0.00 ? 25 ALA A H    1 
ATOM 360  H HA   . ALA A 1 26 ? -5.973  -2.085  11.055  1.00 0.00 ? 25 ALA A HA   1 
ATOM 361  H HB1  . ALA A 1 26 ? -5.173  -4.601  11.952  1.00 0.00 ? 25 ALA A HB1  1 
ATOM 362  H HB2  . ALA A 1 26 ? -5.848  -3.832  13.409  1.00 0.00 ? 25 ALA A HB2  1 
ATOM 363  H HB3  . ALA A 1 26 ? -6.838  -3.973  11.936  1.00 0.00 ? 25 ALA A HB3  1 
ATOM 364  N N    . GLY A 1 27 ? -4.079  -1.308  13.565  1.00 0.00 ? 26 GLY A N    1 
ATOM 365  C CA   . GLY A 1 27 ? -3.879  -0.367  14.654  1.00 0.00 ? 26 GLY A CA   1 
ATOM 366  C C    . GLY A 1 27 ? -2.931  0.759   14.237  1.00 0.00 ? 26 GLY A C    1 
ATOM 367  O O    . GLY A 1 27 ? -2.108  1.209   15.033  1.00 0.00 ? 26 GLY A O    1 
ATOM 368  H H    . GLY A 1 27 ? -3.272  -1.844  13.316  1.00 0.00 ? 26 GLY A H    1 
ATOM 369  H HA2  . GLY A 1 27 ? -4.837  0.054   14.956  1.00 0.00 ? 26 GLY A HA2  1 
ATOM 370  H HA3  . GLY A 1 27 ? -3.471  -0.889  15.520  1.00 0.00 ? 26 GLY A HA3  1 
ATOM 371  N N    . GLU A 1 28 ? -3.076  1.182   12.990  1.00 0.00 ? 27 GLU A N    1 
ATOM 372  C CA   . GLU A 1 28 ? -2.243  2.247   12.458  1.00 0.00 ? 27 GLU A CA   1 
ATOM 373  C C    . GLU A 1 28 ? -2.474  2.400   10.953  1.00 0.00 ? 27 GLU A C    1 
ATOM 374  O O    . GLU A 1 28 ? -1.738  1.831   10.148  1.00 0.00 ? 27 GLU A O    1 
ATOM 375  C CB   . GLU A 1 28 ? -0.766  1.990   12.763  1.00 0.00 ? 27 GLU A CB   1 
ATOM 376  C CG   . GLU A 1 28 ? -0.262  2.929   13.862  1.00 0.00 ? 27 GLU A CG   1 
ATOM 377  C CD   . GLU A 1 28 ? 0.457   2.146   14.964  1.00 0.00 ? 27 GLU A CD   1 
ATOM 378  O OE1  . GLU A 1 28 ? 1.095   1.122   14.681  1.00 0.00 ? 27 GLU A OE1  1 
ATOM 379  O OE2  . GLU A 1 28 ? 0.339   2.641   16.150  1.00 0.00 ? 27 GLU A OE2  1 
ATOM 380  H H    . GLU A 1 28 ? -3.748  0.811   12.349  1.00 0.00 ? 27 GLU A H    1 
ATOM 381  H HA   . GLU A 1 28 ? -2.563  3.152   12.976  1.00 0.00 ? 27 GLU A HA   1 
ATOM 382  H HB2  . GLU A 1 28 ? -0.629  0.955   13.073  1.00 0.00 ? 27 GLU A HB2  1 
ATOM 383  H HB3  . GLU A 1 28 ? -0.174  2.134   11.859  1.00 0.00 ? 27 GLU A HB3  1 
ATOM 384  H HG2  . GLU A 1 28 ? 0.416   3.667   13.433  1.00 0.00 ? 27 GLU A HG2  1 
ATOM 385  H HG3  . GLU A 1 28 ? -1.102  3.477   14.290  1.00 0.00 ? 27 GLU A HG3  1 
ATOM 386  H HE2  . GLU A 1 28 ? 1.174   3.129   16.402  1.00 0.00 ? 27 GLU A HE2  1 
ATOM 387  N N    . LEU A 1 29 ? -3.497  3.173   10.620  1.00 0.00 ? 28 LEU A N    1 
ATOM 388  C CA   . LEU A 1 29 ? -3.834  3.407   9.227   1.00 0.00 ? 28 LEU A CA   1 
ATOM 389  C C    . LEU A 1 29 ? -3.669  4.896   8.911   1.00 0.00 ? 28 LEU A C    1 
ATOM 390  O O    . LEU A 1 29 ? -2.908  5.264   8.017   1.00 0.00 ? 28 LEU A O    1 
ATOM 391  C CB   . LEU A 1 29 ? -5.229  2.864   8.913   1.00 0.00 ? 28 LEU A CB   1 
ATOM 392  C CG   . LEU A 1 29 ? -5.458  1.384   9.227   1.00 0.00 ? 28 LEU A CG   1 
ATOM 393  C CD1  . LEU A 1 29 ? -6.881  1.145   9.736   1.00 0.00 ? 28 LEU A CD1  1 
ATOM 394  C CD2  . LEU A 1 29 ? -5.130  0.509   8.015   1.00 0.00 ? 28 LEU A CD2  1 
ATOM 395  H H    . LEU A 1 29 ? -4.090  3.632   11.282  1.00 0.00 ? 28 LEU A H    1 
ATOM 396  H HA   . LEU A 1 29 ? -3.125  2.845   8.619   1.00 0.00 ? 28 LEU A HA   1 
ATOM 397  H HB2  . LEU A 1 29 ? -5.960  3.450   9.471   1.00 0.00 ? 28 LEU A HB2  1 
ATOM 398  H HB3  . LEU A 1 29 ? -5.432  3.026   7.854   1.00 0.00 ? 28 LEU A HB3  1 
ATOM 399  H HG   . LEU A 1 29 ? -4.777  1.095   10.027  1.00 0.00 ? 28 LEU A HG   1 
ATOM 400  H HD11 . LEU A 1 29 ? -6.949  0.147   10.171  1.00 0.00 ? 28 LEU A HD11 1 
ATOM 401  H HD12 . LEU A 1 29 ? -7.125  1.888   10.495  1.00 0.00 ? 28 LEU A HD12 1 
ATOM 402  H HD13 . LEU A 1 29 ? -7.583  1.229   8.907   1.00 0.00 ? 28 LEU A HD13 1 
ATOM 403  H HD21 . LEU A 1 29 ? -6.039  0.028   7.656   1.00 0.00 ? 28 LEU A HD21 1 
ATOM 404  H HD22 . LEU A 1 29 ? -4.710  1.129   7.223   1.00 0.00 ? 28 LEU A HD22 1 
ATOM 405  H HD23 . LEU A 1 29 ? -4.405  -0.253  8.303   1.00 0.00 ? 28 LEU A HD23 1 
ATOM 406  N N    . ASP A 1 30 ? -4.395  5.711   9.661   1.00 0.00 ? 29 ASP A N    1 
ATOM 407  C CA   . ASP A 1 30 ? -4.338  7.151   9.472   1.00 0.00 ? 29 ASP A CA   1 
ATOM 408  C C    . ASP A 1 30 ? -2.877  7.604   9.479   1.00 0.00 ? 29 ASP A C    1 
ATOM 409  O O    . ASP A 1 30 ? -2.506  8.526   8.755   1.00 0.00 ? 29 ASP A O    1 
ATOM 410  C CB   . ASP A 1 30 ? -5.066  7.883   10.601  1.00 0.00 ? 29 ASP A CB   1 
ATOM 411  C CG   . ASP A 1 30 ? -6.061  8.951   10.141  1.00 0.00 ? 29 ASP A CG   1 
ATOM 412  O OD1  . ASP A 1 30 ? -6.542  8.927   8.999   1.00 0.00 ? 29 ASP A OD1  1 
ATOM 413  O OD2  . ASP A 1 30 ? -6.343  9.849   11.025  1.00 0.00 ? 29 ASP A OD2  1 
ATOM 414  H H    . ASP A 1 30 ? -5.012  5.404   10.385  1.00 0.00 ? 29 ASP A H    1 
ATOM 415  H HA   . ASP A 1 30 ? -4.827  7.334   8.515   1.00 0.00 ? 29 ASP A HA   1 
ATOM 416  H HB2  . ASP A 1 30 ? -5.598  7.149   11.206  1.00 0.00 ? 29 ASP A HB2  1 
ATOM 417  H HB3  . ASP A 1 30 ? -4.325  8.352   11.247  1.00 0.00 ? 29 ASP A HB3  1 
ATOM 418  H HD2  . ASP A 1 30 ? -7.323  10.046  11.011  1.00 0.00 ? 29 ASP A HD2  1 
ATOM 419  N N    . THR A 1 31 ? -2.087  6.935   10.306  1.00 0.00 ? 30 THR A N    1 
ATOM 420  C CA   . THR A 1 31 ? -0.674  7.258   10.417  1.00 0.00 ? 30 THR A CA   1 
ATOM 421  C C    . THR A 1 31 ? 0.043   6.974   9.096   1.00 0.00 ? 30 THR A C    1 
ATOM 422  O O    . THR A 1 31 ? -0.092  5.889   8.534   1.00 0.00 ? 30 THR A O    1 
ATOM 423  C CB   . THR A 1 31 ? -0.102  6.475   11.600  1.00 0.00 ? 30 THR A CB   1 
ATOM 424  O OG1  . THR A 1 31 ? -0.582  7.175   12.745  1.00 0.00 ? 30 THR A OG1  1 
ATOM 425  C CG2  . THR A 1 31 ? 1.420   6.595   11.701  1.00 0.00 ? 30 THR A CG2  1 
ATOM 426  H H    . THR A 1 31 ? -2.397  6.187   10.892  1.00 0.00 ? 30 THR A H    1 
ATOM 427  H HA   . THR A 1 31 ? -0.580  8.327   10.608  1.00 0.00 ? 30 THR A HA   1 
ATOM 428  H HB   . THR A 1 31 ? -0.408  5.430   11.560  1.00 0.00 ? 30 THR A HB   1 
ATOM 429  H HG1  . THR A 1 31 ? -0.330  6.682   13.577  1.00 0.00 ? 30 THR A HG1  1 
ATOM 430  H HG21 . THR A 1 31 ? 1.687   7.619   11.963  1.00 0.00 ? 30 THR A HG21 1 
ATOM 431  H HG22 . THR A 1 31 ? 1.788   5.916   12.470  1.00 0.00 ? 30 THR A HG22 1 
ATOM 432  H HG23 . THR A 1 31 ? 1.869   6.336   10.742  1.00 0.00 ? 30 THR A HG23 1 
ATOM 433  N N    . PRO A 1 32 ? 0.810   7.994   8.628   1.00 0.00 ? 31 PRO A N    1 
ATOM 434  C CA   . PRO A 1 32 ? 1.549   7.865   7.384   1.00 0.00 ? 31 PRO A CA   1 
ATOM 435  C C    . PRO A 1 32 ? 2.782   6.977   7.567   1.00 0.00 ? 31 PRO A C    1 
ATOM 436  O O    . PRO A 1 32 ? 3.445   7.037   8.601   1.00 0.00 ? 31 PRO A O    1 
ATOM 437  C CB   . PRO A 1 32 ? 1.897   9.289   6.983   1.00 0.00 ? 31 PRO A CB   1 
ATOM 438  C CG   . PRO A 1 32 ? 1.748   10.126  8.244   1.00 0.00 ? 31 PRO A CG   1 
ATOM 439  C CD   . PRO A 1 32 ? 0.994   9.294   9.267   1.00 0.00 ? 31 PRO A CD   1 
ATOM 440  H HA   . PRO A 1 32 ? 0.987   7.412   6.692   1.00 0.00 ? 31 PRO A HA   1 
ATOM 441  H HB2  . PRO A 1 32 ? 2.914   9.348   6.592   1.00 0.00 ? 31 PRO A HB2  1 
ATOM 442  H HB3  . PRO A 1 32 ? 1.233   9.647   6.196   1.00 0.00 ? 31 PRO A HB3  1 
ATOM 443  H HG2  . PRO A 1 32 ? 2.727   10.410  8.630   1.00 0.00 ? 31 PRO A HG2  1 
ATOM 444  H HG3  . PRO A 1 32 ? 1.209   11.048  8.028   1.00 0.00 ? 31 PRO A HG3  1 
ATOM 445  H HD2  . PRO A 1 32 ? 1.557   9.202   10.196  1.00 0.00 ? 31 PRO A HD2  1 
ATOM 446  H HD3  . PRO A 1 32 ? 0.036   9.750   9.519   1.00 0.00 ? 31 PRO A HD3  1 
ATOM 447  N N    . PHE A 1 33 ? 3.051   6.175   6.548   1.00 0.00 ? 32 PHE A N    1 
ATOM 448  C CA   . PHE A 1 33 ? 4.192   5.277   6.585   1.00 0.00 ? 32 PHE A CA   1 
ATOM 449  C C    . PHE A 1 33 ? 5.429   5.984   7.142   1.00 0.00 ? 32 PHE A C    1 
ATOM 450  O O    . PHE A 1 33 ? 6.094   5.464   8.037   1.00 0.00 ? 32 PHE A O    1 
ATOM 451  C CB   . PHE A 1 33 ? 4.470   4.849   5.142   1.00 0.00 ? 32 PHE A CB   1 
ATOM 452  C CG   . PHE A 1 33 ? 3.420   3.902   4.560   1.00 0.00 ? 32 PHE A CG   1 
ATOM 453  C CD1  . PHE A 1 33 ? 3.324   2.626   5.021   1.00 0.00 ? 32 PHE A CD1  1 
ATOM 454  C CD2  . PHE A 1 33 ? 2.581   4.335   3.580   1.00 0.00 ? 32 PHE A CD2  1 
ATOM 455  C CE1  . PHE A 1 33 ? 2.349   1.746   4.480   1.00 0.00 ? 32 PHE A CE1  1 
ATOM 456  C CE2  . PHE A 1 33 ? 1.607   3.456   3.039   1.00 0.00 ? 32 PHE A CE2  1 
ATOM 457  C CZ   . PHE A 1 33 ? 1.512   2.180   3.501   1.00 0.00 ? 32 PHE A CZ   1 
ATOM 458  H H    . PHE A 1 33 ? 2.506   6.133   5.710   1.00 0.00 ? 32 PHE A H    1 
ATOM 459  H HA   . PHE A 1 33 ? 3.928   4.443   7.235   1.00 0.00 ? 32 PHE A HA   1 
ATOM 460  H HB2  . PHE A 1 33 ? 4.530   5.739   4.515   1.00 0.00 ? 32 PHE A HB2  1 
ATOM 461  H HB3  . PHE A 1 33 ? 5.446   4.364   5.099   1.00 0.00 ? 32 PHE A HB3  1 
ATOM 462  H HD1  . PHE A 1 33 ? 3.996   2.278   5.806   1.00 0.00 ? 32 PHE A HD1  1 
ATOM 463  H HD2  . PHE A 1 33 ? 2.659   5.358   3.209   1.00 0.00 ? 32 PHE A HD2  1 
ATOM 464  H HE1  . PHE A 1 33 ? 2.272   0.725   4.850   1.00 0.00 ? 32 PHE A HE1  1 
ATOM 465  H HE2  . PHE A 1 33 ? 0.935   3.803   2.255   1.00 0.00 ? 32 PHE A HE2  1 
ATOM 466  H HZ   . PHE A 1 33 ? 0.763   1.506   3.086   1.00 0.00 ? 32 PHE A HZ   1 
ATOM 467  N N    . VAL A 1 34 ? 5.700   7.156   6.590   1.00 0.00 ? 33 VAL A N    1 
ATOM 468  C CA   . VAL A 1 34 ? 6.845   7.940   7.022   1.00 0.00 ? 33 VAL A CA   1 
ATOM 469  C C    . VAL A 1 34 ? 6.842   8.042   8.548   1.00 0.00 ? 33 VAL A C    1 
ATOM 470  O O    . VAL A 1 34 ? 7.900   8.069   9.174   1.00 0.00 ? 33 VAL A O    1 
ATOM 471  C CB   . VAL A 1 34 ? 6.836   9.305   6.331   1.00 0.00 ? 33 VAL A CB   1 
ATOM 472  C CG1  . VAL A 1 34 ? 5.547   10.069  6.644   1.00 0.00 ? 33 VAL A CG1  1 
ATOM 473  C CG2  . VAL A 1 34 ? 8.067   10.125  6.719   1.00 0.00 ? 33 VAL A CG2  1 
ATOM 474  H H    . VAL A 1 34 ? 5.154   7.572   5.862   1.00 0.00 ? 33 VAL A H    1 
ATOM 475  H HA   . VAL A 1 34 ? 7.744   7.409   6.707   1.00 0.00 ? 33 VAL A HA   1 
ATOM 476  H HB   . VAL A 1 34 ? 6.871   9.136   5.254   1.00 0.00 ? 33 VAL A HB   1 
ATOM 477  H HG11 . VAL A 1 34 ? 5.777   10.924  7.280   1.00 0.00 ? 33 VAL A HG11 1 
ATOM 478  H HG12 . VAL A 1 34 ? 5.097   10.418  5.715   1.00 0.00 ? 33 VAL A HG12 1 
ATOM 479  H HG13 . VAL A 1 34 ? 4.850   9.409   7.160   1.00 0.00 ? 33 VAL A HG13 1 
ATOM 480  H HG21 . VAL A 1 34 ? 8.758   9.498   7.285   1.00 0.00 ? 33 VAL A HG21 1 
ATOM 481  H HG22 . VAL A 1 34 ? 8.562   10.489  5.818   1.00 0.00 ? 33 VAL A HG22 1 
ATOM 482  H HG23 . VAL A 1 34 ? 7.762   10.973  7.333   1.00 0.00 ? 33 VAL A HG23 1 
ATOM 483  N N    . ASP A 1 35 ? 5.640   8.097   9.102   1.00 0.00 ? 34 ASP A N    1 
ATOM 484  C CA   . ASP A 1 35 ? 5.485   8.196   10.544  1.00 0.00 ? 34 ASP A CA   1 
ATOM 485  C C    . ASP A 1 35 ? 5.895   6.871   11.189  1.00 0.00 ? 34 ASP A C    1 
ATOM 486  O O    . ASP A 1 35 ? 6.731   6.849   12.092  1.00 0.00 ? 34 ASP A O    1 
ATOM 487  C CB   . ASP A 1 35 ? 4.029   8.475   10.924  1.00 0.00 ? 34 ASP A CB   1 
ATOM 488  C CG   . ASP A 1 35 ? 3.833   9.562   11.983  1.00 0.00 ? 34 ASP A CG   1 
ATOM 489  O OD1  . ASP A 1 35 ? 4.368   10.675  11.862  1.00 0.00 ? 34 ASP A OD1  1 
ATOM 490  O OD2  . ASP A 1 35 ? 3.086   9.224   12.978  1.00 0.00 ? 34 ASP A OD2  1 
ATOM 491  H H    . ASP A 1 35 ? 4.784   8.075   8.586   1.00 0.00 ? 34 ASP A H    1 
ATOM 492  H HA   . ASP A 1 35 ? 6.127   9.024   10.846  1.00 0.00 ? 34 ASP A HA   1 
ATOM 493  H HB2  . ASP A 1 35 ? 3.483   8.762   10.025  1.00 0.00 ? 34 ASP A HB2  1 
ATOM 494  H HB3  . ASP A 1 35 ? 3.580   7.550   11.287  1.00 0.00 ? 34 ASP A HB3  1 
ATOM 495  H HD2  . ASP A 1 35 ? 3.441   8.395   13.407  1.00 0.00 ? 34 ASP A HD2  1 
ATOM 496  N N    . LEU A 1 36 ? 5.291   5.799   10.700  1.00 0.00 ? 35 LEU A N    1 
ATOM 497  C CA   . LEU A 1 36 ? 5.583   4.473   11.218  1.00 0.00 ? 35 LEU A CA   1 
ATOM 498  C C    . LEU A 1 36 ? 7.070   4.170   11.021  1.00 0.00 ? 35 LEU A C    1 
ATOM 499  O O    . LEU A 1 36 ? 7.886   4.456   11.895  1.00 0.00 ? 35 LEU A O    1 
ATOM 500  C CB   . LEU A 1 36 ? 4.655   3.435   10.586  1.00 0.00 ? 35 LEU A CB   1 
ATOM 501  C CG   . LEU A 1 36 ? 3.159   3.627   10.843  1.00 0.00 ? 35 LEU A CG   1 
ATOM 502  C CD1  . LEU A 1 36 ? 2.447   4.127   9.585   1.00 0.00 ? 35 LEU A CD1  1 
ATOM 503  C CD2  . LEU A 1 36 ? 2.527   2.345   11.388  1.00 0.00 ? 35 LEU A CD2  1 
ATOM 504  H H    . LEU A 1 36 ? 4.612   5.826   9.966   1.00 0.00 ? 35 LEU A H    1 
ATOM 505  H HA   . LEU A 1 36 ? 5.372   4.486   12.287  1.00 0.00 ? 35 LEU A HA   1 
ATOM 506  H HB2  . LEU A 1 36 ? 4.822   3.434   9.509   1.00 0.00 ? 35 LEU A HB2  1 
ATOM 507  H HB3  . LEU A 1 36 ? 4.942   2.449   10.953  1.00 0.00 ? 35 LEU A HB3  1 
ATOM 508  H HG   . LEU A 1 36 ? 3.040   4.395   11.607  1.00 0.00 ? 35 LEU A HG   1 
ATOM 509  H HD11 . LEU A 1 36 ? 1.369   4.072   9.731   1.00 0.00 ? 35 LEU A HD11 1 
ATOM 510  H HD12 . LEU A 1 36 ? 2.735   5.160   9.391   1.00 0.00 ? 35 LEU A HD12 1 
ATOM 511  H HD13 . LEU A 1 36 ? 2.731   3.506   8.735   1.00 0.00 ? 35 LEU A HD13 1 
ATOM 512  H HD21 . LEU A 1 36 ? 3.302   1.594   11.542  1.00 0.00 ? 35 LEU A HD21 1 
ATOM 513  H HD22 . LEU A 1 36 ? 2.034   2.558   12.336  1.00 0.00 ? 35 LEU A HD22 1 
ATOM 514  H HD23 . LEU A 1 36 ? 1.794   1.970   10.674  1.00 0.00 ? 35 LEU A HD23 1 
ATOM 515  N N    . GLY A 1 37 ? 7.376   3.597   9.867   1.00 0.00 ? 36 GLY A N    1 
ATOM 516  C CA   . GLY A 1 37 ? 8.751   3.252   9.543   1.00 0.00 ? 36 GLY A CA   1 
ATOM 517  C C    . GLY A 1 37 ? 8.929   3.067   8.035   1.00 0.00 ? 36 GLY A C    1 
ATOM 518  O O    . GLY A 1 37 ? 9.876   3.592   7.450   1.00 0.00 ? 36 GLY A O    1 
ATOM 519  H H    . GLY A 1 37 ? 6.706   3.367   9.160   1.00 0.00 ? 36 GLY A H    1 
ATOM 520  H HA2  . GLY A 1 37 ? 9.419   4.036   9.899   1.00 0.00 ? 36 GLY A HA2  1 
ATOM 521  H HA3  . GLY A 1 37 ? 9.030   2.335   10.062  1.00 0.00 ? 36 GLY A HA3  1 
ATOM 522  N N    . TYR A 1 38 ? 8.005   2.321   7.449   1.00 0.00 ? 37 TYR A N    1 
ATOM 523  C CA   . TYR A 1 38 ? 8.048   2.061   6.020   1.00 0.00 ? 37 TYR A CA   1 
ATOM 524  C C    . TYR A 1 38 ? 8.570   3.280   5.257   1.00 0.00 ? 37 TYR A C    1 
ATOM 525  O O    . TYR A 1 38 ? 8.234   4.416   5.589   1.00 0.00 ? 37 TYR A O    1 
ATOM 526  C CB   . TYR A 1 38 ? 6.603   1.788   5.597   1.00 0.00 ? 37 TYR A CB   1 
ATOM 527  C CG   . TYR A 1 38 ? 6.231   0.305   5.572   1.00 0.00 ? 37 TYR A CG   1 
ATOM 528  C CD1  . TYR A 1 38 ? 6.452   -0.481  6.686   1.00 0.00 ? 37 TYR A CD1  1 
ATOM 529  C CD2  . TYR A 1 38 ? 5.674   -0.249  4.438   1.00 0.00 ? 37 TYR A CD2  1 
ATOM 530  C CE1  . TYR A 1 38 ? 6.101   -1.877  6.663   1.00 0.00 ? 37 TYR A CE1  1 
ATOM 531  C CE2  . TYR A 1 38 ? 5.324   -1.645  4.415   1.00 0.00 ? 37 TYR A CE2  1 
ATOM 532  C CZ   . TYR A 1 38 ? 5.556   -2.391  5.528   1.00 0.00 ? 37 TYR A CZ   1 
ATOM 533  O OH   . TYR A 1 38 ? 5.224   -3.710  5.507   1.00 0.00 ? 37 TYR A OH   1 
ATOM 534  H H    . TYR A 1 38 ? 7.238   1.898   7.933   1.00 0.00 ? 37 TYR A H    1 
ATOM 535  H HA   . TYR A 1 38 ? 8.722   1.220   5.852   1.00 0.00 ? 37 TYR A HA   1 
ATOM 536  H HB2  . TYR A 1 38 ? 5.931   2.310   6.278   1.00 0.00 ? 37 TYR A HB2  1 
ATOM 537  H HB3  . TYR A 1 38 ? 6.441   2.209   4.605   1.00 0.00 ? 37 TYR A HB3  1 
ATOM 538  H HD1  . TYR A 1 38 ? 6.892   -0.044  7.582   1.00 0.00 ? 37 TYR A HD1  1 
ATOM 539  H HD2  . TYR A 1 38 ? 5.501   0.371   3.558   1.00 0.00 ? 37 TYR A HD2  1 
ATOM 540  H HE1  . TYR A 1 38 ? 6.271   -2.508  7.535   1.00 0.00 ? 37 TYR A HE1  1 
ATOM 541  H HE2  . TYR A 1 38 ? 4.884   -2.095  3.524   1.00 0.00 ? 37 TYR A HE2  1 
ATOM 542  H HH   . TYR A 1 38 ? 4.515   -3.895  6.185   1.00 0.00 ? 37 TYR A HH   1 
ATOM 543  N N    . ASP A 1 39 ? 9.382   3.003   4.247   1.00 0.00 ? 38 ASP A N    1 
ATOM 544  C CA   . ASP A 1 39 ? 9.954   4.062   3.434   1.00 0.00 ? 38 ASP A CA   1 
ATOM 545  C C    . ASP A 1 39 ? 9.326   4.024   2.039   1.00 0.00 ? 38 ASP A C    1 
ATOM 546  O O    . ASP A 1 39 ? 8.848   2.979   1.598   1.00 0.00 ? 38 ASP A O    1 
ATOM 547  C CB   . ASP A 1 39 ? 11.465  3.883   3.276   1.00 0.00 ? 38 ASP A CB   1 
ATOM 548  C CG   . ASP A 1 39 ? 12.316  4.663   4.280   1.00 0.00 ? 38 ASP A CG   1 
ATOM 549  O OD1  . ASP A 1 39 ? 11.826  5.577   4.959   1.00 0.00 ? 38 ASP A OD1  1 
ATOM 550  O OD2  . ASP A 1 39 ? 13.550  4.294   4.352   1.00 0.00 ? 38 ASP A OD2  1 
ATOM 551  H H    . ASP A 1 39 ? 9.650   2.076   3.983   1.00 0.00 ? 38 ASP A H    1 
ATOM 552  H HA   . ASP A 1 39 ? 9.728   4.986   3.967   1.00 0.00 ? 38 ASP A HA   1 
ATOM 553  H HB2  . ASP A 1 39 ? 11.701  2.823   3.370   1.00 0.00 ? 38 ASP A HB2  1 
ATOM 554  H HB3  . ASP A 1 39 ? 11.749  4.185   2.269   1.00 0.00 ? 38 ASP A HB3  1 
ATOM 555  H HD2  . ASP A 1 39 ? 13.769  4.011   5.285   1.00 0.00 ? 38 ASP A HD2  1 
ATOM 556  N N    . SER A 1 40 ? 9.346   5.174   1.383   1.00 0.00 ? 39 SER A N    1 
ATOM 557  C CA   . SER A 1 40 ? 8.786   5.285   0.048   1.00 0.00 ? 39 SER A CA   1 
ATOM 558  C C    . SER A 1 40 ? 9.269   4.123   -0.821  1.00 0.00 ? 39 SER A C    1 
ATOM 559  O O    . SER A 1 40 ? 8.494   3.551   -1.587  1.00 0.00 ? 39 SER A O    1 
ATOM 560  C CB   . SER A 1 40 ? 9.158   6.621   -0.598  1.00 0.00 ? 39 SER A CB   1 
ATOM 561  O OG   . SER A 1 40 ? 10.553  6.892   -0.495  1.00 0.00 ? 39 SER A OG   1 
ATOM 562  H H    . SER A 1 40 ? 9.736   6.019   1.749   1.00 0.00 ? 39 SER A H    1 
ATOM 563  H HA   . SER A 1 40 ? 7.704   5.238   0.184   1.00 0.00 ? 39 SER A HA   1 
ATOM 564  H HB2  . SER A 1 40 ? 8.868   6.610   -1.648  1.00 0.00 ? 39 SER A HB2  1 
ATOM 565  H HB3  . SER A 1 40 ? 8.597   7.424   -0.121  1.00 0.00 ? 39 SER A HB3  1 
ATOM 566  H HG   . SER A 1 40 ? 10.700  7.752   -0.007  1.00 0.00 ? 39 SER A HG   1 
ATOM 567  N N    . LEU A 1 41 ? 10.547  3.806   -0.672  1.00 0.00 ? 40 LEU A N    1 
ATOM 568  C CA   . LEU A 1 41 ? 11.142  2.722   -1.434  1.00 0.00 ? 40 LEU A CA   1 
ATOM 569  C C    . LEU A 1 41 ? 10.262  1.477   -1.315  1.00 0.00 ? 40 LEU A C    1 
ATOM 570  O O    . LEU A 1 41 ? 9.724   0.994   -2.311  1.00 0.00 ? 40 LEU A O    1 
ATOM 571  C CB   . LEU A 1 41 ? 12.592  2.495   -0.999  1.00 0.00 ? 40 LEU A CB   1 
ATOM 572  C CG   . LEU A 1 41 ? 13.345  1.382   -1.731  1.00 0.00 ? 40 LEU A CG   1 
ATOM 573  C CD1  . LEU A 1 41 ? 13.882  1.877   -3.075  1.00 0.00 ? 40 LEU A CD1  1 
ATOM 574  C CD2  . LEU A 1 41 ? 14.452  0.799   -0.850  1.00 0.00 ? 40 LEU A CD2  1 
ATOM 575  H H    . LEU A 1 41 ? 11.170  4.276   -0.047  1.00 0.00 ? 40 LEU A H    1 
ATOM 576  H HA   . LEU A 1 41 ? 11.165  3.030   -2.479  1.00 0.00 ? 40 LEU A HA   1 
ATOM 577  H HB2  . LEU A 1 41 ? 13.141  3.427   -1.132  1.00 0.00 ? 40 LEU A HB2  1 
ATOM 578  H HB3  . LEU A 1 41 ? 12.599  2.270   0.067   1.00 0.00 ? 40 LEU A HB3  1 
ATOM 579  H HG   . LEU A 1 41 ? 12.644  0.576   -1.941  1.00 0.00 ? 40 LEU A HG   1 
ATOM 580  H HD11 . LEU A 1 41 ? 14.835  1.390   -3.286  1.00 0.00 ? 40 LEU A HD11 1 
ATOM 581  H HD12 . LEU A 1 41 ? 13.169  1.635   -3.862  1.00 0.00 ? 40 LEU A HD12 1 
ATOM 582  H HD13 . LEU A 1 41 ? 14.027  2.956   -3.034  1.00 0.00 ? 40 LEU A HD13 1 
ATOM 583  H HD21 . LEU A 1 41 ? 14.109  -0.136  -0.406  1.00 0.00 ? 40 LEU A HD21 1 
ATOM 584  H HD22 . LEU A 1 41 ? 15.338  0.610   -1.457  1.00 0.00 ? 40 LEU A HD22 1 
ATOM 585  H HD23 . LEU A 1 41 ? 14.699  1.507   -0.059  1.00 0.00 ? 40 LEU A HD23 1 
ATOM 586  N N    . ALA A 1 42 ? 10.142  0.992   -0.088  1.00 0.00 ? 41 ALA A N    1 
ATOM 587  C CA   . ALA A 1 42 ? 9.336   -0.189  0.175   1.00 0.00 ? 41 ALA A CA   1 
ATOM 588  C C    . ALA A 1 42 ? 8.040   -0.106  -0.636  1.00 0.00 ? 41 ALA A C    1 
ATOM 589  O O    . ALA A 1 42 ? 7.641   -1.079  -1.275  1.00 0.00 ? 41 ALA A O    1 
ATOM 590  C CB   . ALA A 1 42 ? 9.076   -0.307  1.678   1.00 0.00 ? 41 ALA A CB   1 
ATOM 591  H H    . ALA A 1 42 ? 10.583  1.389   0.716   1.00 0.00 ? 41 ALA A H    1 
ATOM 592  H HA   . ALA A 1 42 ? 9.905   -1.059  -0.153  1.00 0.00 ? 41 ALA A HA   1 
ATOM 593  H HB1  . ALA A 1 42 ? 8.003   -0.368  1.857   1.00 0.00 ? 41 ALA A HB1  1 
ATOM 594  H HB2  . ALA A 1 42 ? 9.562   -1.204  2.061   1.00 0.00 ? 41 ALA A HB2  1 
ATOM 595  H HB3  . ALA A 1 42 ? 9.480   0.569   2.185   1.00 0.00 ? 41 ALA A HB3  1 
ATOM 596  N N    . LEU A 1 43 ? 7.419   1.063   -0.583  1.00 0.00 ? 42 LEU A N    1 
ATOM 597  C CA   . LEU A 1 43 ? 6.178   1.284   -1.303  1.00 0.00 ? 42 LEU A CA   1 
ATOM 598  C C    . LEU A 1 43 ? 6.402   1.012   -2.792  1.00 0.00 ? 42 LEU A C    1 
ATOM 599  O O    . LEU A 1 43 ? 5.693   0.206   -3.394  1.00 0.00 ? 42 LEU A O    1 
ATOM 600  C CB   . LEU A 1 43 ? 5.630   2.683   -1.010  1.00 0.00 ? 42 LEU A CB   1 
ATOM 601  C CG   . LEU A 1 43 ? 4.537   2.764   0.058   1.00 0.00 ? 42 LEU A CG   1 
ATOM 602  C CD1  . LEU A 1 43 ? 3.280   2.011   -0.386  1.00 0.00 ? 42 LEU A CD1  1 
ATOM 603  C CD2  . LEU A 1 43 ? 5.053   2.270   1.411   1.00 0.00 ? 42 LEU A CD2  1 
ATOM 604  H H    . LEU A 1 43 ? 7.751   1.848   -0.060  1.00 0.00 ? 42 LEU A H    1 
ATOM 605  H HA   . LEU A 1 43 ? 5.448   0.566   -0.927  1.00 0.00 ? 42 LEU A HA   1 
ATOM 606  H HB2  . LEU A 1 43 ? 6.460   3.319   -0.701  1.00 0.00 ? 42 LEU A HB2  1 
ATOM 607  H HB3  . LEU A 1 43 ? 5.236   3.099   -1.938  1.00 0.00 ? 42 LEU A HB3  1 
ATOM 608  H HG   . LEU A 1 43 ? 4.257   3.810   0.182   1.00 0.00 ? 42 LEU A HG   1 
ATOM 609  H HD11 . LEU A 1 43 ? 2.977   2.360   -1.373  1.00 0.00 ? 42 LEU A HD11 1 
ATOM 610  H HD12 . LEU A 1 43 ? 3.492   0.942   -0.426  1.00 0.00 ? 42 LEU A HD12 1 
ATOM 611  H HD13 . LEU A 1 43 ? 2.476   2.195   0.327   1.00 0.00 ? 42 LEU A HD13 1 
ATOM 612  H HD21 . LEU A 1 43 ? 4.341   2.535   2.191   1.00 0.00 ? 42 LEU A HD21 1 
ATOM 613  H HD22 . LEU A 1 43 ? 5.172   1.186   1.380   1.00 0.00 ? 42 LEU A HD22 1 
ATOM 614  H HD23 . LEU A 1 43 ? 6.016   2.735   1.624   1.00 0.00 ? 42 LEU A HD23 1 
ATOM 615  N N    . LEU A 1 44 ? 7.390   1.700   -3.345  1.00 0.00 ? 43 LEU A N    1 
ATOM 616  C CA   . LEU A 1 44 ? 7.718   1.542   -4.752  1.00 0.00 ? 43 LEU A CA   1 
ATOM 617  C C    . LEU A 1 44 ? 7.842   0.052   -5.078  1.00 0.00 ? 43 LEU A C    1 
ATOM 618  O O    . LEU A 1 44 ? 7.499   -0.376  -6.180  1.00 0.00 ? 43 LEU A O    1 
ATOM 619  C CB   . LEU A 1 44 ? 8.964   2.355   -5.107  1.00 0.00 ? 43 LEU A CB   1 
ATOM 620  C CG   . LEU A 1 44 ? 8.716   3.782   -5.600  1.00 0.00 ? 43 LEU A CG   1 
ATOM 621  C CD1  . LEU A 1 44 ? 7.885   3.782   -6.884  1.00 0.00 ? 43 LEU A CD1  1 
ATOM 622  C CD2  . LEU A 1 44 ? 8.077   4.637   -4.503  1.00 0.00 ? 43 LEU A CD2  1 
ATOM 623  H H    . LEU A 1 44 ? 7.963   2.353   -2.849  1.00 0.00 ? 43 LEU A H    1 
ATOM 624  H HA   . LEU A 1 44 ? 6.889   1.955   -5.327  1.00 0.00 ? 43 LEU A HA   1 
ATOM 625  H HB2  . LEU A 1 44 ? 9.605   2.403   -4.227  1.00 0.00 ? 43 LEU A HB2  1 
ATOM 626  H HB3  . LEU A 1 44 ? 9.517   1.817   -5.876  1.00 0.00 ? 43 LEU A HB3  1 
ATOM 627  H HG   . LEU A 1 44 ? 9.678   4.232   -5.839  1.00 0.00 ? 43 LEU A HG   1 
ATOM 628  H HD11 . LEU A 1 44 ? 6.829   3.893   -6.634  1.00 0.00 ? 43 LEU A HD11 1 
ATOM 629  H HD12 . LEU A 1 44 ? 8.197   4.611   -7.519  1.00 0.00 ? 43 LEU A HD12 1 
ATOM 630  H HD13 . LEU A 1 44 ? 8.036   2.842   -7.414  1.00 0.00 ? 43 LEU A HD13 1 
ATOM 631  H HD21 . LEU A 1 44 ? 7.038   4.335   -4.365  1.00 0.00 ? 43 LEU A HD21 1 
ATOM 632  H HD22 . LEU A 1 44 ? 8.623   4.499   -3.570  1.00 0.00 ? 43 LEU A HD22 1 
ATOM 633  H HD23 . LEU A 1 44 ? 8.114   5.687   -4.794  1.00 0.00 ? 43 LEU A HD23 1 
ATOM 634  N N    . GLU A 1 45 ? 8.332   -0.696  -4.101  1.00 0.00 ? 44 GLU A N    1 
ATOM 635  C CA   . GLU A 1 45 ? 8.505   -2.129  -4.271  1.00 0.00 ? 44 GLU A CA   1 
ATOM 636  C C    . GLU A 1 45 ? 7.145   -2.814  -4.424  1.00 0.00 ? 44 GLU A C    1 
ATOM 637  O O    . GLU A 1 45 ? 6.829   -3.343  -5.488  1.00 0.00 ? 44 GLU A O    1 
ATOM 638  C CB   . GLU A 1 45 ? 9.293   -2.728  -3.103  1.00 0.00 ? 44 GLU A CB   1 
ATOM 639  C CG   . GLU A 1 45 ? 10.702  -3.129  -3.542  1.00 0.00 ? 44 GLU A CG   1 
ATOM 640  C CD   . GLU A 1 45 ? 11.008  -4.576  -3.152  1.00 0.00 ? 44 GLU A CD   1 
ATOM 641  O OE1  . GLU A 1 45 ? 10.370  -5.119  -2.236  1.00 0.00 ? 44 GLU A OE1  1 
ATOM 642  O OE2  . GLU A 1 45 ? 11.943  -5.140  -3.837  1.00 0.00 ? 44 GLU A OE2  1 
ATOM 643  H H    . GLU A 1 45 ? 8.608   -0.340  -3.209  1.00 0.00 ? 44 GLU A H    1 
ATOM 644  H HA   . GLU A 1 45 ? 9.083   -2.244  -5.188  1.00 0.00 ? 44 GLU A HA   1 
ATOM 645  H HB2  . GLU A 1 45 ? 9.352   -2.004  -2.291  1.00 0.00 ? 44 GLU A HB2  1 
ATOM 646  H HB3  . GLU A 1 45 ? 8.766   -3.601  -2.715  1.00 0.00 ? 44 GLU A HB3  1 
ATOM 647  H HG2  . GLU A 1 45 ? 10.799  -3.011  -4.621  1.00 0.00 ? 44 GLU A HG2  1 
ATOM 648  H HG3  . GLU A 1 45 ? 11.433  -2.462  -3.082  1.00 0.00 ? 44 GLU A HG3  1 
ATOM 649  H HE2  . GLU A 1 45 ? 11.807  -4.963  -4.812  1.00 0.00 ? 44 GLU A HE2  1 
ATOM 650  N N    . THR A 1 46 ? 6.377   -2.781  -3.344  1.00 0.00 ? 45 THR A N    1 
ATOM 651  C CA   . THR A 1 46 ? 5.059   -3.392  -3.345  1.00 0.00 ? 45 THR A CA   1 
ATOM 652  C C    . THR A 1 46 ? 4.174   -2.750  -4.415  1.00 0.00 ? 45 THR A C    1 
ATOM 653  O O    . THR A 1 46 ? 3.187   -3.343  -4.848  1.00 0.00 ? 45 THR A O    1 
ATOM 654  C CB   . THR A 1 46 ? 4.484   -3.278  -1.932  1.00 0.00 ? 45 THR A CB   1 
ATOM 655  O OG1  . THR A 1 46 ? 3.313   -4.088  -1.967  1.00 0.00 ? 45 THR A OG1  1 
ATOM 656  C CG2  . THR A 1 46 ? 3.956   -1.874  -1.626  1.00 0.00 ? 45 THR A CG2  1 
ATOM 657  H H    . THR A 1 46 ? 6.642   -2.349  -2.482  1.00 0.00 ? 45 THR A H    1 
ATOM 658  H HA   . THR A 1 46 ? 5.168   -4.445  -3.610  1.00 0.00 ? 45 THR A HA   1 
ATOM 659  H HB   . THR A 1 46 ? 5.216   -3.589  -1.188  1.00 0.00 ? 45 THR A HB   1 
ATOM 660  H HG1  . THR A 1 46 ? 3.335   -4.754  -1.221  1.00 0.00 ? 45 THR A HG1  1 
ATOM 661  H HG21 . THR A 1 46 ? 3.635   -1.397  -2.552  1.00 0.00 ? 45 THR A HG21 1 
ATOM 662  H HG22 . THR A 1 46 ? 3.113   -1.945  -0.941  1.00 0.00 ? 45 THR A HG22 1 
ATOM 663  H HG23 . THR A 1 46 ? 4.748   -1.281  -1.167  1.00 0.00 ? 45 THR A HG23 1 
ATOM 664  N N    . ALA A 1 47 ? 4.560   -1.545  -4.811  1.00 0.00 ? 46 ALA A N    1 
ATOM 665  C CA   . ALA A 1 47 ? 3.813   -0.815  -5.822  1.00 0.00 ? 46 ALA A CA   1 
ATOM 666  C C    . ALA A 1 47 ? 3.782   -1.632  -7.116  1.00 0.00 ? 46 ALA A C    1 
ATOM 667  O O    . ALA A 1 47 ? 2.712   -1.896  -7.661  1.00 0.00 ? 46 ALA A O    1 
ATOM 668  C CB   . ALA A 1 47 ? 4.440   0.566   -6.021  1.00 0.00 ? 46 ALA A CB   1 
ATOM 669  H H    . ALA A 1 47 ? 5.363   -1.070  -4.454  1.00 0.00 ? 46 ALA A H    1 
ATOM 670  H HA   . ALA A 1 47 ? 2.794   -0.690  -5.456  1.00 0.00 ? 46 ALA A HA   1 
ATOM 671  H HB1  . ALA A 1 47 ? 3.861   1.310   -5.471  1.00 0.00 ? 46 ALA A HB1  1 
ATOM 672  H HB2  . ALA A 1 47 ? 5.464   0.557   -5.651  1.00 0.00 ? 46 ALA A HB2  1 
ATOM 673  H HB3  . ALA A 1 47 ? 4.439   0.817   -7.081  1.00 0.00 ? 46 ALA A HB3  1 
ATOM 674  N N    . ALA A 1 48 ? 4.968   -2.010  -7.568  1.00 0.00 ? 47 ALA A N    1 
ATOM 675  C CA   . ALA A 1 48 ? 5.090   -2.792  -8.787  1.00 0.00 ? 47 ALA A CA   1 
ATOM 676  C C    . ALA A 1 48 ? 4.351   -4.120  -8.612  1.00 0.00 ? 47 ALA A C    1 
ATOM 677  O O    . ALA A 1 48 ? 3.518   -4.484  -9.439  1.00 0.00 ? 47 ALA A O    1 
ATOM 678  C CB   . ALA A 1 48 ? 6.570   -2.988  -9.122  1.00 0.00 ? 47 ALA A CB   1 
ATOM 679  H H    . ALA A 1 48 ? 5.834   -1.791  -7.118  1.00 0.00 ? 47 ALA A H    1 
ATOM 680  H HA   . ALA A 1 48 ? 4.621   -2.227  -9.592  1.00 0.00 ? 47 ALA A HA   1 
ATOM 681  H HB1  . ALA A 1 48 ? 6.769   -2.612  -10.125 1.00 0.00 ? 47 ALA A HB1  1 
ATOM 682  H HB2  . ALA A 1 48 ? 7.181   -2.443  -8.402  1.00 0.00 ? 47 ALA A HB2  1 
ATOM 683  H HB3  . ALA A 1 48 ? 6.815   -4.049  -9.077  1.00 0.00 ? 47 ALA A HB3  1 
ATOM 684  N N    . VAL A 1 49 ? 4.683   -4.807  -7.528  1.00 0.00 ? 48 VAL A N    1 
ATOM 685  C CA   . VAL A 1 49 ? 4.061   -6.087  -7.234  1.00 0.00 ? 48 VAL A CA   1 
ATOM 686  C C    . VAL A 1 49 ? 2.540   -5.919  -7.223  1.00 0.00 ? 48 VAL A C    1 
ATOM 687  O O    . VAL A 1 49 ? 1.807   -6.848  -7.560  1.00 0.00 ? 48 VAL A O    1 
ATOM 688  C CB   . VAL A 1 49 ? 4.610   -6.646  -5.920  1.00 0.00 ? 48 VAL A CB   1 
ATOM 689  C CG1  . VAL A 1 49 ? 3.904   -7.949  -5.542  1.00 0.00 ? 48 VAL A CG1  1 
ATOM 690  C CG2  . VAL A 1 49 ? 6.124   -6.845  -5.999  1.00 0.00 ? 48 VAL A CG2  1 
ATOM 691  H H    . VAL A 1 49 ? 5.361   -4.503  -6.859  1.00 0.00 ? 48 VAL A H    1 
ATOM 692  H HA   . VAL A 1 49 ? 4.332   -6.776  -8.034  1.00 0.00 ? 48 VAL A HA   1 
ATOM 693  H HB   . VAL A 1 49 ? 4.409   -5.915  -5.136  1.00 0.00 ? 48 VAL A HB   1 
ATOM 694  H HG11 . VAL A 1 49 ? 3.191   -8.216  -6.322  1.00 0.00 ? 48 VAL A HG11 1 
ATOM 695  H HG12 . VAL A 1 49 ? 4.641   -8.745  -5.435  1.00 0.00 ? 48 VAL A HG12 1 
ATOM 696  H HG13 . VAL A 1 49 ? 3.375   -7.815  -4.597  1.00 0.00 ? 48 VAL A HG13 1 
ATOM 697  H HG21 . VAL A 1 49 ? 6.554   -6.101  -6.670  1.00 0.00 ? 48 VAL A HG21 1 
ATOM 698  H HG22 . VAL A 1 49 ? 6.558   -6.732  -5.006  1.00 0.00 ? 48 VAL A HG22 1 
ATOM 699  H HG23 . VAL A 1 49 ? 6.341   -7.844  -6.378  1.00 0.00 ? 48 VAL A HG23 1 
ATOM 700  N N    . LEU A 1 50 ? 2.111   -4.727  -6.833  1.00 0.00 ? 49 LEU A N    1 
ATOM 701  C CA   . LEU A 1 50 ? 0.690   -4.426  -6.774  1.00 0.00 ? 49 LEU A CA   1 
ATOM 702  C C    . LEU A 1 50 ? 0.119   -4.403  -8.193  1.00 0.00 ? 49 LEU A C    1 
ATOM 703  O O    . LEU A 1 50 ? -0.851  -5.100  -8.488  1.00 0.00 ? 49 LEU A O    1 
ATOM 704  C CB   . LEU A 1 50 ? 0.448   -3.134  -5.994  1.00 0.00 ? 49 LEU A CB   1 
ATOM 705  C CG   . LEU A 1 50 ? -1.010  -2.815  -5.657  1.00 0.00 ? 49 LEU A CG   1 
ATOM 706  C CD1  . LEU A 1 50 ? -1.557  -3.792  -4.613  1.00 0.00 ? 49 LEU A CD1  1 
ATOM 707  C CD2  . LEU A 1 50 ? -1.166  -1.359  -5.216  1.00 0.00 ? 49 LEU A CD2  1 
ATOM 708  H H    . LEU A 1 50 ? 2.713   -3.978  -6.561  1.00 0.00 ? 49 LEU A H    1 
ATOM 709  H HA   . LEU A 1 50 ? 0.208   -5.233  -6.221  1.00 0.00 ? 49 LEU A HA   1 
ATOM 710  H HB2  . LEU A 1 50 ? 1.013   -3.184  -5.061  1.00 0.00 ? 49 LEU A HB2  1 
ATOM 711  H HB3  . LEU A 1 50 ? 0.857   -2.303  -6.569  1.00 0.00 ? 49 LEU A HB3  1 
ATOM 712  H HG   . LEU A 1 50 ? -1.605  -2.945  -6.561  1.00 0.00 ? 49 LEU A HG   1 
ATOM 713  H HD11 . LEU A 1 50 ? -0.861  -3.856  -3.776  1.00 0.00 ? 49 LEU A HD11 1 
ATOM 714  H HD12 . LEU A 1 50 ? -2.523  -3.437  -4.255  1.00 0.00 ? 49 LEU A HD12 1 
ATOM 715  H HD13 . LEU A 1 50 ? -1.675  -4.777  -5.064  1.00 0.00 ? 49 LEU A HD13 1 
ATOM 716  H HD21 . LEU A 1 50 ? -0.181  -0.902  -5.117  1.00 0.00 ? 49 LEU A HD21 1 
ATOM 717  H HD22 . LEU A 1 50 ? -1.746  -0.814  -5.961  1.00 0.00 ? 49 LEU A HD22 1 
ATOM 718  H HD23 . LEU A 1 50 ? -1.682  -1.323  -4.257  1.00 0.00 ? 49 LEU A HD23 1 
ATOM 719  N N    . GLN A 1 51 ? 0.745   -3.594  -9.036  1.00 0.00 ? 50 GLN A N    1 
ATOM 720  C CA   . GLN A 1 51 ? 0.311   -3.471  -10.418 1.00 0.00 ? 50 GLN A CA   1 
ATOM 721  C C    . GLN A 1 51 ? 0.667   -4.737  -11.200 1.00 0.00 ? 50 GLN A C    1 
ATOM 722  O O    . GLN A 1 51 ? 0.124   -4.977  -12.277 1.00 0.00 ? 50 GLN A O    1 
ATOM 723  C CB   . GLN A 1 51 ? 0.920   -2.231  -11.075 1.00 0.00 ? 50 GLN A CB   1 
ATOM 724  C CG   . GLN A 1 51 ? 2.438   -2.368  -11.203 1.00 0.00 ? 50 GLN A CG   1 
ATOM 725  C CD   . GLN A 1 51 ? 3.060   -1.080  -11.748 1.00 0.00 ? 50 GLN A CD   1 
ATOM 726  O OE1  . GLN A 1 51 ? 3.597   -1.035  -12.843 1.00 0.00 ? 50 GLN A OE1  1 
ATOM 727  N NE2  . GLN A 1 51 ? 2.960   -0.041  -10.926 1.00 0.00 ? 50 GLN A NE2  1 
ATOM 728  H H    . GLN A 1 51 ? 1.533   -3.031  -8.789  1.00 0.00 ? 50 GLN A H    1 
ATOM 729  H HA   . GLN A 1 51 ? -0.772  -3.355  -10.372 1.00 0.00 ? 50 GLN A HA   1 
ATOM 730  H HB2  . GLN A 1 51 ? 0.480   -2.085  -12.061 1.00 0.00 ? 50 GLN A HB2  1 
ATOM 731  H HB3  . GLN A 1 51 ? 0.679   -1.346  -10.484 1.00 0.00 ? 50 GLN A HB3  1 
ATOM 732  H HG2  . GLN A 1 51 ? 2.870   -2.601  -10.229 1.00 0.00 ? 50 GLN A HG2  1 
ATOM 733  H HG3  . GLN A 1 51 ? 2.678   -3.200  -11.864 1.00 0.00 ? 50 GLN A HG3  1 
ATOM 734  H HE21 . GLN A 1 51 ? 2.508   -0.145  -10.040 1.00 0.00 ? 50 GLN A HE21 1 
ATOM 735  H HE22 . GLN A 1 51 ? 3.337   0.846   -11.193 1.00 0.00 ? 50 GLN A HE22 1 
ATOM 736  N N    . GLN A 1 52 ? 1.575   -5.512  -10.628 1.00 0.00 ? 51 GLN A N    1 
ATOM 737  C CA   . GLN A 1 52 ? 2.010   -6.747  -11.259 1.00 0.00 ? 51 GLN A CA   1 
ATOM 738  C C    . GLN A 1 52 ? 0.862   -7.757  -11.294 1.00 0.00 ? 51 GLN A C    1 
ATOM 739  O O    . GLN A 1 52 ? 0.877   -8.692  -12.094 1.00 0.00 ? 51 GLN A O    1 
ATOM 740  C CB   . GLN A 1 52 ? 3.231   -7.328  -10.543 1.00 0.00 ? 51 GLN A CB   1 
ATOM 741  C CG   . GLN A 1 52 ? 4.494   -6.535  -10.880 1.00 0.00 ? 51 GLN A CG   1 
ATOM 742  C CD   . GLN A 1 52 ? 5.556   -7.437  -11.511 1.00 0.00 ? 51 GLN A CD   1 
ATOM 743  O OE1  . GLN A 1 52 ? 5.662   -8.616  -11.215 1.00 0.00 ? 51 GLN A OE1  1 
ATOM 744  N NE2  . GLN A 1 52 ? 6.336   -6.819  -12.394 1.00 0.00 ? 51 GLN A NE2  1 
ATOM 745  H H    . GLN A 1 52 ? 2.012   -5.309  -9.752  1.00 0.00 ? 51 GLN A H    1 
ATOM 746  H HA   . GLN A 1 52 ? 2.290   -6.470  -12.276 1.00 0.00 ? 51 GLN A HA   1 
ATOM 747  H HB2  . GLN A 1 52 ? 3.065   -7.315  -9.465  1.00 0.00 ? 51 GLN A HB2  1 
ATOM 748  H HB3  . GLN A 1 52 ? 3.364   -8.371  -10.832 1.00 0.00 ? 51 GLN A HB3  1 
ATOM 749  H HG2  . GLN A 1 52 ? 4.246   -5.725  -11.566 1.00 0.00 ? 51 GLN A HG2  1 
ATOM 750  H HG3  . GLN A 1 52 ? 4.892   -6.076  -9.975  1.00 0.00 ? 51 GLN A HG3  1 
ATOM 751  H HE21 . GLN A 1 52 ? 6.197   -5.849  -12.591 1.00 0.00 ? 51 GLN A HE21 1 
ATOM 752  H HE22 . GLN A 1 52 ? 7.062   -7.326  -12.861 1.00 0.00 ? 51 GLN A HE22 1 
ATOM 753  N N    . ARG A 1 53 ? -0.107  -7.535  -10.417 1.00 0.00 ? 52 ARG A N    1 
ATOM 754  C CA   . ARG A 1 53 ? -1.261  -8.415  -10.338 1.00 0.00 ? 52 ARG A CA   1 
ATOM 755  C C    . ARG A 1 53 ? -2.372  -7.917  -11.264 1.00 0.00 ? 52 ARG A C    1 
ATOM 756  O O    . ARG A 1 53 ? -2.826  -8.648  -12.142 1.00 0.00 ? 52 ARG A O    1 
ATOM 757  C CB   . ARG A 1 53 ? -1.796  -8.494  -8.907  1.00 0.00 ? 52 ARG A CB   1 
ATOM 758  C CG   . ARG A 1 53 ? -1.137  -9.639  -8.137  1.00 0.00 ? 52 ARG A CG   1 
ATOM 759  C CD   . ARG A 1 53 ? -0.669  -9.176  -6.756  1.00 0.00 ? 52 ARG A CD   1 
ATOM 760  N NE   . ARG A 1 53 ? -1.816  -9.128  -5.822  1.00 0.00 ? 52 ARG A NE   1 
ATOM 761  C CZ   . ARG A 1 53 ? -2.180  -10.148 -5.018  1.00 0.00 ? 52 ARG A CZ   1 
ATOM 762  N NH1  . ARG A 1 53 ? -1.488  -11.308 -5.025  1.00 0.00 ? 52 ARG A NH1  1 
ATOM 763  N NH2  . ARG A 1 53 ? -3.222  -9.997  -4.222  1.00 0.00 ? 52 ARG A NH2  1 
ATOM 764  H H    . ARG A 1 53 ? -0.111  -6.773  -9.771  1.00 0.00 ? 52 ARG A H    1 
ATOM 765  H HA   . ARG A 1 53 ? -0.890  -9.389  -10.657 1.00 0.00 ? 52 ARG A HA   1 
ATOM 766  H HB2  . ARG A 1 53 ? -1.609  -7.551  -8.392  1.00 0.00 ? 52 ARG A HB2  1 
ATOM 767  H HB3  . ARG A 1 53 ? -2.876  -8.637  -8.926  1.00 0.00 ? 52 ARG A HB3  1 
ATOM 768  H HG2  . ARG A 1 53 ? -1.844  -10.462 -8.028  1.00 0.00 ? 52 ARG A HG2  1 
ATOM 769  H HG3  . ARG A 1 53 ? -0.288  -10.022 -8.703  1.00 0.00 ? 52 ARG A HG3  1 
ATOM 770  H HD2  . ARG A 1 53 ? 0.094   -9.855  -6.375  1.00 0.00 ? 52 ARG A HD2  1 
ATOM 771  H HD3  . ARG A 1 53 ? -0.209  -8.190  -6.832  1.00 0.00 ? 52 ARG A HD3  1 
ATOM 772  H HE   . ARG A 1 53 ? -2.355  -8.287  -5.785  1.00 0.00 ? 52 ARG A HE   1 
ATOM 773  H HH11 . ARG A 1 53 ? -0.699  -11.415 -5.631  1.00 0.00 ? 52 ARG A HH11 1 
ATOM 774  H HH12 . ARG A 1 53 ? -1.763  -12.060 -4.426  1.00 0.00 ? 52 ARG A HH12 1 
ATOM 775  H HH21 . ARG A 1 53 ? -3.556  -10.702 -3.597  1.00 0.00 ? 52 ARG A HH21 1 
ATOM 776  N N    . TYR A 1 54 ? -2.778  -6.677  -11.035 1.00 0.00 ? 53 TYR A N    1 
ATOM 777  C CA   . TYR A 1 54 ? -3.827  -6.073  -11.839 1.00 0.00 ? 53 TYR A CA   1 
ATOM 778  C C    . TYR A 1 54 ? -3.237  -5.276  -13.004 1.00 0.00 ? 53 TYR A C    1 
ATOM 779  O O    . TYR A 1 54 ? -3.230  -5.746  -14.141 1.00 0.00 ? 53 TYR A O    1 
ATOM 780  C CB   . TYR A 1 54 ? -4.572  -5.114  -10.907 1.00 0.00 ? 53 TYR A CB   1 
ATOM 781  C CG   . TYR A 1 54 ? -5.609  -5.796  -10.012 1.00 0.00 ? 53 TYR A CG   1 
ATOM 782  C CD1  . TYR A 1 54 ? -5.203  -6.483  -8.887  1.00 0.00 ? 53 TYR A CD1  1 
ATOM 783  C CD2  . TYR A 1 54 ? -6.950  -5.724  -10.331 1.00 0.00 ? 53 TYR A CD2  1 
ATOM 784  C CE1  . TYR A 1 54 ? -6.179  -7.125  -8.045  1.00 0.00 ? 53 TYR A CE1  1 
ATOM 785  C CE2  . TYR A 1 54 ? -7.925  -6.365  -9.489  1.00 0.00 ? 53 TYR A CE2  1 
ATOM 786  C CZ   . TYR A 1 54 ? -7.492  -7.034  -8.387  1.00 0.00 ? 53 TYR A CZ   1 
ATOM 787  O OH   . TYR A 1 54 ? -8.413  -7.641  -7.591  1.00 0.00 ? 53 TYR A OH   1 
ATOM 788  H H    . TYR A 1 54 ? -2.403  -6.088  -10.319 1.00 0.00 ? 53 TYR A H    1 
ATOM 789  H HA   . TYR A 1 54 ? -4.451  -6.874  -12.235 1.00 0.00 ? 53 TYR A HA   1 
ATOM 790  H HB2  . TYR A 1 54 ? -3.847  -4.598  -10.278 1.00 0.00 ? 53 TYR A HB2  1 
ATOM 791  H HB3  . TYR A 1 54 ? -5.070  -4.353  -11.508 1.00 0.00 ? 53 TYR A HB3  1 
ATOM 792  H HD1  . TYR A 1 54 ? -4.144  -6.540  -8.635  1.00 0.00 ? 53 TYR A HD1  1 
ATOM 793  H HD2  . TYR A 1 54 ? -7.270  -5.181  -11.220 1.00 0.00 ? 53 TYR A HD2  1 
ATOM 794  H HE1  . TYR A 1 54 ? -5.872  -7.671  -7.152  1.00 0.00 ? 53 TYR A HE1  1 
ATOM 795  H HE2  . TYR A 1 54 ? -8.988  -6.316  -9.729  1.00 0.00 ? 53 TYR A HE2  1 
ATOM 796  H HH   . TYR A 1 54 ? -8.127  -7.589  -6.635  1.00 0.00 ? 53 TYR A HH   1 
ATOM 797  N N    . GLY A 1 55 ? -2.755  -4.085  -12.681 1.00 0.00 ? 54 GLY A N    1 
ATOM 798  C CA   . GLY A 1 55 ? -2.164  -3.219  -13.688 1.00 0.00 ? 54 GLY A CA   1 
ATOM 799  C C    . GLY A 1 55 ? -2.389  -1.746  -13.343 1.00 0.00 ? 54 GLY A C    1 
ATOM 800  O O    . GLY A 1 55 ? -2.999  -1.010  -14.118 1.00 0.00 ? 54 GLY A O    1 
ATOM 801  H H    . GLY A 1 55 ? -2.765  -3.711  -11.754 1.00 0.00 ? 54 GLY A H    1 
ATOM 802  H HA2  . GLY A 1 55 ? -1.095  -3.419  -13.762 1.00 0.00 ? 54 GLY A HA2  1 
ATOM 803  H HA3  . GLY A 1 55 ? -2.598  -3.440  -14.662 1.00 0.00 ? 54 GLY A HA3  1 
ATOM 804  N N    . ILE A 1 56 ? -1.886  -1.359  -12.180 1.00 0.00 ? 55 ILE A N    1 
ATOM 805  C CA   . ILE A 1 56 ? -2.024  0.014   -11.724 1.00 0.00 ? 55 ILE A CA   1 
ATOM 806  C C    . ILE A 1 56 ? -0.667  0.714   -11.809 1.00 0.00 ? 55 ILE A C    1 
ATOM 807  O O    . ILE A 1 56 ? 0.349   0.077   -12.083 1.00 0.00 ? 55 ILE A O    1 
ATOM 808  C CB   . ILE A 1 56 ? -2.652  0.054   -10.329 1.00 0.00 ? 55 ILE A CB   1 
ATOM 809  C CG1  . ILE A 1 56 ? -3.901  -0.826  -10.264 1.00 0.00 ? 55 ILE A CG1  1 
ATOM 810  C CG2  . ILE A 1 56 ? -2.941  1.493   -9.898  1.00 0.00 ? 55 ILE A CG2  1 
ATOM 811  C CD1  . ILE A 1 56 ? -4.271  -1.148  -8.814  1.00 0.00 ? 55 ILE A CD1  1 
ATOM 812  H H    . ILE A 1 56 ? -1.392  -1.964  -11.556 1.00 0.00 ? 55 ILE A H    1 
ATOM 813  H HA   . ILE A 1 56 ? -2.716  0.515   -12.402 1.00 0.00 ? 55 ILE A HA   1 
ATOM 814  H HB   . ILE A 1 56 ? -1.932  -0.356  -9.620  1.00 0.00 ? 55 ILE A HB   1 
ATOM 815  H HG12 . ILE A 1 56 ? -4.734  -0.318  -10.751 1.00 0.00 ? 55 ILE A HG12 1 
ATOM 816  H HG13 . ILE A 1 56 ? -3.728  -1.752  -10.812 1.00 0.00 ? 55 ILE A HG13 1 
ATOM 817  H HG21 . ILE A 1 56 ? -2.022  1.958   -9.541  1.00 0.00 ? 55 ILE A HG21 1 
ATOM 818  H HG22 . ILE A 1 56 ? -3.325  2.056   -10.750 1.00 0.00 ? 55 ILE A HG22 1 
ATOM 819  H HG23 . ILE A 1 56 ? -3.683  1.492   -9.100  1.00 0.00 ? 55 ILE A HG23 1 
ATOM 820  H HD11 . ILE A 1 56 ? -3.401  -1.558  -8.300  1.00 0.00 ? 55 ILE A HD11 1 
ATOM 821  H HD12 . ILE A 1 56 ? -4.594  -0.236  -8.311  1.00 0.00 ? 55 ILE A HD12 1 
ATOM 822  H HD13 . ILE A 1 56 ? -5.081  -1.878  -8.799  1.00 0.00 ? 55 ILE A HD13 1 
ATOM 823  N N    . ALA A 1 57 ? -0.694  2.018   -11.568 1.00 0.00 ? 56 ALA A N    1 
ATOM 824  C CA   . ALA A 1 57 ? 0.522   2.812   -11.613 1.00 0.00 ? 56 ALA A CA   1 
ATOM 825  C C    . ALA A 1 57 ? 0.651   3.614   -10.317 1.00 0.00 ? 56 ALA A C    1 
ATOM 826  O O    . ALA A 1 57 ? 0.720   4.841   -10.346 1.00 0.00 ? 56 ALA A O    1 
ATOM 827  C CB   . ALA A 1 57 ? 0.501   3.708   -12.854 1.00 0.00 ? 56 ALA A CB   1 
ATOM 828  H H    . ALA A 1 57 ? -1.524  2.529   -11.346 1.00 0.00 ? 56 ALA A H    1 
ATOM 829  H HA   . ALA A 1 57 ? 1.364   2.125   -11.691 1.00 0.00 ? 56 ALA A HA   1 
ATOM 830  H HB1  . ALA A 1 57 ? -0.476  3.641   -13.334 1.00 0.00 ? 56 ALA A HB1  1 
ATOM 831  H HB2  . ALA A 1 57 ? 0.691   4.740   -12.559 1.00 0.00 ? 56 ALA A HB2  1 
ATOM 832  H HB3  . ALA A 1 57 ? 1.272   3.381   -13.552 1.00 0.00 ? 56 ALA A HB3  1 
ATOM 833  N N    . LEU A 1 58 ? 0.679   2.887   -9.209  1.00 0.00 ? 57 LEU A N    1 
ATOM 834  C CA   . LEU A 1 58 ? 0.799   3.516   -7.905  1.00 0.00 ? 57 LEU A CA   1 
ATOM 835  C C    . LEU A 1 58 ? 2.279   3.648   -7.541  1.00 0.00 ? 57 LEU A C    1 
ATOM 836  O O    . LEU A 1 58 ? 2.746   3.028   -6.586  1.00 0.00 ? 57 LEU A O    1 
ATOM 837  C CB   . LEU A 1 58 ? -0.023  2.752   -6.865  1.00 0.00 ? 57 LEU A CB   1 
ATOM 838  C CG   . LEU A 1 58 ? -0.671  3.599   -5.768  1.00 0.00 ? 57 LEU A CG   1 
ATOM 839  C CD1  . LEU A 1 58 ? -1.944  2.934   -5.240  1.00 0.00 ? 57 LEU A CD1  1 
ATOM 840  C CD2  . LEU A 1 58 ? 0.326   3.898   -4.646  1.00 0.00 ? 57 LEU A CD2  1 
ATOM 841  H H    . LEU A 1 58 ? 0.622   1.888   -9.194  1.00 0.00 ? 57 LEU A H    1 
ATOM 842  H HA   . LEU A 1 58 ? 0.371   4.515   -7.983  1.00 0.00 ? 57 LEU A HA   1 
ATOM 843  H HB2  . LEU A 1 58 ? -0.810  2.203   -7.385  1.00 0.00 ? 57 LEU A HB2  1 
ATOM 844  H HB3  . LEU A 1 58 ? 0.622   2.012   -6.392  1.00 0.00 ? 57 LEU A HB3  1 
ATOM 845  H HG   . LEU A 1 58 ? -0.963  4.555   -6.201  1.00 0.00 ? 57 LEU A HG   1 
ATOM 846  H HD11 . LEU A 1 58 ? -2.461  3.621   -4.570  1.00 0.00 ? 57 LEU A HD11 1 
ATOM 847  H HD12 . LEU A 1 58 ? -2.596  2.683   -6.077  1.00 0.00 ? 57 LEU A HD12 1 
ATOM 848  H HD13 . LEU A 1 58 ? -1.682  2.025   -4.699  1.00 0.00 ? 57 LEU A HD13 1 
ATOM 849  H HD21 . LEU A 1 58 ? 0.522   4.969   -4.610  1.00 0.00 ? 57 LEU A HD21 1 
ATOM 850  H HD22 . LEU A 1 58 ? -0.091  3.572   -3.693  1.00 0.00 ? 57 LEU A HD22 1 
ATOM 851  H HD23 . LEU A 1 58 ? 1.258   3.364   -4.836  1.00 0.00 ? 57 LEU A HD23 1 
ATOM 852  N N    . THR A 1 59 ? 2.977   4.460   -8.322  1.00 0.00 ? 58 THR A N    1 
ATOM 853  C CA   . THR A 1 59 ? 4.394   4.682   -8.093  1.00 0.00 ? 58 THR A CA   1 
ATOM 854  C C    . THR A 1 59 ? 4.614   5.994   -7.338  1.00 0.00 ? 58 THR A C    1 
ATOM 855  O O    . THR A 1 59 ? 3.655   6.651   -6.935  1.00 0.00 ? 58 THR A O    1 
ATOM 856  C CB   . THR A 1 59 ? 5.104   4.634   -9.448  1.00 0.00 ? 58 THR A CB   1 
ATOM 857  O OG1  . THR A 1 59 ? 4.810   5.897   -10.039 1.00 0.00 ? 58 THR A OG1  1 
ATOM 858  C CG2  . THR A 1 59 ? 4.474   3.620   -10.404 1.00 0.00 ? 58 THR A CG2  1 
ATOM 859  H H    . THR A 1 59 ? 2.590   4.960   -9.096  1.00 0.00 ? 58 THR A H    1 
ATOM 860  H HA   . THR A 1 59 ? 4.770   3.881   -7.457  1.00 0.00 ? 58 THR A HA   1 
ATOM 861  H HB   . THR A 1 59 ? 6.170   4.442   -9.323  1.00 0.00 ? 58 THR A HB   1 
ATOM 862  H HG1  . THR A 1 59 ? 5.630   6.271   -10.474 1.00 0.00 ? 58 THR A HG1  1 
ATOM 863  H HG21 . THR A 1 59 ? 5.055   3.578   -11.325 1.00 0.00 ? 58 THR A HG21 1 
ATOM 864  H HG22 . THR A 1 59 ? 4.464   2.636   -9.935  1.00 0.00 ? 58 THR A HG22 1 
ATOM 865  H HG23 . THR A 1 59 ? 3.453   3.924   -10.634 1.00 0.00 ? 58 THR A HG23 1 
ATOM 866  N N    . ASP A 1 60 ? 5.883   6.338   -7.169  1.00 0.00 ? 59 ASP A N    1 
ATOM 867  C CA   . ASP A 1 60 ? 6.240   7.560   -6.469  1.00 0.00 ? 59 ASP A CA   1 
ATOM 868  C C    . ASP A 1 60 ? 5.287   8.681   -6.891  1.00 0.00 ? 59 ASP A C    1 
ATOM 869  O O    . ASP A 1 60 ? 4.908   9.518   -6.073  1.00 0.00 ? 59 ASP A O    1 
ATOM 870  C CB   . ASP A 1 60 ? 7.665   7.997   -6.816  1.00 0.00 ? 59 ASP A CB   1 
ATOM 871  C CG   . ASP A 1 60 ? 8.504   8.469   -5.628  1.00 0.00 ? 59 ASP A CG   1 
ATOM 872  O OD1  . ASP A 1 60 ? 8.326   8.000   -4.493  1.00 0.00 ? 59 ASP A OD1  1 
ATOM 873  O OD2  . ASP A 1 60 ? 9.384   9.370   -5.905  1.00 0.00 ? 59 ASP A OD2  1 
ATOM 874  H H    . ASP A 1 60 ? 6.657   5.798   -7.500  1.00 0.00 ? 59 ASP A H    1 
ATOM 875  H HA   . ASP A 1 60 ? 6.158   7.318   -5.410  1.00 0.00 ? 59 ASP A HA   1 
ATOM 876  H HB2  . ASP A 1 60 ? 8.178   7.162   -7.295  1.00 0.00 ? 59 ASP A HB2  1 
ATOM 877  H HB3  . ASP A 1 60 ? 7.615   8.801   -7.549  1.00 0.00 ? 59 ASP A HB3  1 
ATOM 878  H HD2  . ASP A 1 60 ? 10.122  8.971   -6.450  1.00 0.00 ? 59 ASP A HD2  1 
ATOM 879  N N    . GLU A 1 61 ? 4.928   8.661   -8.166  1.00 0.00 ? 60 GLU A N    1 
ATOM 880  C CA   . GLU A 1 61 ? 4.028   9.666   -8.705  1.00 0.00 ? 60 GLU A CA   1 
ATOM 881  C C    . GLU A 1 61 ? 2.931   9.995   -7.690  1.00 0.00 ? 60 GLU A C    1 
ATOM 882  O O    . GLU A 1 61 ? 2.929   11.075  -7.101  1.00 0.00 ? 60 GLU A O    1 
ATOM 883  C CB   . GLU A 1 61 ? 3.424   9.204   -10.033 1.00 0.00 ? 60 GLU A CB   1 
ATOM 884  C CG   . GLU A 1 61 ? 2.453   10.249  -10.587 1.00 0.00 ? 60 GLU A CG   1 
ATOM 885  C CD   . GLU A 1 61 ? 2.882   10.713  -11.979 1.00 0.00 ? 60 GLU A CD   1 
ATOM 886  O OE1  . GLU A 1 61 ? 3.667   10.024  -12.648 1.00 0.00 ? 60 GLU A OE1  1 
ATOM 887  O OE2  . GLU A 1 61 ? 2.369   11.833  -12.364 1.00 0.00 ? 60 GLU A OE2  1 
ATOM 888  H H    . GLU A 1 61 ? 5.242   7.977   -8.825  1.00 0.00 ? 60 GLU A H    1 
ATOM 889  H HA   . GLU A 1 61 ? 4.646   10.546  -8.880  1.00 0.00 ? 60 GLU A HA   1 
ATOM 890  H HB2  . GLU A 1 61 ? 4.220   9.024   -10.756 1.00 0.00 ? 60 GLU A HB2  1 
ATOM 891  H HB3  . GLU A 1 61 ? 2.903   8.257   -9.891  1.00 0.00 ? 60 GLU A HB3  1 
ATOM 892  H HG2  . GLU A 1 61 ? 1.448   9.828   -10.633 1.00 0.00 ? 60 GLU A HG2  1 
ATOM 893  H HG3  . GLU A 1 61 ? 2.409   11.104  -9.912  1.00 0.00 ? 60 GLU A HG3  1 
ATOM 894  H HE2  . GLU A 1 61 ? 1.645   12.111  -11.733 1.00 0.00 ? 60 GLU A HE2  1 
ATOM 895  N N    . THR A 1 62 ? 2.025   9.044   -7.516  1.00 0.00 ? 61 THR A N    1 
ATOM 896  C CA   . THR A 1 62 ? 0.925   9.220   -6.582  1.00 0.00 ? 61 THR A CA   1 
ATOM 897  C C    . THR A 1 62 ? 1.386   8.921   -5.154  1.00 0.00 ? 61 THR A C    1 
ATOM 898  O O    . THR A 1 62 ? 0.964   9.586   -4.209  1.00 0.00 ? 61 THR A O    1 
ATOM 899  C CB   . THR A 1 62 ? -0.233  8.335   -7.044  1.00 0.00 ? 61 THR A CB   1 
ATOM 900  O OG1  . THR A 1 62 ? -1.225  8.507   -6.035  1.00 0.00 ? 61 THR A OG1  1 
ATOM 901  C CG2  . THR A 1 62 ? 0.107   6.844   -6.981  1.00 0.00 ? 61 THR A CG2  1 
ATOM 902  H H    . THR A 1 62 ? 2.033   8.169   -7.999  1.00 0.00 ? 61 THR A H    1 
ATOM 903  H HA   . THR A 1 62 ? 0.618   10.265  -6.606  1.00 0.00 ? 61 THR A HA   1 
ATOM 904  H HB   . THR A 1 62 ? -0.564  8.617   -8.043  1.00 0.00 ? 61 THR A HB   1 
ATOM 905  H HG1  . THR A 1 62 ? -1.957  7.837   -6.157  1.00 0.00 ? 61 THR A HG1  1 
ATOM 906  H HG21 . THR A 1 62 ? 0.899   6.622   -7.695  1.00 0.00 ? 61 THR A HG21 1 
ATOM 907  H HG22 . THR A 1 62 ? 0.442   6.590   -5.975  1.00 0.00 ? 61 THR A HG22 1 
ATOM 908  H HG23 . THR A 1 62 ? -0.779  6.258   -7.227  1.00 0.00 ? 61 THR A HG23 1 
ATOM 909  N N    . VAL A 1 63 ? 2.247   7.920   -5.041  1.00 0.00 ? 62 VAL A N    1 
ATOM 910  C CA   . VAL A 1 63 ? 2.770   7.525   -3.744  1.00 0.00 ? 62 VAL A CA   1 
ATOM 911  C C    . VAL A 1 63 ? 3.437   8.731   -3.080  1.00 0.00 ? 62 VAL A C    1 
ATOM 912  O O    . VAL A 1 63 ? 3.670   8.728   -1.872  1.00 0.00 ? 62 VAL A O    1 
ATOM 913  C CB   . VAL A 1 63 ? 3.714   6.332   -3.902  1.00 0.00 ? 62 VAL A CB   1 
ATOM 914  C CG1  . VAL A 1 63 ? 4.467   6.052   -2.600  1.00 0.00 ? 62 VAL A CG1  1 
ATOM 915  C CG2  . VAL A 1 63 ? 2.956   5.090   -4.374  1.00 0.00 ? 62 VAL A CG2  1 
ATOM 916  H H    . VAL A 1 63 ? 2.586   7.384   -5.814  1.00 0.00 ? 62 VAL A H    1 
ATOM 917  H HA   . VAL A 1 63 ? 1.926   7.209   -3.132  1.00 0.00 ? 62 VAL A HA   1 
ATOM 918  H HB   . VAL A 1 63 ? 4.450   6.585   -4.666  1.00 0.00 ? 62 VAL A HB   1 
ATOM 919  H HG11 . VAL A 1 63 ? 5.075   6.919   -2.338  1.00 0.00 ? 62 VAL A HG11 1 
ATOM 920  H HG12 . VAL A 1 63 ? 3.752   5.857   -1.800  1.00 0.00 ? 62 VAL A HG12 1 
ATOM 921  H HG13 . VAL A 1 63 ? 5.111   5.183   -2.732  1.00 0.00 ? 62 VAL A HG13 1 
ATOM 922  H HG21 . VAL A 1 63 ? 2.294   4.745   -3.579  1.00 0.00 ? 62 VAL A HG21 1 
ATOM 923  H HG22 . VAL A 1 63 ? 2.365   5.339   -5.256  1.00 0.00 ? 62 VAL A HG22 1 
ATOM 924  H HG23 . VAL A 1 63 ? 3.666   4.302   -4.623  1.00 0.00 ? 62 VAL A HG23 1 
ATOM 925  N N    . GLY A 1 64 ? 3.724   9.733   -3.897  1.00 0.00 ? 63 GLY A N    1 
ATOM 926  C CA   . GLY A 1 64 ? 4.359   10.943  -3.402  1.00 0.00 ? 63 GLY A CA   1 
ATOM 927  C C    . GLY A 1 64 ? 3.354   11.826  -2.660  1.00 0.00 ? 63 GLY A C    1 
ATOM 928  O O    . GLY A 1 64 ? 3.639   12.316  -1.568  1.00 0.00 ? 63 GLY A O    1 
ATOM 929  H H    . GLY A 1 64 ? 3.531   9.728   -4.878  1.00 0.00 ? 63 GLY A H    1 
ATOM 930  H HA2  . GLY A 1 64 ? 5.180   10.681  -2.736  1.00 0.00 ? 63 GLY A HA2  1 
ATOM 931  H HA3  . GLY A 1 64 ? 4.790   11.499  -4.236  1.00 0.00 ? 63 GLY A HA3  1 
ATOM 932  N N    . ARG A 1 65 ? 2.197   12.002  -3.283  1.00 0.00 ? 64 ARG A N    1 
ATOM 933  C CA   . ARG A 1 65 ? 1.148   12.818  -2.694  1.00 0.00 ? 64 ARG A CA   1 
ATOM 934  C C    . ARG A 1 65 ? 0.552   12.115  -1.472  1.00 0.00 ? 64 ARG A C    1 
ATOM 935  O O    . ARG A 1 65 ? 0.141   12.769  -0.516  1.00 0.00 ? 64 ARG A O    1 
ATOM 936  C CB   . ARG A 1 65 ? 0.035   13.097  -3.706  1.00 0.00 ? 64 ARG A CB   1 
ATOM 937  C CG   . ARG A 1 65 ? -0.498  11.795  -4.308  1.00 0.00 ? 64 ARG A CG   1 
ATOM 938  C CD   . ARG A 1 65 ? -1.896  11.996  -4.899  1.00 0.00 ? 64 ARG A CD   1 
ATOM 939  N NE   . ARG A 1 65 ? -1.802  12.724  -6.183  1.00 0.00 ? 64 ARG A NE   1 
ATOM 940  C CZ   . ARG A 1 65 ? -2.693  12.602  -7.189  1.00 0.00 ? 64 ARG A CZ   1 
ATOM 941  N NH1  . ARG A 1 65 ? -3.754  11.776  -7.069  1.00 0.00 ? 64 ARG A NH1  1 
ATOM 942  N NH2  . ARG A 1 65 ? -2.512  13.301  -8.295  1.00 0.00 ? 64 ARG A NH2  1 
ATOM 943  H H    . ARG A 1 65 ? 1.973   11.601  -4.171  1.00 0.00 ? 64 ARG A H    1 
ATOM 944  H HA   . ARG A 1 65 ? 1.643   13.746  -2.410  1.00 0.00 ? 64 ARG A HA   1 
ATOM 945  H HB2  . ARG A 1 65 ? -0.777  13.636  -3.219  1.00 0.00 ? 64 ARG A HB2  1 
ATOM 946  H HB3  . ARG A 1 65 ? 0.413   13.741  -4.500  1.00 0.00 ? 64 ARG A HB3  1 
ATOM 947  H HG2  . ARG A 1 65 ? 0.181   11.444  -5.084  1.00 0.00 ? 64 ARG A HG2  1 
ATOM 948  H HG3  . ARG A 1 65 ? -0.531  11.022  -3.541  1.00 0.00 ? 64 ARG A HG3  1 
ATOM 949  H HD2  . ARG A 1 65 ? -2.376  11.030  -5.053  1.00 0.00 ? 64 ARG A HD2  1 
ATOM 950  H HD3  . ARG A 1 65 ? -2.519  12.554  -4.199  1.00 0.00 ? 64 ARG A HD3  1 
ATOM 951  H HE   . ARG A 1 65 ? -1.030  13.347  -6.314  1.00 0.00 ? 64 ARG A HE   1 
ATOM 952  H HH11 . ARG A 1 65 ? -3.884  11.248  -6.229  1.00 0.00 ? 64 ARG A HH11 1 
ATOM 953  H HH12 . ARG A 1 65 ? -4.409  11.689  -7.819  1.00 0.00 ? 64 ARG A HH12 1 
ATOM 954  H HH21 . ARG A 1 65 ? -3.123  13.267  -9.084  1.00 0.00 ? 64 ARG A HH21 1 
ATOM 955  N N    . LEU A 1 66 ? 0.525   10.793  -1.544  1.00 0.00 ? 65 LEU A N    1 
ATOM 956  C CA   . LEU A 1 66 ? -0.013  9.995   -0.456  1.00 0.00 ? 65 LEU A CA   1 
ATOM 957  C C    . LEU A 1 66 ? 1.139   9.441   0.383   1.00 0.00 ? 65 LEU A C    1 
ATOM 958  O O    . LEU A 1 66 ? 2.293   9.472   -0.043  1.00 0.00 ? 65 LEU A O    1 
ATOM 959  C CB   . LEU A 1 66 ? -0.953  8.915   -0.997  1.00 0.00 ? 65 LEU A CB   1 
ATOM 960  C CG   . LEU A 1 66 ? -2.423  9.317   -1.142  1.00 0.00 ? 65 LEU A CG   1 
ATOM 961  C CD1  . LEU A 1 66 ? -2.988  9.816   0.190   1.00 0.00 ? 65 LEU A CD1  1 
ATOM 962  C CD2  . LEU A 1 66 ? -2.604  10.342  -2.262  1.00 0.00 ? 65 LEU A CD2  1 
ATOM 963  H H    . LEU A 1 66 ? 0.862   10.268  -2.326  1.00 0.00 ? 65 LEU A H    1 
ATOM 964  H HA   . LEU A 1 66 ? -0.610  10.658  0.170   1.00 0.00 ? 65 LEU A HA   1 
ATOM 965  H HB2  . LEU A 1 66 ? -0.586  8.598   -1.973  1.00 0.00 ? 65 LEU A HB2  1 
ATOM 966  H HB3  . LEU A 1 66 ? -0.897  8.049   -0.339  1.00 0.00 ? 65 LEU A HB3  1 
ATOM 967  H HG   . LEU A 1 66 ? -2.993  8.431   -1.421  1.00 0.00 ? 65 LEU A HG   1 
ATOM 968  H HD11 . LEU A 1 66 ? -2.584  9.215   1.004   1.00 0.00 ? 65 LEU A HD11 1 
ATOM 969  H HD12 . LEU A 1 66 ? -2.707  10.860  0.335   1.00 0.00 ? 65 LEU A HD12 1 
ATOM 970  H HD13 . LEU A 1 66 ? -4.074  9.730   0.178   1.00 0.00 ? 65 LEU A HD13 1 
ATOM 971  H HD21 . LEU A 1 66 ? -3.625  10.722  -2.245  1.00 0.00 ? 65 LEU A HD21 1 
ATOM 972  H HD22 . LEU A 1 66 ? -1.907  11.168  -2.115  1.00 0.00 ? 65 LEU A HD22 1 
ATOM 973  H HD23 . LEU A 1 66 ? -2.408  9.869   -3.224  1.00 0.00 ? 65 LEU A HD23 1 
ATOM 974  N N    . GLY A 1 67 ? 0.788   8.948   1.562   1.00 0.00 ? 66 GLY A N    1 
ATOM 975  C CA   . GLY A 1 67 ? 1.779   8.389   2.465   1.00 0.00 ? 66 GLY A CA   1 
ATOM 976  C C    . GLY A 1 67 ? 1.118   7.510   3.528   1.00 0.00 ? 66 GLY A C    1 
ATOM 977  O O    . GLY A 1 67 ? 1.665   7.326   4.615   1.00 0.00 ? 66 GLY A O    1 
ATOM 978  H H    . GLY A 1 67 ? -0.153  8.928   1.901   1.00 0.00 ? 66 GLY A H    1 
ATOM 979  H HA2  . GLY A 1 67 ? 2.502   7.800   1.899   1.00 0.00 ? 66 GLY A HA2  1 
ATOM 980  H HA3  . GLY A 1 67 ? 2.333   9.195   2.947   1.00 0.00 ? 66 GLY A HA3  1 
ATOM 981  N N    . THR A 1 68 ? -0.049  6.990   3.178   1.00 0.00 ? 67 THR A N    1 
ATOM 982  C CA   . THR A 1 68 ? -0.790  6.133   4.089   1.00 0.00 ? 67 THR A CA   1 
ATOM 983  C C    . THR A 1 68 ? -1.099  4.789   3.425   1.00 0.00 ? 67 THR A C    1 
ATOM 984  O O    . THR A 1 68 ? -1.090  4.682   2.199   1.00 0.00 ? 67 THR A O    1 
ATOM 985  C CB   . THR A 1 68 ? -2.041  6.892   4.537   1.00 0.00 ? 67 THR A CB   1 
ATOM 986  O OG1  . THR A 1 68 ? -2.695  7.235   3.318   1.00 0.00 ? 67 THR A OG1  1 
ATOM 987  C CG2  . THR A 1 68 ? -1.710  8.242   5.175   1.00 0.00 ? 67 THR A CG2  1 
ATOM 988  H H    . THR A 1 68 ? -0.486  7.143   2.293   1.00 0.00 ? 67 THR A H    1 
ATOM 989  H HA   . THR A 1 68 ? -0.161  5.925   4.954   1.00 0.00 ? 67 THR A HA   1 
ATOM 990  H HB   . THR A 1 68 ? -2.647  6.282   5.208   1.00 0.00 ? 67 THR A HB   1 
ATOM 991  H HG1  . THR A 1 68 ? -2.173  7.939   2.837   1.00 0.00 ? 67 THR A HG1  1 
ATOM 992  H HG21 . THR A 1 68 ? -1.575  8.990   4.394   1.00 0.00 ? 67 THR A HG21 1 
ATOM 993  H HG22 . THR A 1 68 ? -2.528  8.545   5.830   1.00 0.00 ? 67 THR A HG22 1 
ATOM 994  H HG23 . THR A 1 68 ? -0.793  8.154   5.757   1.00 0.00 ? 67 THR A HG23 1 
ATOM 995  N N    . PRO A 1 69 ? -1.373  3.773   4.286   1.00 0.00 ? 68 PRO A N    1 
ATOM 996  C CA   . PRO A 1 69 ? -1.684  2.441   3.796   1.00 0.00 ? 68 PRO A CA   1 
ATOM 997  C C    . PRO A 1 69 ? -3.102  2.385   3.225   1.00 0.00 ? 68 PRO A C    1 
ATOM 998  O O    . PRO A 1 69 ? -3.308  1.906   2.111   1.00 0.00 ? 68 PRO A O    1 
ATOM 999  C CB   . PRO A 1 69 ? -1.490  1.526   4.994   1.00 0.00 ? 68 PRO A CB   1 
ATOM 1000 C CG   . PRO A 1 69 ? -1.530  2.427   6.217   1.00 0.00 ? 68 PRO A CG   1 
ATOM 1001 C CD   . PRO A 1 69 ? -1.393  3.865   5.743   1.00 0.00 ? 68 PRO A CD   1 
ATOM 1002 H HA   . PRO A 1 69 ? -1.076  2.198   3.041   1.00 0.00 ? 68 PRO A HA   1 
ATOM 1003 H HB2  . PRO A 1 69 ? -2.274  0.771   5.040   1.00 0.00 ? 68 PRO A HB2  1 
ATOM 1004 H HB3  . PRO A 1 69 ? -0.539  0.996   4.931   1.00 0.00 ? 68 PRO A HB3  1 
ATOM 1005 H HG2  . PRO A 1 69 ? -2.466  2.292   6.761   1.00 0.00 ? 68 PRO A HG2  1 
ATOM 1006 H HG3  . PRO A 1 69 ? -0.723  2.174   6.905   1.00 0.00 ? 68 PRO A HG3  1 
ATOM 1007 H HD2  . PRO A 1 69 ? -2.225  4.478   6.090   1.00 0.00 ? 68 PRO A HD2  1 
ATOM 1008 H HD3  . PRO A 1 69 ? -0.479  4.322   6.123   1.00 0.00 ? 68 PRO A HD3  1 
ATOM 1009 N N    . ARG A 1 70 ? -4.044  2.881   4.014   1.00 0.00 ? 69 ARG A N    1 
ATOM 1010 C CA   . ARG A 1 70 ? -5.436  2.893   3.600   1.00 0.00 ? 69 ARG A CA   1 
ATOM 1011 C C    . ARG A 1 70 ? -5.572  3.511   2.208   1.00 0.00 ? 69 ARG A C    1 
ATOM 1012 O O    . ARG A 1 70 ? -6.418  3.094   1.418   1.00 0.00 ? 69 ARG A O    1 
ATOM 1013 C CB   . ARG A 1 70 ? -6.298  3.683   4.588   1.00 0.00 ? 69 ARG A CB   1 
ATOM 1014 C CG   . ARG A 1 70 ? -5.731  5.088   4.807   1.00 0.00 ? 69 ARG A CG   1 
ATOM 1015 C CD   . ARG A 1 70 ? -6.722  5.966   5.574   1.00 0.00 ? 69 ARG A CD   1 
ATOM 1016 N NE   . ARG A 1 70 ? -6.118  7.287   5.853   1.00 0.00 ? 69 ARG A NE   1 
ATOM 1017 C CZ   . ARG A 1 70 ? -6.825  8.429   5.990   1.00 0.00 ? 69 ARG A CZ   1 
ATOM 1018 N NH1  . ARG A 1 70 ? -8.170  8.420   5.875   1.00 0.00 ? 69 ARG A NH1  1 
ATOM 1019 N NH2  . ARG A 1 70 ? -6.181  9.554   6.238   1.00 0.00 ? 69 ARG A NH2  1 
ATOM 1020 H H    . ARG A 1 70 ? -3.868  3.268   4.919   1.00 0.00 ? 69 ARG A H    1 
ATOM 1021 H HA   . ARG A 1 70 ? -5.736  1.844   3.594   1.00 0.00 ? 69 ARG A HA   1 
ATOM 1022 H HB2  . ARG A 1 70 ? -7.318  3.754   4.211   1.00 0.00 ? 69 ARG A HB2  1 
ATOM 1023 H HB3  . ARG A 1 70 ? -6.345  3.154   5.539   1.00 0.00 ? 69 ARG A HB3  1 
ATOM 1024 H HG2  . ARG A 1 70 ? -4.794  5.024   5.359   1.00 0.00 ? 69 ARG A HG2  1 
ATOM 1025 H HG3  . ARG A 1 70 ? -5.503  5.546   3.844   1.00 0.00 ? 69 ARG A HG3  1 
ATOM 1026 H HD2  . ARG A 1 70 ? -7.637  6.090   4.992   1.00 0.00 ? 69 ARG A HD2  1 
ATOM 1027 H HD3  . ARG A 1 70 ? -7.003  5.481   6.509   1.00 0.00 ? 69 ARG A HD3  1 
ATOM 1028 H HE   . ARG A 1 70 ? -5.123  7.338   5.945   1.00 0.00 ? 69 ARG A HE   1 
ATOM 1029 H HH11 . ARG A 1 70 ? -8.650  7.564   5.687   1.00 0.00 ? 69 ARG A HH11 1 
ATOM 1030 H HH12 . ARG A 1 70 ? -8.686  9.271   5.978   1.00 0.00 ? 69 ARG A HH12 1 
ATOM 1031 H HH21 . ARG A 1 70 ? -6.628  10.442  6.352   1.00 0.00 ? 69 ARG A HH21 1 
ATOM 1032 N N    . GLU A 1 71 ? -4.725  4.497   1.949   1.00 0.00 ? 70 GLU A N    1 
ATOM 1033 C CA   . GLU A 1 71 ? -4.740  5.178   0.665   1.00 0.00 ? 70 GLU A CA   1 
ATOM 1034 C C    . GLU A 1 71 ? -4.147  4.277   -0.421  1.00 0.00 ? 70 GLU A C    1 
ATOM 1035 O O    . GLU A 1 71 ? -4.393  4.484   -1.608  1.00 0.00 ? 70 GLU A O    1 
ATOM 1036 C CB   . GLU A 1 71 ? -3.988  6.508   0.742   1.00 0.00 ? 70 GLU A CB   1 
ATOM 1037 C CG   . GLU A 1 71 ? -4.879  7.608   1.325   1.00 0.00 ? 70 GLU A CG   1 
ATOM 1038 C CD   . GLU A 1 71 ? -5.852  8.142   0.272   1.00 0.00 ? 70 GLU A CD   1 
ATOM 1039 O OE1  . GLU A 1 71 ? -5.489  8.252   -0.909  1.00 0.00 ? 70 GLU A OE1  1 
ATOM 1040 O OE2  . GLU A 1 71 ? -7.023  8.449   0.717   1.00 0.00 ? 70 GLU A OE2  1 
ATOM 1041 H H    . GLU A 1 71 ? -4.040  4.831   2.596   1.00 0.00 ? 70 GLU A H    1 
ATOM 1042 H HA   . GLU A 1 71 ? -5.790  5.372   0.452   1.00 0.00 ? 70 GLU A HA   1 
ATOM 1043 H HB2  . GLU A 1 71 ? -3.097  6.393   1.358   1.00 0.00 ? 70 GLU A HB2  1 
ATOM 1044 H HB3  . GLU A 1 71 ? -3.652  6.798   -0.254  1.00 0.00 ? 70 GLU A HB3  1 
ATOM 1045 H HG2  . GLU A 1 71 ? -5.438  7.215   2.174   1.00 0.00 ? 70 GLU A HG2  1 
ATOM 1046 H HG3  . GLU A 1 71 ? -4.260  8.423   1.700   1.00 0.00 ? 70 GLU A HG3  1 
ATOM 1047 H HE2  . GLU A 1 71 ? -6.981  8.616   1.702   1.00 0.00 ? 70 GLU A HE2  1 
ATOM 1048 N N    . LEU A 1 72 ? -3.378  3.295   0.026   1.00 0.00 ? 71 LEU A N    1 
ATOM 1049 C CA   . LEU A 1 72 ? -2.748  2.360   -0.892  1.00 0.00 ? 71 LEU A CA   1 
ATOM 1050 C C    . LEU A 1 72 ? -3.771  1.307   -1.322  1.00 0.00 ? 71 LEU A C    1 
ATOM 1051 O O    . LEU A 1 72 ? -3.729  0.819   -2.450  1.00 0.00 ? 71 LEU A O    1 
ATOM 1052 C CB   . LEU A 1 72 ? -1.481  1.770   -0.271  1.00 0.00 ? 71 LEU A CB   1 
ATOM 1053 C CG   . LEU A 1 72 ? -0.165  2.127   -0.965  1.00 0.00 ? 71 LEU A CG   1 
ATOM 1054 C CD1  . LEU A 1 72 ? -0.068  1.456   -2.337  1.00 0.00 ? 71 LEU A CD1  1 
ATOM 1055 C CD2  . LEU A 1 72 ? 0.014   3.644   -1.056  1.00 0.00 ? 71 LEU A CD2  1 
ATOM 1056 H H    . LEU A 1 72 ? -3.182  3.132   0.993   1.00 0.00 ? 71 LEU A H    1 
ATOM 1057 H HA   . LEU A 1 72 ? -2.443  2.925   -1.774  1.00 0.00 ? 71 LEU A HA   1 
ATOM 1058 H HB2  . LEU A 1 72 ? -1.422  2.098   0.767   1.00 0.00 ? 71 LEU A HB2  1 
ATOM 1059 H HB3  . LEU A 1 72 ? -1.578  0.684   -0.258  1.00 0.00 ? 71 LEU A HB3  1 
ATOM 1060 H HG   . LEU A 1 72 ? 0.656   1.743   -0.360  1.00 0.00 ? 71 LEU A HG   1 
ATOM 1061 H HD11 . LEU A 1 72 ? -1.019  1.558   -2.859  1.00 0.00 ? 71 LEU A HD11 1 
ATOM 1062 H HD12 . LEU A 1 72 ? 0.720   1.932   -2.920  1.00 0.00 ? 71 LEU A HD12 1 
ATOM 1063 H HD13 . LEU A 1 72 ? 0.164   0.399   -2.208  1.00 0.00 ? 71 LEU A HD13 1 
ATOM 1064 H HD21 . LEU A 1 72 ? -0.199  4.094   -0.086  1.00 0.00 ? 71 LEU A HD21 1 
ATOM 1065 H HD22 . LEU A 1 72 ? 1.039   3.873   -1.346  1.00 0.00 ? 71 LEU A HD22 1 
ATOM 1066 H HD23 . LEU A 1 72 ? -0.672  4.046   -1.801  1.00 0.00 ? 71 LEU A HD23 1 
ATOM 1067 N N    . LEU A 1 73 ? -4.665  0.986   -0.398  1.00 0.00 ? 72 LEU A N    1 
ATOM 1068 C CA   . LEU A 1 73 ? -5.698  -0.001  -0.667  1.00 0.00 ? 72 LEU A CA   1 
ATOM 1069 C C    . LEU A 1 73 ? -6.880  0.680   -1.360  1.00 0.00 ? 72 LEU A C    1 
ATOM 1070 O O    . LEU A 1 73 ? -7.430  0.148   -2.323  1.00 0.00 ? 72 LEU A O    1 
ATOM 1071 C CB   . LEU A 1 73 ? -6.080  -0.740  0.617   1.00 0.00 ? 72 LEU A CB   1 
ATOM 1072 C CG   . LEU A 1 73 ? -7.164  -0.081  1.472   1.00 0.00 ? 72 LEU A CG   1 
ATOM 1073 C CD1  . LEU A 1 73 ? -8.560  -0.438  0.959   1.00 0.00 ? 72 LEU A CD1  1 
ATOM 1074 C CD2  . LEU A 1 73 ? -6.987  -0.438  2.950   1.00 0.00 ? 72 LEU A CD2  1 
ATOM 1075 H H    . LEU A 1 73 ? -4.693  1.387   0.517   1.00 0.00 ? 72 LEU A H    1 
ATOM 1076 H HA   . LEU A 1 73 ? -5.275  -0.738  -1.350  1.00 0.00 ? 72 LEU A HA   1 
ATOM 1077 H HB2  . LEU A 1 73 ? -6.415  -1.742  0.349   1.00 0.00 ? 72 LEU A HB2  1 
ATOM 1078 H HB3  . LEU A 1 73 ? -5.184  -0.856  1.227   1.00 0.00 ? 72 LEU A HB3  1 
ATOM 1079 H HG   . LEU A 1 73 ? -7.056  1.001   1.387   1.00 0.00 ? 72 LEU A HG   1 
ATOM 1080 H HD11 . LEU A 1 73 ? -8.964  -1.262  1.548   1.00 0.00 ? 72 LEU A HD11 1 
ATOM 1081 H HD12 . LEU A 1 73 ? -9.214  0.429   1.051   1.00 0.00 ? 72 LEU A HD12 1 
ATOM 1082 H HD13 . LEU A 1 73 ? -8.497  -0.736  -0.087  1.00 0.00 ? 72 LEU A HD13 1 
ATOM 1083 H HD21 . LEU A 1 73 ? -7.620  -1.291  3.195   1.00 0.00 ? 72 LEU A HD21 1 
ATOM 1084 H HD22 . LEU A 1 73 ? -5.945  -0.690  3.141   1.00 0.00 ? 72 LEU A HD22 1 
ATOM 1085 H HD23 . LEU A 1 73 ? -7.274  0.414   3.566   1.00 0.00 ? 72 LEU A HD23 1 
ATOM 1086 N N    . ASP A 1 74 ? -7.237  1.846   -0.843  1.00 0.00 ? 73 ASP A N    1 
ATOM 1087 C CA   . ASP A 1 74 ? -8.343  2.605   -1.400  1.00 0.00 ? 73 ASP A CA   1 
ATOM 1088 C C    . ASP A 1 74 ? -8.068  2.891   -2.877  1.00 0.00 ? 73 ASP A C    1 
ATOM 1089 O O    . ASP A 1 74 ? -8.953  2.738   -3.718  1.00 0.00 ? 73 ASP A O    1 
ATOM 1090 C CB   . ASP A 1 74 ? -8.508  3.946   -0.682  1.00 0.00 ? 73 ASP A CB   1 
ATOM 1091 C CG   . ASP A 1 74 ? -9.818  4.681   -0.977  1.00 0.00 ? 73 ASP A CG   1 
ATOM 1092 O OD1  . ASP A 1 74 ? -10.062 5.120   -2.110  1.00 0.00 ? 73 ASP A OD1  1 
ATOM 1093 O OD2  . ASP A 1 74 ? -10.617 4.796   0.029   1.00 0.00 ? 73 ASP A OD2  1 
ATOM 1094 H H    . ASP A 1 74 ? -6.784  2.272   -0.059  1.00 0.00 ? 73 ASP A H    1 
ATOM 1095 H HA   . ASP A 1 74 ? -9.223  1.978   -1.253  1.00 0.00 ? 73 ASP A HA   1 
ATOM 1096 H HB2  . ASP A 1 74 ? -8.439  3.777   0.392   1.00 0.00 ? 73 ASP A HB2  1 
ATOM 1097 H HB3  . ASP A 1 74 ? -7.676  4.594   -0.957  1.00 0.00 ? 73 ASP A HB3  1 
ATOM 1098 H HD2  . ASP A 1 74 ? -11.405 4.193   -0.089  1.00 0.00 ? 73 ASP A HD2  1 
ATOM 1099 N N    . GLU A 1 75 ? -6.838  3.301   -3.148  1.00 0.00 ? 74 GLU A N    1 
ATOM 1100 C CA   . GLU A 1 75 ? -6.434  3.610   -4.510  1.00 0.00 ? 74 GLU A CA   1 
ATOM 1101 C C    . GLU A 1 75 ? -6.790  2.451   -5.444  1.00 0.00 ? 74 GLU A C    1 
ATOM 1102 O O    . GLU A 1 75 ? -7.471  2.645   -6.450  1.00 0.00 ? 74 GLU A O    1 
ATOM 1103 C CB   . GLU A 1 75 ? -4.941  3.932   -4.580  1.00 0.00 ? 74 GLU A CB   1 
ATOM 1104 C CG   . GLU A 1 75 ? -4.577  4.553   -5.930  1.00 0.00 ? 74 GLU A CG   1 
ATOM 1105 C CD   . GLU A 1 75 ? -5.099  5.987   -6.034  1.00 0.00 ? 74 GLU A CD   1 
ATOM 1106 O OE1  . GLU A 1 75 ? -5.977  6.384   -5.254  1.00 0.00 ? 74 GLU A OE1  1 
ATOM 1107 O OE2  . GLU A 1 75 ? -4.559  6.698   -6.965  1.00 0.00 ? 74 GLU A OE2  1 
ATOM 1108 H H    . GLU A 1 75 ? -6.124  3.424   -2.459  1.00 0.00 ? 74 GLU A H    1 
ATOM 1109 H HA   . GLU A 1 75 ? -7.005  4.496   -4.788  1.00 0.00 ? 74 GLU A HA   1 
ATOM 1110 H HB2  . GLU A 1 75 ? -4.676  4.620   -3.777  1.00 0.00 ? 74 GLU A HB2  1 
ATOM 1111 H HB3  . GLU A 1 75 ? -4.361  3.023   -4.425  1.00 0.00 ? 74 GLU A HB3  1 
ATOM 1112 H HG2  . GLU A 1 75 ? -3.494  4.546   -6.057  1.00 0.00 ? 74 GLU A HG2  1 
ATOM 1113 H HG3  . GLU A 1 75 ? -4.996  3.950   -6.736  1.00 0.00 ? 74 GLU A HG3  1 
ATOM 1114 H HE2  . GLU A 1 75 ? -4.441  7.640   -6.651  1.00 0.00 ? 74 GLU A HE2  1 
ATOM 1115 N N    . VAL A 1 76 ? -6.311  1.271   -5.079  1.00 0.00 ? 75 VAL A N    1 
ATOM 1116 C CA   . VAL A 1 76 ? -6.569  0.081   -5.872  1.00 0.00 ? 75 VAL A CA   1 
ATOM 1117 C C    . VAL A 1 76 ? -8.054  -0.275  -5.782  1.00 0.00 ? 75 VAL A C    1 
ATOM 1118 O O    . VAL A 1 76 ? -8.626  -0.813  -6.729  1.00 0.00 ? 75 VAL A O    1 
ATOM 1119 C CB   . VAL A 1 76 ? -5.653  -1.059  -5.418  1.00 0.00 ? 75 VAL A CB   1 
ATOM 1120 C CG1  . VAL A 1 76 ? -5.906  -2.325  -6.239  1.00 0.00 ? 75 VAL A CG1  1 
ATOM 1121 C CG2  . VAL A 1 76 ? -4.183  -0.643  -5.491  1.00 0.00 ? 75 VAL A CG2  1 
ATOM 1122 H H    . VAL A 1 76 ? -5.757  1.120   -4.259  1.00 0.00 ? 75 VAL A H    1 
ATOM 1123 H HA   . VAL A 1 76 ? -6.326  0.317   -6.907  1.00 0.00 ? 75 VAL A HA   1 
ATOM 1124 H HB   . VAL A 1 76 ? -5.888  -1.282  -4.377  1.00 0.00 ? 75 VAL A HB   1 
ATOM 1125 H HG11 . VAL A 1 76 ? -6.632  -2.954  -5.723  1.00 0.00 ? 75 VAL A HG11 1 
ATOM 1126 H HG12 . VAL A 1 76 ? -6.297  -2.051  -7.220  1.00 0.00 ? 75 VAL A HG12 1 
ATOM 1127 H HG13 . VAL A 1 76 ? -4.972  -2.873  -6.360  1.00 0.00 ? 75 VAL A HG13 1 
ATOM 1128 H HG21 . VAL A 1 76 ? -3.851  -0.662  -6.529  1.00 0.00 ? 75 VAL A HG21 1 
ATOM 1129 H HG22 . VAL A 1 76 ? -4.071  0.365   -5.091  1.00 0.00 ? 75 VAL A HG22 1 
ATOM 1130 H HG23 . VAL A 1 76 ? -3.580  -1.336  -4.904  1.00 0.00 ? 75 VAL A HG23 1 
ATOM 1131 N N    . ASN A 1 77 ? -8.638  0.042   -4.635  1.00 0.00 ? 76 ASN A N    1 
ATOM 1132 C CA   . ASN A 1 77 ? -10.046 -0.237  -4.410  1.00 0.00 ? 76 ASN A CA   1 
ATOM 1133 C C    . ASN A 1 77 ? -10.873 0.991   -4.798  1.00 0.00 ? 76 ASN A C    1 
ATOM 1134 O O    . ASN A 1 77 ? -11.959 1.206   -4.263  1.00 0.00 ? 76 ASN A O    1 
ATOM 1135 C CB   . ASN A 1 77 ? -10.317 -0.544  -2.935  1.00 0.00 ? 76 ASN A CB   1 
ATOM 1136 C CG   . ASN A 1 77 ? -10.168 -2.039  -2.650  1.00 0.00 ? 76 ASN A CG   1 
ATOM 1137 O OD1  . ASN A 1 77 ? -11.054 -2.838  -2.905  1.00 0.00 ? 76 ASN A OD1  1 
ATOM 1138 N ND2  . ASN A 1 77 ? -9.000  -2.372  -2.107  1.00 0.00 ? 76 ASN A ND2  1 
ATOM 1139 H H    . ASN A 1 77 ? -8.166  0.480   -3.870  1.00 0.00 ? 76 ASN A H    1 
ATOM 1140 H HA   . ASN A 1 77 ? -10.269 -1.103  -5.031  1.00 0.00 ? 76 ASN A HA   1 
ATOM 1141 H HB2  . ASN A 1 77 ? -9.627  0.021   -2.310  1.00 0.00 ? 76 ASN A HB2  1 
ATOM 1142 H HB3  . ASN A 1 77 ? -11.324 -0.218  -2.672  1.00 0.00 ? 76 ASN A HB3  1 
ATOM 1143 H HD21 . ASN A 1 77 ? -8.316  -1.667  -1.923  1.00 0.00 ? 76 ASN A HD21 1 
ATOM 1144 H HD22 . ASN A 1 77 ? -8.808  -3.327  -1.884  1.00 0.00 ? 76 ASN A HD22 1 
ATOM 1145 N N    . THR A 1 78 ? -10.326 1.764   -5.724  1.00 0.00 ? 77 THR A N    1 
ATOM 1146 C CA   . THR A 1 78 ? -11.001 2.964   -6.190  1.00 0.00 ? 77 THR A CA   1 
ATOM 1147 C C    . THR A 1 78 ? -11.000 3.016   -7.719  1.00 0.00 ? 77 THR A C    1 
ATOM 1148 O O    . THR A 1 78 ? -12.059 3.011   -8.344  1.00 0.00 ? 77 THR A O    1 
ATOM 1149 C CB   . THR A 1 78 ? -10.319 4.170   -5.540  1.00 0.00 ? 77 THR A CB   1 
ATOM 1150 O OG1  . THR A 1 78 ? -10.881 4.223   -4.232  1.00 0.00 ? 77 THR A OG1  1 
ATOM 1151 C CG2  . THR A 1 78 ? -10.741 5.495   -6.180  1.00 0.00 ? 77 THR A CG2  1 
ATOM 1152 H H    . THR A 1 78 ? -9.442  1.581   -6.154  1.00 0.00 ? 77 THR A H    1 
ATOM 1153 H HA   . THR A 1 78 ? -12.041 2.919   -5.872  1.00 0.00 ? 77 THR A HA   1 
ATOM 1154 H HB   . THR A 1 78 ? -9.235  4.059   -5.554  1.00 0.00 ? 77 THR A HB   1 
ATOM 1155 H HG1  . THR A 1 78 ? -10.152 4.246   -3.548  1.00 0.00 ? 77 THR A HG1  1 
ATOM 1156 H HG21 . THR A 1 78 ? -9.869  5.981   -6.618  1.00 0.00 ? 77 THR A HG21 1 
ATOM 1157 H HG22 . THR A 1 78 ? -11.480 5.304   -6.958  1.00 0.00 ? 77 THR A HG22 1 
ATOM 1158 H HG23 . THR A 1 78 ? -11.175 6.144   -5.419  1.00 0.00 ? 77 THR A HG23 1 
ATOM 1159 N N    . THR A 1 79 ? -9.799  3.067   -8.278  1.00 0.00 ? 78 THR A N    1 
ATOM 1160 C CA   . THR A 1 79 ? -9.647  3.120   -9.722  1.00 0.00 ? 78 THR A CA   1 
ATOM 1161 C C    . THR A 1 79 ? -10.600 2.131   -10.395 1.00 0.00 ? 78 THR A C    1 
ATOM 1162 O O    . THR A 1 79 ? -10.338 0.929   -10.418 1.00 0.00 ? 78 THR A O    1 
ATOM 1163 C CB   . THR A 1 79 ? -8.175  2.866   -10.051 1.00 0.00 ? 78 THR A CB   1 
ATOM 1164 O OG1  . THR A 1 79 ? -7.515  4.059   -9.633  1.00 0.00 ? 78 THR A OG1  1 
ATOM 1165 C CG2  . THR A 1 79 ? -7.914  2.805   -11.558 1.00 0.00 ? 78 THR A CG2  1 
ATOM 1166 H H    . THR A 1 79 ? -8.943  3.071   -7.761  1.00 0.00 ? 78 THR A H    1 
ATOM 1167 H HA   . THR A 1 79 ? -9.930  4.117   -10.059 1.00 0.00 ? 78 THR A HA   1 
ATOM 1168 H HB   . THR A 1 79 ? -7.815  1.964   -9.557  1.00 0.00 ? 78 THR A HB   1 
ATOM 1169 H HG1  . THR A 1 79 ? -7.849  4.838   -10.162 1.00 0.00 ? 78 THR A HG1  1 
ATOM 1170 H HG21 . THR A 1 79 ? -6.842  2.731   -11.738 1.00 0.00 ? 78 THR A HG21 1 
ATOM 1171 H HG22 . THR A 1 79 ? -8.416  1.934   -11.979 1.00 0.00 ? 78 THR A HG22 1 
ATOM 1172 H HG23 . THR A 1 79 ? -8.299  3.710   -12.030 1.00 0.00 ? 78 THR A HG23 1 
ATOM 1173 N N    . PRO A 1 80 ? -11.714 2.687   -10.941 1.00 0.00 ? 79 PRO A N    1 
ATOM 1174 C CA   . PRO A 1 80 ? -12.707 1.867   -11.613 1.00 0.00 ? 79 PRO A CA   1 
ATOM 1175 C C    . PRO A 1 80 ? -12.212 1.425   -12.991 1.00 0.00 ? 79 PRO A C    1 
ATOM 1176 O O    . PRO A 1 80 ? -11.108 1.781   -13.401 1.00 0.00 ? 79 PRO A O    1 
ATOM 1177 C CB   . PRO A 1 80 ? -13.954 2.735   -11.680 1.00 0.00 ? 79 PRO A CB   1 
ATOM 1178 C CG   . PRO A 1 80 ? -13.479 4.163   -11.465 1.00 0.00 ? 79 PRO A CG   1 
ATOM 1179 C CD   . PRO A 1 80 ? -12.057 4.107   -10.932 1.00 0.00 ? 79 PRO A CD   1 
ATOM 1180 H HA   . PRO A 1 80 ? -12.869 1.025   -11.098 1.00 0.00 ? 79 PRO A HA   1 
ATOM 1181 H HB2  . PRO A 1 80 ? -14.451 2.629   -12.645 1.00 0.00 ? 79 PRO A HB2  1 
ATOM 1182 H HB3  . PRO A 1 80 ? -14.675 2.443   -10.916 1.00 0.00 ? 79 PRO A HB3  1 
ATOM 1183 H HG2  . PRO A 1 80 ? -13.515 4.722   -12.400 1.00 0.00 ? 79 PRO A HG2  1 
ATOM 1184 H HG3  . PRO A 1 80 ? -14.132 4.679   -10.761 1.00 0.00 ? 79 PRO A HG3  1 
ATOM 1185 H HD2  . PRO A 1 80 ? -11.376 4.682   -11.559 1.00 0.00 ? 79 PRO A HD2  1 
ATOM 1186 H HD3  . PRO A 1 80 ? -11.994 4.523   -9.927  1.00 0.00 ? 79 PRO A HD3  1 
ATOM 1187 N N    . ALA A 1 81 ? -13.051 0.655   -13.668 1.00 0.00 ? 80 ALA A N    1 
ATOM 1188 C CA   . ALA A 1 81 ? -12.712 0.161   -14.992 1.00 0.00 ? 80 ALA A CA   1 
ATOM 1189 C C    . ALA A 1 81 ? -13.998 -0.124  -15.770 1.00 0.00 ? 80 ALA A C    1 
ATOM 1190 O O    . ALA A 1 81 ? -14.266 -1.268  -16.137 1.00 0.00 ? 80 ALA A O    1 
ATOM 1191 C CB   . ALA A 1 81 ? -11.823 -1.078  -14.862 1.00 0.00 ? 80 ALA A CB   1 
ATOM 1192 H H    . ALA A 1 81 ? -13.947 0.370   -13.327 1.00 0.00 ? 80 ALA A H    1 
ATOM 1193 H HA   . ALA A 1 81 ? -12.152 0.942   -15.505 1.00 0.00 ? 80 ALA A HA   1 
ATOM 1194 H HB1  . ALA A 1 81 ? -11.972 -1.532  -13.882 1.00 0.00 ? 80 ALA A HB1  1 
ATOM 1195 H HB2  . ALA A 1 81 ? -12.085 -1.796  -15.638 1.00 0.00 ? 80 ALA A HB2  1 
ATOM 1196 H HB3  . ALA A 1 81 ? -10.778 -0.787  -14.973 1.00 0.00 ? 80 ALA A HB3  1 
ATOM 1197 N N    . THR A 1 82 ? -14.761 0.935   -15.998 1.00 0.00 ? 81 THR A N    1 
ATOM 1198 C CA   . THR A 1 82 ? -16.012 0.813   -16.726 1.00 0.00 ? 81 THR A CA   1 
ATOM 1199 C C    . THR A 1 82 ? -16.239 2.044   -17.607 1.00 0.00 ? 81 THR A C    1 
ATOM 1200 O O    . THR A 1 82 ? -16.342 1.928   -18.827 1.00 0.00 ? 81 THR A O    1 
ATOM 1201 C CB   . THR A 1 82 ? -17.130 0.579   -15.709 1.00 0.00 ? 81 THR A CB   1 
ATOM 1202 O OG1  . THR A 1 82 ? -16.994 -0.794  -15.353 1.00 0.00 ? 81 THR A OG1  1 
ATOM 1203 C CG2  . THR A 1 82 ? -18.522 0.664   -16.338 1.00 0.00 ? 81 THR A CG2  1 
ATOM 1204 H H    . THR A 1 82 ? -14.536 1.861   -15.697 1.00 0.00 ? 81 THR A H    1 
ATOM 1205 H HA   . THR A 1 82 ? -15.941 -0.047  -17.392 1.00 0.00 ? 81 THR A HA   1 
ATOM 1206 H HB   . THR A 1 82 ? -17.040 1.266   -14.867 1.00 0.00 ? 81 THR A HB   1 
ATOM 1207 H HG1  . THR A 1 82 ? -16.371 -0.886  -14.576 1.00 0.00 ? 81 THR A HG1  1 
ATOM 1208 H HG21 . THR A 1 82 ? -18.436 0.588   -17.421 1.00 0.00 ? 81 THR A HG21 1 
ATOM 1209 H HG22 . THR A 1 82 ? -19.141 -0.151  -15.963 1.00 0.00 ? 81 THR A HG22 1 
ATOM 1210 H HG23 . THR A 1 82 ? -18.981 1.617   -16.075 1.00 0.00 ? 81 THR A HG23 1 
ATOM 1211 N N    . ALA A 1 83 ? -16.312 3.193   -16.953 1.00 0.00 ? 82 ALA A N    1 
ATOM 1212 C CA   . ALA A 1 83 ? -16.525 4.444   -17.661 1.00 0.00 ? 82 ALA A CA   1 
ATOM 1213 C C    . ALA A 1 83 ? -17.787 4.331   -18.518 1.00 0.00 ? 82 ALA A C    1 
ATOM 1214 O O    . ALA A 1 83 ? -18.161 5.280   -19.207 1.00 0.00 ? 82 ALA A O    1 
ATOM 1215 C CB   . ALA A 1 83 ? -15.285 4.779   -18.490 1.00 0.00 ? 82 ALA A CB   1 
ATOM 1216 H H    . ALA A 1 83 ? -16.228 3.279   -15.960 1.00 0.00 ? 82 ALA A H    1 
ATOM 1217 H HA   . ALA A 1 83 ? -16.671 5.227   -16.916 1.00 0.00 ? 82 ALA A HA   1 
ATOM 1218 H HB1  . ALA A 1 83 ? -15.590 5.228   -19.436 1.00 0.00 ? 82 ALA A HB1  1 
ATOM 1219 H HB2  . ALA A 1 83 ? -14.658 5.482   -17.940 1.00 0.00 ? 82 ALA A HB2  1 
ATOM 1220 H HB3  . ALA A 1 83 ? -14.721 3.867   -18.686 1.00 0.00 ? 82 ALA A HB3  1 
# 
